data_7ARJ
#
_entry.id   7ARJ
#
_cell.length_a   1.00
_cell.length_b   1.00
_cell.length_c   1.00
_cell.angle_alpha   90.00
_cell.angle_beta   90.00
_cell.angle_gamma   90.00
#
_symmetry.space_group_name_H-M   'P 1'
#
loop_
_entity.id
_entity.type
_entity.pdbx_description
1 polymer 'Lipoprotein-releasing ABC transporter permease subunit LolC'
2 polymer 'Lipoprotein-releasing system transmembrane protein LolE'
3 polymer 'Lipoprotein-releasing system ATP-binding protein LolD'
4 polymer LPP
5 non-polymer 'PHOSPHOAMINOPHOSPHONIC ACID-ADENYLATE ESTER'
6 non-polymer 'MAGNESIUM ION'
7 non-polymer '(2S)-3-hydroxypropane-1,2-diyl dihexadecanoate'
8 non-polymer 'PALMITIC ACID'
#
loop_
_entity_poly.entity_id
_entity_poly.type
_entity_poly.pdbx_seq_one_letter_code
_entity_poly.pdbx_strand_id
1 'polypeptide(L)'
;MYQPVALFIGLRYMRGRAADRFGRFVSWLSTIGITLGVMALVTVLSVMNGFERELQNNILGLMPQAILSSEHGSLNPQQL
PETAVKLDGVNRVAPITTGDVVLQSARSVAVGVMLGIDPAQKDPLTPYLVNVKQTDLEPGKYNVILGEQLASQLGVNRGD
QIRVMVPSASQFTPMGRIPSQRLFNVIGTFAANSEVDGYEMLVNIEDASRLMRYPAGNITGWRLWLDEPLKVDSLSQQKL
PEGSKWQDWRDRKGELFQAVRMEKNMMGLLLSLIVAVAAFNIITSLGLMVMEKQGEVAILQTQGLTPRQIMMVFMVQGAS
AGIIGAILGAALGALLASQLNNLMPIIGVLLDGAALPVAIEPLQVIVIALVAMAIALLSTLYPSWRAAATQPAEALRYE
;
C
2 'polypeptide(L)'
;MAMPLSLLIGLRFSRGRRRGGMVSLISVISTIGIALGVAVLIVGLSAMNGFERELNNRILAVVPHGEIEAVDQPWTNWQE
ALDHVQKVPGIAAAAPYINFTGLVESGANLRAIQVKGVNPQQEQRLSALPSFVQGDAWRNFKAGEQQIIIGKGVADALKV
KQGDWVSIMIPNSNPEHKLMQPKRVRLHVAGILQLSGQLDHSFAMIPLADAQQYLDMGSSVSGIALKMTDVFNANKLVRD
AGEVTNSYVYIKSWIGTYGYMYRDIQMIRAIMYLAMVLVIGVACFNIVSTLVMAVKDKSGDIAVLRTLGAKDGLIRAIFV
WYGLLAGLFGSLCGVIIGVVVSLQLTPIIEWIEKLIGHQFLSSDIYFIDFLPSELHWLDVFYVLVTALLLSLLASWYPAR
RASNIDPARVLSGQ
;
E
3 'polypeptide(L)'
;MNKILLQCDNLCKRYQEGSVQTDVLHNVSFSVGEGEMMAIVGSSGSGKSTLLHLLGGLDTPTSGDVIFNGQPMSKLSSAA
KAELRNQKLGFIYQFHHLLPDFTALENVAMPLLIGKKKPAEINSRALEMLKAVGLDHRANHRPSELSGGERQRVAIARAL
VNNPRLVLADEPTGNLDARNADSIFQLLGELNRLQGTAFLVVTHDLQLAKRMSRQLEMRDGRLTAELSLMGAEHHHHHHH
H
;
F,D
4 'polypeptide(L)' CSSNAKIDQL V
#
loop_
_chem_comp.id
_chem_comp.type
_chem_comp.name
_chem_comp.formula
ANP non-polymer 'PHOSPHOAMINOPHOSPHONIC ACID-ADENYLATE ESTER' 'C10 H17 N6 O12 P3'
MG non-polymer 'MAGNESIUM ION' 'Mg 2'
PLM non-polymer 'PALMITIC ACID' 'C16 H32 O2'
Z41 non-polymer '(2S)-3-hydroxypropane-1,2-diyl dihexadecanoate' 'C35 H68 O5'
#
# COMPACT_ATOMS: atom_id res chain seq x y z
N TYR A 2 -33.97 -8.44 -7.16
CA TYR A 2 -34.29 -7.17 -7.83
C TYR A 2 -33.93 -5.99 -6.94
N GLN A 3 -33.80 -4.81 -7.56
CA GLN A 3 -33.50 -3.58 -6.86
C GLN A 3 -34.25 -2.45 -7.56
N PRO A 4 -34.86 -1.52 -6.80
CA PRO A 4 -35.57 -0.41 -7.45
C PRO A 4 -34.63 0.59 -8.09
N VAL A 5 -33.40 0.72 -7.59
CA VAL A 5 -32.42 1.63 -8.16
C VAL A 5 -31.57 0.85 -9.16
N ALA A 6 -31.44 1.39 -10.37
CA ALA A 6 -30.65 0.77 -11.42
C ALA A 6 -29.17 1.11 -11.34
N LEU A 7 -28.75 1.84 -10.31
CA LEU A 7 -27.36 2.24 -10.16
C LEU A 7 -26.54 1.24 -9.36
N PHE A 8 -27.17 0.50 -8.45
CA PHE A 8 -26.48 -0.48 -7.62
C PHE A 8 -26.65 -1.91 -8.13
N ILE A 9 -27.63 -2.16 -9.00
CA ILE A 9 -27.87 -3.50 -9.51
C ILE A 9 -26.81 -3.90 -10.54
N GLY A 10 -26.10 -2.95 -11.13
CA GLY A 10 -25.11 -3.24 -12.13
C GLY A 10 -23.74 -3.62 -11.63
N LEU A 11 -23.59 -3.87 -10.33
CA LEU A 11 -22.30 -4.25 -9.76
C LEU A 11 -22.36 -5.38 -8.75
N ARG A 12 -23.53 -5.80 -8.29
CA ARG A 12 -23.62 -6.83 -7.26
C ARG A 12 -23.28 -8.22 -7.79
N TYR A 13 -23.36 -8.43 -9.10
CA TYR A 13 -22.95 -9.68 -9.71
C TYR A 13 -21.58 -9.58 -10.38
N MET A 14 -20.80 -8.56 -10.04
CA MET A 14 -19.49 -8.36 -10.64
C MET A 14 -18.34 -8.47 -9.63
N ARG A 15 -18.64 -8.75 -8.37
CA ARG A 15 -17.60 -8.90 -7.35
C ARG A 15 -17.21 -10.36 -7.17
N GLY A 16 -16.77 -10.98 -8.27
CA GLY A 16 -16.34 -12.35 -8.24
C GLY A 16 -17.43 -13.34 -8.58
N ARG A 17 -17.27 -14.06 -9.69
CA ARG A 17 -18.23 -15.07 -10.13
C ARG A 17 -17.62 -16.43 -10.43
N ALA A 18 -16.30 -16.54 -10.44
CA ALA A 18 -15.64 -17.82 -10.73
C ALA A 18 -15.73 -18.72 -9.51
N ALA A 19 -16.32 -19.91 -9.68
CA ALA A 19 -16.45 -20.87 -8.59
C ALA A 19 -15.11 -21.55 -8.37
N ASP A 20 -14.26 -20.89 -7.58
CA ASP A 20 -12.92 -21.38 -7.30
C ASP A 20 -12.47 -20.85 -5.94
N ARG A 21 -11.48 -21.53 -5.36
CA ARG A 21 -10.91 -21.09 -4.10
C ARG A 21 -9.96 -19.91 -4.27
N PHE A 22 -9.48 -19.66 -5.49
CA PHE A 22 -8.60 -18.54 -5.76
C PHE A 22 -9.20 -17.49 -6.68
N GLY A 23 -10.22 -17.85 -7.46
CA GLY A 23 -10.85 -16.88 -8.34
C GLY A 23 -11.64 -15.82 -7.62
N ARG A 24 -12.15 -16.13 -6.43
CA ARG A 24 -12.84 -15.16 -5.61
C ARG A 24 -11.88 -14.37 -4.71
N PHE A 25 -10.66 -14.85 -4.50
CA PHE A 25 -9.70 -14.14 -3.69
C PHE A 25 -9.05 -12.96 -4.41
N VAL A 26 -9.10 -12.95 -5.74
CA VAL A 26 -8.49 -11.86 -6.51
C VAL A 26 -9.34 -10.59 -6.41
N SER A 27 -10.66 -10.73 -6.48
CA SER A 27 -11.55 -9.58 -6.43
C SER A 27 -11.65 -8.98 -5.03
N TRP A 28 -11.27 -9.73 -4.00
CA TRP A 28 -11.25 -9.23 -2.63
C TRP A 28 -9.85 -8.86 -2.16
N LEU A 29 -8.92 -8.62 -3.10
CA LEU A 29 -7.58 -8.21 -2.72
C LEU A 29 -7.55 -6.76 -2.23
N SER A 30 -8.43 -5.92 -2.75
CA SER A 30 -8.50 -4.53 -2.31
C SER A 30 -9.16 -4.38 -0.95
N THR A 31 -9.90 -5.40 -0.48
CA THR A 31 -10.52 -5.34 0.83
C THR A 31 -9.49 -5.54 1.94
N ILE A 32 -8.62 -6.54 1.78
CA ILE A 32 -7.63 -6.86 2.81
C ILE A 32 -6.55 -5.78 2.89
N GLY A 33 -6.28 -5.09 1.77
CA GLY A 33 -5.28 -4.03 1.79
C GLY A 33 -5.68 -2.81 2.58
N ILE A 34 -6.97 -2.52 2.64
CA ILE A 34 -7.45 -1.43 3.49
C ILE A 34 -7.78 -1.93 4.90
N THR A 35 -8.15 -3.21 5.04
CA THR A 35 -8.42 -3.77 6.36
C THR A 35 -7.14 -3.89 7.18
N LEU A 36 -6.05 -4.34 6.56
CA LEU A 36 -4.78 -4.42 7.27
C LEU A 36 -4.13 -3.06 7.49
N GLY A 37 -4.57 -2.04 6.75
CA GLY A 37 -4.04 -0.70 6.94
C GLY A 37 -4.57 -0.03 8.19
N VAL A 38 -5.87 -0.19 8.45
CA VAL A 38 -6.46 0.36 9.66
C VAL A 38 -6.10 -0.51 10.87
N MET A 39 -5.95 -1.82 10.67
CA MET A 39 -5.60 -2.72 11.77
C MET A 39 -4.17 -2.49 12.25
N ALA A 40 -3.27 -2.07 11.36
CA ALA A 40 -1.91 -1.72 11.73
C ALA A 40 -1.77 -0.26 12.16
N LEU A 41 -2.88 0.45 12.30
CA LEU A 41 -2.88 1.86 12.69
C LEU A 41 -3.53 2.10 14.05
N VAL A 42 -4.56 1.34 14.40
CA VAL A 42 -5.24 1.54 15.67
C VAL A 42 -4.46 0.92 16.81
N THR A 43 -3.93 -0.29 16.61
CA THR A 43 -3.21 -1.00 17.68
C THR A 43 -1.87 -0.37 18.00
N VAL A 44 -1.27 0.38 17.08
CA VAL A 44 0.00 1.05 17.35
C VAL A 44 -0.24 2.41 18.01
N LEU A 45 -1.23 3.16 17.54
CA LEU A 45 -1.52 4.47 18.10
C LEU A 45 -2.18 4.39 19.47
N SER A 46 -2.75 3.24 19.83
CA SER A 46 -3.33 3.09 21.16
C SER A 46 -2.25 2.96 22.22
N VAL A 47 -1.10 2.40 21.87
CA VAL A 47 0.02 2.35 22.81
C VAL A 47 0.65 3.72 22.97
N MET A 48 0.66 4.52 21.90
CA MET A 48 1.16 5.89 22.01
C MET A 48 0.19 6.77 22.79
N ASN A 49 -1.10 6.47 22.74
CA ASN A 49 -2.06 7.17 23.59
C ASN A 49 -1.99 6.68 25.04
N GLY A 50 -1.54 5.45 25.25
CA GLY A 50 -1.36 4.96 26.60
C GLY A 50 -0.16 5.55 27.30
N PHE A 51 0.90 5.85 26.54
CA PHE A 51 2.06 6.53 27.11
C PHE A 51 1.75 8.00 27.40
N GLU A 52 0.88 8.62 26.59
CA GLU A 52 0.50 10.00 26.84
C GLU A 52 -0.51 10.11 27.98
N ARG A 53 -1.31 9.06 28.21
CA ARG A 53 -2.26 9.09 29.32
C ARG A 53 -1.56 8.89 30.65
N GLU A 54 -0.56 8.02 30.70
CA GLU A 54 0.20 7.81 31.93
C GLU A 54 1.20 8.92 32.21
N LEU A 55 1.50 9.78 31.23
CA LEU A 55 2.40 10.90 31.44
C LEU A 55 1.69 12.13 31.99
N GLN A 56 0.42 12.33 31.62
CA GLN A 56 -0.34 13.46 32.14
C GLN A 56 -0.95 13.17 33.51
N ASN A 57 -1.07 11.90 33.89
CA ASN A 57 -1.58 11.56 35.20
C ASN A 57 -0.51 11.58 36.28
N ASN A 58 0.76 11.53 35.89
CA ASN A 58 1.86 11.60 36.85
C ASN A 58 2.57 12.94 36.89
N ILE A 59 2.49 13.73 35.82
CA ILE A 59 3.14 15.03 35.75
C ILE A 59 2.12 16.16 35.71
N LEU A 60 1.21 16.14 34.74
CA LEU A 60 0.19 17.18 34.65
C LEU A 60 -0.91 16.99 35.69
N GLY A 61 -1.15 15.76 36.15
CA GLY A 61 -2.12 15.49 37.17
C GLY A 61 -1.67 15.78 38.59
N LEU A 62 -0.41 16.17 38.77
CA LEU A 62 0.14 16.46 40.09
C LEU A 62 0.53 17.92 40.26
N MET A 63 0.78 18.64 39.18
CA MET A 63 1.12 20.05 39.19
C MET A 63 -0.08 20.89 38.76
N PRO A 64 -0.13 22.17 39.14
CA PRO A 64 -1.18 23.06 38.61
C PRO A 64 -0.96 23.32 37.13
N GLN A 65 -1.95 22.92 36.31
CA GLN A 65 -1.81 23.06 34.87
C GLN A 65 -2.01 24.51 34.44
N ALA A 66 -3.18 25.07 34.70
CA ALA A 66 -3.50 26.44 34.33
C ALA A 66 -3.89 27.24 35.57
N ILE A 67 -3.41 28.47 35.64
CA ILE A 67 -3.71 29.36 36.76
C ILE A 67 -4.02 30.75 36.20
N LEU A 68 -5.10 31.36 36.68
CA LEU A 68 -5.53 32.68 36.23
C LEU A 68 -4.98 33.71 37.21
N SER A 69 -3.78 34.22 36.90
CA SER A 69 -3.11 35.20 37.74
C SER A 69 -3.33 36.60 37.17
N SER A 70 -2.85 37.60 37.92
CA SER A 70 -3.01 38.99 37.50
C SER A 70 -2.02 39.34 36.40
N GLU A 71 -2.25 40.50 35.78
CA GLU A 71 -1.40 40.99 34.71
C GLU A 71 -0.56 42.19 35.09
N HIS A 72 -0.78 42.77 36.28
CA HIS A 72 -0.04 43.94 36.72
C HIS A 72 0.43 43.78 38.17
N GLY A 73 0.58 42.55 38.63
CA GLY A 73 1.01 42.31 40.00
C GLY A 73 0.31 41.14 40.65
N SER A 74 -0.30 41.38 41.80
CA SER A 74 -0.97 40.33 42.56
C SER A 74 -2.48 40.39 42.36
N LEU A 75 -3.15 39.37 42.88
CA LEU A 75 -4.60 39.23 42.77
C LEU A 75 -5.26 39.54 44.12
N ASN A 76 -6.44 40.14 44.06
CA ASN A 76 -7.22 40.42 45.26
C ASN A 76 -8.39 39.47 45.34
N PRO A 77 -8.46 38.60 46.35
CA PRO A 77 -9.60 37.67 46.44
C PRO A 77 -10.89 38.34 46.84
N GLN A 78 -10.84 39.52 47.46
CA GLN A 78 -12.07 40.23 47.80
C GLN A 78 -12.72 40.84 46.57
N GLN A 79 -11.94 41.13 45.52
CA GLN A 79 -12.46 41.68 44.28
C GLN A 79 -12.73 40.62 43.22
N LEU A 80 -11.93 39.56 43.17
CA LEU A 80 -12.11 38.45 42.22
C LEU A 80 -12.24 37.16 43.01
N PRO A 81 -13.45 36.84 43.48
CA PRO A 81 -13.63 35.62 44.28
C PRO A 81 -13.76 34.36 43.44
N GLU A 82 -14.06 33.23 44.09
CA GLU A 82 -14.25 31.97 43.37
C GLU A 82 -15.56 31.93 42.61
N THR A 83 -16.51 32.81 42.93
CA THR A 83 -17.74 32.91 42.16
C THR A 83 -17.56 33.67 40.85
N ALA A 84 -16.44 34.38 40.68
CA ALA A 84 -16.21 35.14 39.46
C ALA A 84 -15.63 34.26 38.34
N VAL A 85 -14.83 33.26 38.69
CA VAL A 85 -14.24 32.38 37.69
C VAL A 85 -15.29 31.36 37.26
N LYS A 86 -15.79 31.51 36.03
CA LYS A 86 -16.80 30.63 35.46
C LYS A 86 -16.37 30.16 34.07
N LEU A 87 -15.11 29.78 33.93
CA LEU A 87 -14.60 29.29 32.66
C LEU A 87 -15.07 27.86 32.40
N ASP A 88 -15.16 27.51 31.13
CA ASP A 88 -15.55 26.17 30.75
C ASP A 88 -14.39 25.20 30.94
N GLY A 89 -14.72 23.96 31.30
CA GLY A 89 -13.73 22.95 31.59
C GLY A 89 -13.20 22.95 33.00
N VAL A 90 -13.43 24.01 33.76
CA VAL A 90 -12.95 24.09 35.15
C VAL A 90 -13.86 23.24 36.02
N ASN A 91 -13.25 22.28 36.73
CA ASN A 91 -13.99 21.40 37.63
C ASN A 91 -13.91 21.80 39.09
N ARG A 92 -12.82 22.45 39.49
CA ARG A 92 -12.64 22.88 40.88
C ARG A 92 -11.71 24.07 40.90
N VAL A 93 -11.97 25.00 41.83
CA VAL A 93 -11.17 26.21 42.00
C VAL A 93 -10.54 26.17 43.39
N ALA A 94 -9.22 26.35 43.45
CA ALA A 94 -8.48 26.33 44.71
C ALA A 94 -7.42 27.42 44.68
N PRO A 95 -7.25 28.15 45.79
CA PRO A 95 -6.22 29.19 45.83
C PRO A 95 -4.83 28.61 46.01
N ILE A 96 -3.88 29.15 45.23
CA ILE A 96 -2.49 28.71 45.28
C ILE A 96 -1.63 29.86 44.80
N THR A 97 -0.35 29.82 45.14
CA THR A 97 0.64 30.76 44.64
C THR A 97 1.78 30.00 43.97
N THR A 98 2.45 30.68 43.04
CA THR A 98 3.52 30.07 42.26
C THR A 98 4.70 31.03 42.18
N GLY A 99 5.89 30.53 42.47
CA GLY A 99 7.09 31.34 42.42
C GLY A 99 8.36 30.52 42.33
N ASP A 100 9.25 30.90 41.41
CA ASP A 100 10.53 30.21 41.25
C ASP A 100 11.45 30.62 42.40
N VAL A 101 11.74 29.68 43.29
CA VAL A 101 12.56 29.94 44.46
C VAL A 101 13.82 29.10 44.40
N VAL A 102 14.68 29.23 45.41
CA VAL A 102 15.88 28.41 45.54
C VAL A 102 15.96 27.95 47.00
N LEU A 103 16.26 26.67 47.20
CA LEU A 103 16.40 26.12 48.53
C LEU A 103 17.80 26.38 49.08
N GLN A 104 17.99 26.08 50.36
CA GLN A 104 19.29 26.23 51.00
C GLN A 104 19.34 25.32 52.22
N SER A 105 20.33 24.43 52.27
CA SER A 105 20.50 23.54 53.41
C SER A 105 21.93 23.59 53.93
N ALA A 106 22.24 22.71 54.89
CA ALA A 106 23.57 22.67 55.48
C ALA A 106 24.55 21.79 54.71
N ARG A 107 24.05 20.82 53.94
CA ARG A 107 24.90 19.91 53.18
C ARG A 107 25.02 20.31 51.72
N SER A 108 23.89 20.54 51.04
CA SER A 108 23.89 20.92 49.64
C SER A 108 22.83 22.00 49.41
N VAL A 109 22.83 22.54 48.19
CA VAL A 109 21.87 23.55 47.77
C VAL A 109 21.06 22.99 46.61
N ALA A 110 19.75 23.24 46.62
CA ALA A 110 18.83 22.68 45.63
C ALA A 110 17.96 23.79 45.05
N VAL A 111 17.14 23.41 44.07
CA VAL A 111 16.25 24.34 43.38
C VAL A 111 14.84 23.72 43.37
N GLY A 112 13.83 24.57 43.35
CA GLY A 112 12.46 24.10 43.34
C GLY A 112 11.50 25.24 43.18
N VAL A 113 10.21 24.91 43.18
CA VAL A 113 9.14 25.88 43.06
C VAL A 113 8.36 25.92 44.38
N MET A 114 7.52 26.95 44.51
CA MET A 114 6.72 27.15 45.70
C MET A 114 5.24 26.94 45.37
N LEU A 115 4.59 26.07 46.13
CA LEU A 115 3.18 25.73 45.93
C LEU A 115 2.44 26.01 47.24
N GLY A 116 1.74 27.14 47.29
CA GLY A 116 0.99 27.53 48.47
C GLY A 116 -0.38 26.88 48.54
N ILE A 117 -0.42 25.60 48.90
CA ILE A 117 -1.67 24.85 48.96
C ILE A 117 -2.45 25.25 50.21
N ASP A 118 -3.73 24.89 50.26
CA ASP A 118 -4.58 25.19 51.40
C ASP A 118 -4.78 23.93 52.22
N PRO A 119 -4.44 23.94 53.52
CA PRO A 119 -4.63 22.72 54.33
C PRO A 119 -6.08 22.44 54.68
N ALA A 120 -6.99 23.41 54.51
CA ALA A 120 -8.39 23.23 54.81
C ALA A 120 -9.18 22.65 53.64
N GLN A 121 -8.53 22.37 52.51
CA GLN A 121 -9.18 21.82 51.34
C GLN A 121 -8.59 20.45 51.01
N LYS A 122 -9.01 19.88 49.89
CA LYS A 122 -8.55 18.57 49.45
C LYS A 122 -7.39 18.75 48.47
N ASP A 123 -6.30 18.01 48.72
CA ASP A 123 -5.11 18.06 47.89
C ASP A 123 -4.89 16.72 47.18
N PRO A 124 -4.44 16.75 45.92
CA PRO A 124 -4.17 15.48 45.22
C PRO A 124 -2.96 14.73 45.74
N LEU A 125 -2.07 15.39 46.49
CA LEU A 125 -0.89 14.74 47.05
C LEU A 125 -1.15 14.15 48.43
N THR A 126 -2.41 14.12 48.88
CA THR A 126 -2.77 13.59 50.19
C THR A 126 -2.59 12.06 50.32
N PRO A 127 -2.99 11.20 49.36
CA PRO A 127 -2.68 9.76 49.55
C PRO A 127 -1.22 9.41 49.31
N TYR A 128 -0.42 10.32 48.76
CA TYR A 128 1.00 10.06 48.53
C TYR A 128 1.89 10.47 49.69
N LEU A 129 1.30 10.94 50.79
CA LEU A 129 2.09 11.38 51.94
C LEU A 129 2.58 10.18 52.74
N VAL A 130 3.80 10.28 53.26
CA VAL A 130 4.38 9.24 54.10
C VAL A 130 4.50 9.76 55.51
N ASN A 131 3.47 9.47 56.34
CA ASN A 131 3.39 9.87 57.76
C ASN A 131 3.46 11.39 57.93
N VAL A 132 2.85 12.12 57.00
CA VAL A 132 2.74 13.57 57.08
C VAL A 132 1.27 13.93 57.18
N LYS A 133 0.93 14.81 58.11
CA LYS A 133 -0.43 15.26 58.29
C LYS A 133 -0.70 16.49 57.43
N GLN A 134 -1.95 16.60 56.95
CA GLN A 134 -2.34 17.71 56.09
C GLN A 134 -2.60 18.98 56.90
N THR A 135 -3.15 18.84 58.10
CA THR A 135 -3.50 19.99 58.94
C THR A 135 -2.33 20.50 59.77
N ASP A 136 -1.12 20.05 59.50
CA ASP A 136 0.07 20.51 60.23
C ASP A 136 0.67 21.78 59.63
N LEU A 137 0.08 22.31 58.56
CA LEU A 137 0.58 23.53 57.93
C LEU A 137 -0.22 24.72 58.45
N GLU A 138 0.16 25.17 59.65
CA GLU A 138 -0.52 26.30 60.27
C GLU A 138 0.00 27.61 59.69
N PRO A 139 -0.87 28.62 59.52
CA PRO A 139 -0.42 29.90 58.97
C PRO A 139 0.39 30.73 59.96
N GLY A 140 1.70 30.46 60.03
CA GLY A 140 2.55 31.20 60.94
C GLY A 140 3.66 30.37 61.56
N LYS A 141 3.63 29.05 61.34
CA LYS A 141 4.66 28.17 61.85
C LYS A 141 5.74 27.86 60.81
N TYR A 142 5.52 28.27 59.55
CA TYR A 142 6.49 28.16 58.45
C TYR A 142 6.92 26.73 58.17
N ASN A 143 5.95 25.81 58.21
CA ASN A 143 6.23 24.41 57.91
C ASN A 143 6.27 24.18 56.41
N VAL A 144 7.15 23.27 55.97
CA VAL A 144 7.32 22.97 54.56
C VAL A 144 7.45 21.45 54.42
N ILE A 145 6.85 20.90 53.36
CA ILE A 145 6.87 19.47 53.08
C ILE A 145 7.65 19.27 51.79
N LEU A 146 8.86 18.73 51.90
CA LEU A 146 9.70 18.46 50.74
C LEU A 146 9.36 17.09 50.14
N GLY A 147 9.86 16.86 48.93
CA GLY A 147 9.62 15.61 48.23
C GLY A 147 10.60 14.53 48.60
N GLU A 148 10.44 13.37 47.96
CA GLU A 148 11.33 12.25 48.20
C GLU A 148 12.68 12.42 47.51
N GLN A 149 12.66 12.76 46.21
CA GLN A 149 13.89 12.99 45.47
C GLN A 149 14.56 14.30 45.85
N LEU A 150 13.79 15.27 46.36
CA LEU A 150 14.37 16.54 46.78
C LEU A 150 15.14 16.39 48.08
N ALA A 151 14.62 15.59 49.02
CA ALA A 151 15.30 15.38 50.28
C ALA A 151 16.35 14.28 50.24
N SER A 152 16.43 13.53 49.13
CA SER A 152 17.42 12.47 49.03
C SER A 152 18.80 13.02 48.69
N GLN A 153 18.87 13.99 47.79
CA GLN A 153 20.15 14.59 47.42
C GLN A 153 20.58 15.70 48.37
N LEU A 154 19.73 16.08 49.32
CA LEU A 154 20.07 17.11 50.30
C LEU A 154 20.44 16.54 51.67
N GLY A 155 19.95 15.35 52.00
CA GLY A 155 20.24 14.77 53.30
C GLY A 155 19.50 15.43 54.45
N VAL A 156 18.28 15.89 54.22
CA VAL A 156 17.50 16.60 55.23
C VAL A 156 16.44 15.64 55.75
N ASN A 157 16.60 15.22 57.01
CA ASN A 157 15.62 14.36 57.66
C ASN A 157 14.49 15.21 58.25
N ARG A 158 13.55 14.54 58.91
CA ARG A 158 12.41 15.24 59.51
C ARG A 158 12.85 15.95 60.78
N GLY A 159 12.28 17.14 61.00
CA GLY A 159 12.61 17.95 62.16
C GLY A 159 13.77 18.90 61.97
N ASP A 160 14.31 19.02 60.77
CA ASP A 160 15.43 19.90 60.50
C ASP A 160 14.92 21.28 60.09
N GLN A 161 15.82 22.15 59.62
CA GLN A 161 15.47 23.51 59.23
C GLN A 161 16.24 23.88 57.98
N ILE A 162 15.54 24.44 57.00
CA ILE A 162 16.16 24.86 55.74
C ILE A 162 15.91 26.34 55.52
N ARG A 163 16.37 26.88 54.40
CA ARG A 163 16.20 28.27 54.04
C ARG A 163 15.69 28.37 52.62
N VAL A 164 14.63 29.16 52.41
CA VAL A 164 14.04 29.36 51.10
C VAL A 164 14.24 30.82 50.71
N MET A 165 14.89 31.05 49.57
CA MET A 165 15.17 32.39 49.06
C MET A 165 14.43 32.59 47.77
N VAL A 166 13.75 33.73 47.64
CA VAL A 166 13.00 34.08 46.44
C VAL A 166 13.85 35.06 45.63
N PRO A 167 14.43 34.64 44.50
CA PRO A 167 15.26 35.57 43.71
C PRO A 167 14.45 36.53 42.85
N SER A 168 13.22 36.17 42.47
CA SER A 168 12.42 37.02 41.60
C SER A 168 11.84 38.20 42.36
N ALA A 169 11.28 37.96 43.54
CA ALA A 169 10.65 39.02 44.34
C ALA A 169 11.66 39.61 45.33
N SER A 170 12.73 40.17 44.78
CA SER A 170 13.77 40.81 45.58
C SER A 170 13.46 42.29 45.73
N GLN A 171 13.45 42.76 46.97
CA GLN A 171 13.15 44.16 47.26
C GLN A 171 14.35 45.03 46.89
N PHE A 172 14.06 46.16 46.23
CA PHE A 172 15.11 47.07 45.79
C PHE A 172 15.63 47.88 46.96
N THR A 173 16.95 47.98 47.06
CA THR A 173 17.64 48.67 48.14
C THR A 173 18.76 49.49 47.52
N PRO A 174 18.99 50.72 47.98
CA PRO A 174 20.11 51.51 47.46
C PRO A 174 21.49 50.92 47.74
N MET A 175 21.63 50.12 48.80
CA MET A 175 22.86 49.40 49.07
C MET A 175 22.62 47.90 48.96
N GLY A 176 23.56 47.20 48.33
CA GLY A 176 23.53 45.77 48.12
C GLY A 176 22.35 45.30 47.28
N ARG A 177 22.09 43.99 47.35
CA ARG A 177 20.95 43.36 46.68
C ARG A 177 20.47 42.23 47.57
N ILE A 178 19.47 42.50 48.40
CA ILE A 178 18.96 41.53 49.36
C ILE A 178 17.76 40.80 48.74
N PRO A 179 17.70 39.48 48.82
CA PRO A 179 16.47 38.77 48.46
C PRO A 179 15.54 38.61 49.64
N SER A 180 14.25 38.48 49.32
CA SER A 180 13.22 38.29 50.35
C SER A 180 13.19 36.81 50.71
N GLN A 181 13.95 36.44 51.75
CA GLN A 181 14.07 35.06 52.19
C GLN A 181 13.53 34.91 53.61
N ARG A 182 13.08 33.70 53.93
CA ARG A 182 12.55 33.37 55.24
C ARG A 182 13.23 32.10 55.75
N LEU A 183 12.76 31.61 56.90
CA LEU A 183 13.29 30.41 57.53
C LEU A 183 12.16 29.41 57.70
N PHE A 184 12.31 28.23 57.10
CA PHE A 184 11.30 27.18 57.14
C PHE A 184 11.87 25.92 57.75
N ASN A 185 11.02 25.18 58.46
CA ASN A 185 11.39 23.90 59.04
C ASN A 185 10.59 22.79 58.37
N VAL A 186 11.23 21.64 58.19
CA VAL A 186 10.61 20.52 57.50
C VAL A 186 9.90 19.62 58.51
N ILE A 187 8.90 18.88 58.02
CA ILE A 187 8.17 17.93 58.86
C ILE A 187 8.13 16.53 58.30
N GLY A 188 8.34 16.32 57.00
CA GLY A 188 8.32 14.98 56.45
C GLY A 188 8.37 15.04 54.94
N THR A 189 8.58 13.85 54.36
CA THR A 189 8.65 13.68 52.91
C THR A 189 7.45 12.88 52.42
N PHE A 190 7.27 12.88 51.10
CA PHE A 190 6.18 12.15 50.48
C PHE A 190 6.70 11.46 49.22
N ALA A 191 6.18 10.25 48.96
CA ALA A 191 6.53 9.47 47.77
C ALA A 191 5.33 9.50 46.82
N ALA A 192 5.50 10.15 45.67
CA ALA A 192 4.41 10.37 44.73
C ALA A 192 4.54 9.58 43.45
N ASN A 193 5.67 8.88 43.24
CA ASN A 193 5.98 8.08 42.05
C ASN A 193 5.91 8.95 40.78
N SER A 194 6.71 10.02 40.78
CA SER A 194 6.77 10.95 39.67
C SER A 194 8.13 11.64 39.67
N GLU A 195 8.30 12.56 38.73
CA GLU A 195 9.51 13.38 38.62
C GLU A 195 9.38 14.73 39.30
N VAL A 196 8.23 15.00 39.95
CA VAL A 196 7.97 16.28 40.57
C VAL A 196 8.38 16.25 42.04
N ASP A 197 9.05 15.18 42.45
CA ASP A 197 9.54 15.03 43.81
C ASP A 197 10.92 15.64 44.01
N GLY A 198 11.41 16.42 43.05
CA GLY A 198 12.73 17.02 43.15
C GLY A 198 12.72 18.52 42.99
N TYR A 199 11.58 19.09 42.56
CA TYR A 199 11.51 20.54 42.37
C TYR A 199 10.17 21.11 42.86
N GLU A 200 9.41 20.37 43.65
CA GLU A 200 8.15 20.86 44.19
C GLU A 200 8.09 20.61 45.68
N MET A 201 7.43 21.52 46.39
CA MET A 201 7.29 21.41 47.84
C MET A 201 5.95 22.00 48.25
N LEU A 202 5.46 21.57 49.41
CA LEU A 202 4.18 22.03 49.94
C LEU A 202 4.42 23.09 51.01
N VAL A 203 3.59 24.13 50.99
CA VAL A 203 3.72 25.25 51.93
C VAL A 203 2.34 25.87 52.08
N ASN A 204 2.15 26.61 53.18
CA ASN A 204 0.88 27.28 53.42
C ASN A 204 0.71 28.45 52.45
N ILE A 205 -0.55 28.80 52.18
CA ILE A 205 -0.84 29.85 51.22
C ILE A 205 -0.53 31.22 51.81
N GLU A 206 -0.76 31.40 53.12
CA GLU A 206 -0.47 32.66 53.78
C GLU A 206 1.02 32.73 54.08
N ASP A 207 1.72 33.62 53.38
CA ASP A 207 3.15 33.81 53.59
C ASP A 207 3.52 35.22 53.16
N ALA A 208 4.53 35.78 53.82
CA ALA A 208 5.04 37.11 53.53
C ALA A 208 6.44 37.05 52.91
N SER A 209 6.68 36.05 52.07
CA SER A 209 7.97 35.86 51.44
C SER A 209 8.11 36.56 50.10
N ARG A 210 6.99 37.01 49.51
CA ARG A 210 7.02 37.71 48.23
C ARG A 210 6.54 39.15 48.35
N LEU A 211 5.37 39.37 48.95
CA LEU A 211 4.84 40.71 49.13
C LEU A 211 4.00 40.75 50.39
N MET A 212 3.92 41.94 50.98
CA MET A 212 3.16 42.24 52.21
C MET A 212 3.53 41.34 53.39
N GLY A 217 -1.66 41.11 52.49
CA GLY A 217 -1.52 39.69 52.21
C GLY A 217 -2.67 39.11 51.41
N ASN A 218 -2.34 38.55 50.25
CA ASN A 218 -3.34 37.97 49.35
C ASN A 218 -2.68 36.83 48.57
N ILE A 219 -3.35 36.40 47.50
CA ILE A 219 -2.85 35.31 46.68
C ILE A 219 -2.49 35.85 45.30
N THR A 220 -1.96 34.98 44.44
CA THR A 220 -1.57 35.37 43.09
C THR A 220 -2.55 34.90 42.03
N GLY A 221 -3.10 33.70 42.18
CA GLY A 221 -4.04 33.19 41.20
C GLY A 221 -4.87 32.06 41.76
N TRP A 222 -5.68 31.47 40.89
CA TRP A 222 -6.56 30.36 41.25
C TRP A 222 -6.18 29.13 40.45
N ARG A 223 -6.04 28.00 41.13
CA ARG A 223 -5.71 26.73 40.49
C ARG A 223 -6.99 26.04 40.02
N LEU A 224 -7.00 25.61 38.76
CA LEU A 224 -8.14 24.94 38.18
C LEU A 224 -7.73 23.56 37.65
N TRP A 225 -8.73 22.70 37.45
CA TRP A 225 -8.53 21.36 36.92
C TRP A 225 -9.37 21.21 35.66
N LEU A 226 -8.72 20.91 34.55
CA LEU A 226 -9.38 20.78 33.25
C LEU A 226 -9.75 19.32 33.00
N ASP A 227 -10.77 19.14 32.16
CA ASP A 227 -11.12 17.78 31.72
C ASP A 227 -10.10 17.26 30.70
N GLU A 228 -9.50 18.15 29.91
CA GLU A 228 -8.44 17.78 28.98
C GLU A 228 -7.32 18.81 29.03
N PRO A 229 -6.14 18.45 29.53
CA PRO A 229 -5.01 19.39 29.57
C PRO A 229 -4.10 19.36 28.35
N LEU A 230 -4.49 18.66 27.28
CA LEU A 230 -3.62 18.49 26.12
C LEU A 230 -3.87 19.51 25.01
N LYS A 231 -5.00 20.22 25.04
CA LYS A 231 -5.35 21.21 24.02
C LYS A 231 -5.73 22.53 24.66
N VAL A 232 -4.86 23.01 25.57
CA VAL A 232 -5.10 24.28 26.27
C VAL A 232 -4.83 25.50 25.42
N ASP A 233 -4.36 25.34 24.17
CA ASP A 233 -4.17 26.47 23.28
C ASP A 233 -5.51 27.06 22.84
N SER A 234 -6.52 26.21 22.65
CA SER A 234 -7.84 26.67 22.23
C SER A 234 -8.60 27.37 23.35
N LEU A 235 -8.23 27.14 24.60
CA LEU A 235 -8.88 27.77 25.74
C LEU A 235 -8.17 29.04 26.20
N SER A 236 -7.22 29.55 25.41
CA SER A 236 -6.49 30.75 25.78
C SER A 236 -7.08 32.02 25.18
N GLN A 237 -7.87 31.91 24.10
CA GLN A 237 -8.49 33.05 23.45
C GLN A 237 -9.93 33.24 23.89
N GLN A 238 -10.26 32.83 25.11
CA GLN A 238 -11.59 32.98 25.67
C GLN A 238 -11.75 34.36 26.31
N LYS A 239 -13.00 34.82 26.38
CA LYS A 239 -13.32 36.09 27.04
C LYS A 239 -13.07 35.94 28.54
N LEU A 240 -11.97 36.54 29.01
CA LEU A 240 -11.48 36.52 30.38
C LEU A 240 -12.00 37.74 31.16
N PRO A 241 -12.18 37.62 32.47
CA PRO A 241 -12.53 38.78 33.28
C PRO A 241 -11.37 39.78 33.37
N GLU A 242 -11.70 40.99 33.81
CA GLU A 242 -10.72 42.06 33.87
C GLU A 242 -9.75 41.84 35.02
N GLY A 243 -8.56 42.42 34.87
CA GLY A 243 -7.53 42.31 35.88
C GLY A 243 -6.92 40.92 36.02
N SER A 244 -6.90 40.14 34.95
CA SER A 244 -6.39 38.78 34.99
C SER A 244 -5.57 38.50 33.74
N LYS A 245 -4.73 37.47 33.83
CA LYS A 245 -3.89 37.04 32.73
C LYS A 245 -3.83 35.51 32.73
N TRP A 246 -4.02 34.92 31.55
CA TRP A 246 -4.03 33.47 31.43
C TRP A 246 -2.61 32.91 31.45
N GLN A 247 -2.36 31.96 32.34
CA GLN A 247 -1.06 31.29 32.45
C GLN A 247 -1.30 29.79 32.44
N ASP A 248 -0.68 29.10 31.49
CA ASP A 248 -0.83 27.66 31.32
C ASP A 248 0.44 26.94 31.74
N TRP A 249 0.46 25.63 31.51
CA TRP A 249 1.61 24.80 31.85
C TRP A 249 2.69 24.79 30.76
N ARG A 250 2.50 25.54 29.68
CA ARG A 250 3.44 25.54 28.57
C ARG A 250 4.65 26.42 28.81
N ASP A 251 4.75 27.09 29.95
CA ASP A 251 5.92 27.89 30.24
C ASP A 251 7.07 27.05 30.80
N ARG A 252 6.74 25.97 31.51
CA ARG A 252 7.74 25.08 32.09
C ARG A 252 7.87 23.77 31.32
N LYS A 253 6.76 23.06 31.12
CA LYS A 253 6.74 21.79 30.39
C LYS A 253 6.27 21.96 28.95
N GLY A 254 6.60 23.08 28.31
CA GLY A 254 6.15 23.33 26.95
C GLY A 254 6.87 22.51 25.89
N GLU A 255 7.98 21.87 26.23
CA GLU A 255 8.72 21.03 25.29
C GLU A 255 8.64 19.55 25.63
N LEU A 256 8.10 19.19 26.80
CA LEU A 256 8.00 17.80 27.19
C LEU A 256 6.85 17.10 26.46
N PHE A 257 5.63 17.63 26.61
CA PHE A 257 4.46 17.04 25.98
C PHE A 257 4.31 17.44 24.52
N GLN A 258 5.06 18.44 24.05
CA GLN A 258 4.98 18.81 22.64
C GLN A 258 5.72 17.81 21.76
N ALA A 259 6.75 17.15 22.30
CA ALA A 259 7.46 16.13 21.56
C ALA A 259 6.69 14.82 21.46
N VAL A 260 5.77 14.57 22.38
CA VAL A 260 4.94 13.37 22.31
C VAL A 260 3.92 13.51 21.19
N ARG A 261 3.36 14.71 21.01
CA ARG A 261 2.41 14.94 19.93
C ARG A 261 3.10 14.94 18.56
N MET A 262 4.38 15.30 18.52
CA MET A 262 5.11 15.27 17.25
C MET A 262 5.45 13.84 16.84
N GLU A 263 5.65 12.95 17.81
CA GLU A 263 5.93 11.55 17.49
C GLU A 263 4.69 10.80 17.03
N LYS A 264 3.50 11.26 17.41
CA LYS A 264 2.28 10.64 16.91
C LYS A 264 2.01 11.03 15.46
N ASN A 265 2.52 12.18 15.02
CA ASN A 265 2.38 12.61 13.64
C ASN A 265 3.43 12.00 12.73
N MET A 266 4.43 11.30 13.29
CA MET A 266 5.44 10.61 12.50
C MET A 266 5.20 9.11 12.40
N MET A 267 4.75 8.48 13.49
CA MET A 267 4.40 7.07 13.43
C MET A 267 3.09 6.86 12.68
N GLY A 268 2.13 7.78 12.86
CA GLY A 268 0.88 7.69 12.13
C GLY A 268 1.02 7.99 10.65
N LEU A 269 2.01 8.80 10.28
CA LEU A 269 2.27 9.07 8.88
C LEU A 269 3.02 7.92 8.21
N LEU A 270 3.86 7.20 8.98
CA LEU A 270 4.57 6.05 8.43
C LEU A 270 3.63 4.88 8.19
N LEU A 271 2.67 4.67 9.10
CA LEU A 271 1.69 3.60 8.96
C LEU A 271 0.56 3.97 8.01
N SER A 272 0.46 5.23 7.59
CA SER A 272 -0.54 5.64 6.61
C SER A 272 -0.12 5.29 5.18
N LEU A 273 1.11 4.83 4.98
CA LEU A 273 1.55 4.42 3.65
C LEU A 273 0.90 3.13 3.20
N ILE A 274 0.39 2.32 4.13
CA ILE A 274 -0.30 1.09 3.76
C ILE A 274 -1.64 1.42 3.10
N VAL A 275 -2.29 2.48 3.57
CA VAL A 275 -3.55 2.93 2.97
C VAL A 275 -3.30 3.57 1.61
N ALA A 276 -2.16 4.27 1.45
CA ALA A 276 -1.85 4.90 0.18
C ALA A 276 -1.43 3.88 -0.87
N VAL A 277 -0.77 2.79 -0.45
CA VAL A 277 -0.45 1.71 -1.38
C VAL A 277 -1.71 0.94 -1.75
N ALA A 278 -2.59 0.69 -0.78
CA ALA A 278 -3.86 0.02 -1.05
C ALA A 278 -4.81 0.88 -1.89
N ALA A 279 -4.65 2.21 -1.85
CA ALA A 279 -5.41 3.06 -2.76
C ALA A 279 -4.93 2.91 -4.19
N PHE A 280 -3.64 2.60 -4.38
CA PHE A 280 -3.12 2.36 -5.72
C PHE A 280 -3.56 1.01 -6.28
N ASN A 281 -3.96 0.08 -5.40
CA ASN A 281 -4.47 -1.21 -5.86
C ASN A 281 -5.88 -1.08 -6.44
N ILE A 282 -6.63 -0.04 -6.06
CA ILE A 282 -7.95 0.17 -6.63
C ILE A 282 -7.84 0.67 -8.07
N ILE A 283 -6.76 1.38 -8.40
CA ILE A 283 -6.53 1.78 -9.78
C ILE A 283 -6.17 0.57 -10.64
N THR A 284 -5.47 -0.40 -10.06
CA THR A 284 -5.17 -1.64 -10.77
C THR A 284 -6.40 -2.53 -10.89
N SER A 285 -7.23 -2.59 -9.85
CA SER A 285 -8.40 -3.46 -9.88
C SER A 285 -9.52 -2.90 -10.76
N LEU A 286 -9.69 -1.59 -10.81
CA LEU A 286 -10.75 -0.99 -11.61
C LEU A 286 -10.28 -0.60 -13.01
N GLY A 287 -9.00 -0.23 -13.15
CA GLY A 287 -8.49 0.13 -14.47
C GLY A 287 -8.32 -1.06 -15.39
N LEU A 288 -8.12 -2.25 -14.82
CA LEU A 288 -8.03 -3.46 -15.61
C LEU A 288 -9.39 -4.05 -15.94
N MET A 289 -10.43 -3.69 -15.16
CA MET A 289 -11.76 -4.22 -15.40
C MET A 289 -12.41 -3.59 -16.63
N VAL A 290 -12.10 -2.32 -16.91
CA VAL A 290 -12.64 -1.66 -18.08
C VAL A 290 -11.97 -2.19 -19.35
N MET A 291 -10.69 -2.55 -19.25
CA MET A 291 -9.95 -3.01 -20.43
C MET A 291 -10.40 -4.39 -20.88
N GLU A 292 -10.93 -5.22 -19.97
CA GLU A 292 -11.44 -6.53 -20.37
C GLU A 292 -12.94 -6.51 -20.64
N LYS A 293 -13.70 -5.71 -19.90
CA LYS A 293 -15.14 -5.58 -20.12
C LYS A 293 -15.46 -4.39 -21.02
N GLN A 294 -14.82 -4.33 -22.20
CA GLN A 294 -15.13 -3.27 -23.14
C GLN A 294 -16.47 -3.48 -23.83
N GLY A 295 -16.96 -4.73 -23.88
CA GLY A 295 -18.25 -4.99 -24.49
C GLY A 295 -19.42 -4.62 -23.61
N GLU A 296 -19.27 -4.72 -22.29
CA GLU A 296 -20.36 -4.44 -21.38
C GLU A 296 -20.57 -2.95 -21.14
N VAL A 297 -19.70 -2.09 -21.67
CA VAL A 297 -19.84 -0.65 -21.45
C VAL A 297 -20.71 -0.03 -22.54
N ALA A 298 -20.41 -0.34 -23.81
CA ALA A 298 -21.10 0.30 -24.93
C ALA A 298 -22.53 -0.19 -25.10
N ILE A 299 -22.83 -1.42 -24.68
CA ILE A 299 -24.20 -1.93 -24.79
C ILE A 299 -25.09 -1.25 -23.77
N LEU A 300 -24.55 -0.90 -22.60
CA LEU A 300 -25.31 -0.13 -21.62
C LEU A 300 -25.58 1.28 -22.11
N GLN A 301 -24.70 1.84 -22.93
CA GLN A 301 -24.95 3.15 -23.52
C GLN A 301 -26.05 3.10 -24.58
N THR A 302 -26.20 1.96 -25.25
CA THR A 302 -27.28 1.81 -26.23
C THR A 302 -28.62 1.54 -25.58
N GLN A 303 -28.62 0.94 -24.38
CA GLN A 303 -29.86 0.60 -23.71
C GLN A 303 -30.53 1.80 -23.04
N GLY A 304 -29.85 2.93 -22.93
CA GLY A 304 -30.48 4.13 -22.41
C GLY A 304 -29.84 4.71 -21.17
N LEU A 305 -28.56 4.43 -20.95
CA LEU A 305 -27.83 4.95 -19.80
C LEU A 305 -26.98 6.14 -20.22
N THR A 306 -27.14 7.26 -19.51
CA THR A 306 -26.30 8.42 -19.75
C THR A 306 -24.88 8.15 -19.24
N PRO A 307 -23.88 8.85 -19.79
CA PRO A 307 -22.51 8.72 -19.24
C PRO A 307 -22.35 9.21 -17.81
N ARG A 308 -23.29 10.02 -17.29
CA ARG A 308 -23.24 10.38 -15.88
C ARG A 308 -23.60 9.18 -14.99
N GLN A 309 -24.55 8.35 -15.44
CA GLN A 309 -24.96 7.19 -14.64
C GLN A 309 -23.96 6.06 -14.72
N ILE A 310 -23.25 5.92 -15.84
CA ILE A 310 -22.23 4.87 -15.96
C ILE A 310 -20.97 5.20 -15.20
N MET A 311 -20.78 6.47 -14.80
CA MET A 311 -19.65 6.82 -13.95
C MET A 311 -19.85 6.34 -12.52
N MET A 312 -21.09 6.33 -12.05
CA MET A 312 -21.41 5.91 -10.69
C MET A 312 -21.47 4.40 -10.52
N VAL A 313 -21.32 3.63 -11.60
CA VAL A 313 -21.31 2.18 -11.48
C VAL A 313 -19.99 1.71 -10.87
N PHE A 314 -18.87 2.29 -11.32
CA PHE A 314 -17.56 1.93 -10.79
C PHE A 314 -17.21 2.71 -9.53
N MET A 315 -18.07 3.63 -9.09
CA MET A 315 -17.78 4.41 -7.88
C MET A 315 -17.90 3.55 -6.63
N VAL A 316 -18.97 2.75 -6.54
CA VAL A 316 -19.17 1.89 -5.38
C VAL A 316 -18.18 0.73 -5.42
N GLN A 317 -17.75 0.32 -6.62
CA GLN A 317 -16.75 -0.74 -6.76
C GLN A 317 -15.39 -0.35 -6.19
N GLY A 318 -15.10 0.95 -6.11
CA GLY A 318 -13.94 1.45 -5.40
C GLY A 318 -14.22 2.00 -4.02
N ALA A 319 -15.48 2.04 -3.60
CA ALA A 319 -15.85 2.56 -2.28
C ALA A 319 -16.37 1.51 -1.32
N SER A 320 -17.00 0.43 -1.83
CA SER A 320 -17.48 -0.61 -0.94
C SER A 320 -16.35 -1.42 -0.33
N ALA A 321 -15.21 -1.50 -1.01
CA ALA A 321 -14.02 -2.09 -0.41
C ALA A 321 -13.39 -1.18 0.63
N GLY A 322 -13.66 0.12 0.56
CA GLY A 322 -13.17 1.05 1.57
C GLY A 322 -14.13 1.17 2.73
N ILE A 323 -15.41 0.88 2.50
CA ILE A 323 -16.39 0.90 3.58
C ILE A 323 -16.21 -0.34 4.46
N ILE A 324 -16.17 -1.53 3.84
CA ILE A 324 -15.95 -2.76 4.59
C ILE A 324 -14.50 -2.92 5.02
N GLY A 325 -13.58 -2.14 4.44
CA GLY A 325 -12.19 -2.19 4.88
C GLY A 325 -11.91 -1.32 6.08
N ALA A 326 -12.68 -0.24 6.24
CA ALA A 326 -12.50 0.65 7.39
C ALA A 326 -13.32 0.20 8.60
N ILE A 327 -14.47 -0.43 8.38
CA ILE A 327 -15.28 -0.93 9.49
C ILE A 327 -14.62 -2.15 10.12
N LEU A 328 -14.22 -3.12 9.29
CA LEU A 328 -13.52 -4.29 9.80
C LEU A 328 -12.10 -3.96 10.25
N GLY A 329 -11.50 -2.91 9.68
CA GLY A 329 -10.18 -2.50 10.12
C GLY A 329 -10.20 -1.82 11.48
N ALA A 330 -11.23 -1.02 11.75
CA ALA A 330 -11.39 -0.40 13.05
C ALA A 330 -11.93 -1.36 14.10
N ALA A 331 -12.62 -2.41 13.68
CA ALA A 331 -13.09 -3.41 14.63
C ALA A 331 -11.96 -4.30 15.11
N LEU A 332 -11.16 -4.84 14.18
CA LEU A 332 -10.04 -5.68 14.55
C LEU A 332 -8.90 -4.90 15.20
N GLY A 333 -8.84 -3.59 14.99
CA GLY A 333 -7.86 -2.78 15.70
C GLY A 333 -8.21 -2.58 17.16
N ALA A 334 -9.49 -2.68 17.51
CA ALA A 334 -9.90 -2.58 18.91
C ALA A 334 -9.86 -3.92 19.62
N LEU A 335 -10.03 -5.02 18.88
CA LEU A 335 -9.96 -6.34 19.50
C LEU A 335 -8.54 -6.73 19.83
N LEU A 336 -7.57 -6.33 19.00
CA LEU A 336 -6.18 -6.65 19.26
C LEU A 336 -5.57 -5.78 20.34
N ALA A 337 -6.03 -4.53 20.45
CA ALA A 337 -5.47 -3.62 21.46
C ALA A 337 -5.99 -3.93 22.85
N SER A 338 -7.25 -4.37 22.96
CA SER A 338 -7.84 -4.64 24.27
C SER A 338 -7.51 -6.03 24.78
N GLN A 339 -7.07 -6.94 23.92
CA GLN A 339 -6.72 -8.31 24.30
C GLN A 339 -5.23 -8.57 24.07
N LEU A 340 -4.39 -7.61 24.46
CA LEU A 340 -2.96 -7.70 24.24
C LEU A 340 -2.18 -8.17 25.45
N ASN A 341 -2.59 -7.77 26.66
CA ASN A 341 -1.85 -8.04 27.87
C ASN A 341 -2.57 -9.03 28.79
N ASN A 342 -3.37 -9.92 28.22
CA ASN A 342 -4.01 -10.98 28.99
C ASN A 342 -3.32 -12.33 28.81
N LEU A 343 -3.02 -12.71 27.57
CA LEU A 343 -2.29 -13.94 27.27
C LEU A 343 -0.81 -13.63 27.14
N MET A 344 -0.06 -14.58 26.59
CA MET A 344 1.35 -14.38 26.30
C MET A 344 1.50 -13.34 25.18
N PRO A 345 2.36 -12.34 25.36
CA PRO A 345 2.43 -11.24 24.38
C PRO A 345 3.09 -11.66 23.08
N ILE A 346 2.49 -11.22 21.97
CA ILE A 346 2.94 -11.62 20.63
C ILE A 346 4.08 -10.74 20.12
N ILE A 347 4.65 -9.87 20.95
CA ILE A 347 5.75 -9.01 20.54
C ILE A 347 7.07 -9.67 20.90
N GLY A 348 7.02 -10.91 21.38
CA GLY A 348 8.22 -11.64 21.74
C GLY A 348 8.54 -11.47 23.21
N VAL A 349 9.77 -11.02 23.48
CA VAL A 349 10.20 -10.76 24.85
C VAL A 349 9.56 -9.47 25.32
N LEU A 350 9.11 -9.45 26.57
CA LEU A 350 8.56 -8.23 27.16
C LEU A 350 9.71 -7.31 27.55
N LEU A 351 9.89 -6.22 26.79
CA LEU A 351 11.02 -5.33 27.02
C LEU A 351 10.82 -4.44 28.23
N ASP A 352 9.58 -4.14 28.61
CA ASP A 352 9.31 -3.27 29.76
C ASP A 352 8.96 -4.07 31.00
N GLY A 353 7.91 -4.88 30.95
CA GLY A 353 7.48 -5.63 32.11
C GLY A 353 6.93 -4.80 33.25
N ALA A 354 6.26 -3.70 32.94
CA ALA A 354 5.77 -2.78 33.97
C ALA A 354 4.34 -2.34 33.66
N ALA A 355 3.51 -3.31 33.29
CA ALA A 355 2.06 -3.17 33.05
C ALA A 355 1.77 -2.13 31.96
N LEU A 356 2.18 -2.50 30.74
CA LEU A 356 2.03 -1.70 29.53
C LEU A 356 0.57 -1.34 29.27
N PRO A 357 0.21 -0.06 29.34
CA PRO A 357 -1.20 0.32 29.19
C PRO A 357 -1.61 0.55 27.74
N VAL A 358 -2.90 0.36 27.50
CA VAL A 358 -3.51 0.60 26.19
C VAL A 358 -4.67 1.55 26.38
N ALA A 359 -4.61 2.71 25.71
CA ALA A 359 -5.66 3.72 25.78
C ALA A 359 -6.30 3.84 24.41
N ILE A 360 -7.57 3.45 24.31
CA ILE A 360 -8.32 3.48 23.06
C ILE A 360 -9.27 4.66 23.15
N GLU A 361 -8.91 5.78 22.52
CA GLU A 361 -9.79 6.94 22.49
C GLU A 361 -10.91 6.72 21.50
N PRO A 362 -12.18 6.90 21.88
CA PRO A 362 -13.28 6.66 20.95
C PRO A 362 -13.39 7.70 19.84
N LEU A 363 -12.85 8.90 20.04
CA LEU A 363 -12.90 9.92 19.00
C LEU A 363 -11.85 9.68 17.91
N GLN A 364 -10.70 9.10 18.27
CA GLN A 364 -9.64 8.89 17.30
C GLN A 364 -9.96 7.79 16.31
N VAL A 365 -10.84 6.86 16.66
CA VAL A 365 -11.25 5.81 15.73
C VAL A 365 -12.13 6.39 14.62
N ILE A 366 -12.87 7.45 14.92
CA ILE A 366 -13.73 8.08 13.92
C ILE A 366 -12.89 8.86 12.90
N VAL A 367 -11.80 9.48 13.34
CA VAL A 367 -10.96 10.24 12.41
C VAL A 367 -10.17 9.31 11.51
N ILE A 368 -9.76 8.14 12.02
CA ILE A 368 -9.00 7.20 11.21
C ILE A 368 -9.89 6.54 10.16
N ALA A 369 -11.10 6.13 10.56
CA ALA A 369 -11.98 5.41 9.64
C ALA A 369 -12.58 6.32 8.57
N LEU A 370 -12.79 7.61 8.89
CA LEU A 370 -13.32 8.54 7.90
C LEU A 370 -12.27 8.97 6.88
N VAL A 371 -10.99 8.93 7.25
CA VAL A 371 -9.94 9.24 6.29
C VAL A 371 -9.74 8.08 5.30
N ALA A 372 -9.73 6.84 5.82
CA ALA A 372 -9.52 5.67 4.98
C ALA A 372 -10.68 5.41 4.03
N MET A 373 -11.88 5.92 4.35
CA MET A 373 -13.00 5.85 3.43
C MET A 373 -12.95 6.93 2.34
N ALA A 374 -12.02 7.89 2.45
CA ALA A 374 -11.91 8.98 1.50
C ALA A 374 -10.80 8.79 0.48
N ILE A 375 -9.69 8.16 0.86
CA ILE A 375 -8.61 7.92 -0.10
C ILE A 375 -9.00 6.84 -1.10
N ALA A 376 -9.94 5.97 -0.73
CA ALA A 376 -10.49 5.01 -1.68
C ALA A 376 -11.38 5.68 -2.73
N LEU A 377 -11.87 6.88 -2.47
CA LEU A 377 -12.67 7.63 -3.42
C LEU A 377 -11.84 8.54 -4.31
N LEU A 378 -10.62 8.90 -3.90
CA LEU A 378 -9.75 9.72 -4.76
C LEU A 378 -9.21 8.90 -5.92
N SER A 379 -8.94 7.62 -5.71
CA SER A 379 -8.40 6.74 -6.74
C SER A 379 -9.49 6.11 -7.61
N THR A 380 -10.72 6.62 -7.52
CA THR A 380 -11.83 6.13 -8.31
C THR A 380 -12.25 7.09 -9.41
N LEU A 381 -11.96 8.38 -9.25
CA LEU A 381 -12.41 9.40 -10.19
C LEU A 381 -11.75 9.26 -11.56
N TYR A 382 -10.49 8.80 -11.59
CA TYR A 382 -9.80 8.61 -12.87
C TYR A 382 -10.18 7.32 -13.59
N PRO A 383 -10.32 6.13 -12.95
CA PRO A 383 -10.83 4.98 -13.74
C PRO A 383 -12.29 5.10 -14.12
N SER A 384 -13.10 5.82 -13.36
CA SER A 384 -14.50 6.00 -13.73
C SER A 384 -14.69 7.00 -14.85
N TRP A 385 -13.74 7.92 -15.03
CA TRP A 385 -13.82 8.90 -16.11
C TRP A 385 -13.45 8.28 -17.45
N ARG A 386 -12.58 7.27 -17.45
CA ARG A 386 -12.18 6.63 -18.71
C ARG A 386 -13.29 5.75 -19.26
N ALA A 387 -14.15 5.21 -18.39
CA ALA A 387 -15.27 4.38 -18.82
C ALA A 387 -16.50 5.19 -19.19
N ALA A 388 -16.55 6.47 -18.81
CA ALA A 388 -17.69 7.32 -19.10
C ALA A 388 -17.46 8.27 -20.27
N ALA A 389 -16.26 8.82 -20.40
CA ALA A 389 -15.95 9.76 -21.47
C ALA A 389 -15.55 9.07 -22.77
N THR A 390 -15.51 7.74 -22.81
CA THR A 390 -15.17 7.03 -24.03
C THR A 390 -16.36 7.03 -24.99
N GLN A 391 -16.07 6.73 -26.25
CA GLN A 391 -17.14 6.73 -27.24
C GLN A 391 -17.81 5.37 -27.31
N PRO A 392 -19.14 5.32 -27.36
CA PRO A 392 -19.83 4.02 -27.46
C PRO A 392 -19.74 3.37 -28.83
N ALA A 393 -19.31 4.10 -29.86
CA ALA A 393 -19.21 3.55 -31.21
C ALA A 393 -17.81 3.60 -31.78
N GLU A 394 -16.82 4.04 -31.00
CA GLU A 394 -15.44 4.09 -31.45
C GLU A 394 -14.46 3.36 -30.55
N ALA A 395 -14.91 2.86 -29.40
CA ALA A 395 -14.01 2.14 -28.51
C ALA A 395 -13.73 0.74 -29.04
N LEU A 396 -14.77 -0.04 -29.30
CA LEU A 396 -14.62 -1.39 -29.82
C LEU A 396 -15.36 -1.63 -31.13
N ARG A 397 -16.52 -1.00 -31.32
CA ARG A 397 -17.30 -1.18 -32.53
C ARG A 397 -18.08 0.09 -32.87
N PRO B 4 24.65 -18.15 -21.25
CA PRO B 4 24.08 -18.38 -19.93
C PRO B 4 22.62 -17.96 -19.83
N LEU B 5 21.96 -17.83 -20.98
CA LEU B 5 20.57 -17.42 -21.04
C LEU B 5 19.66 -18.64 -21.04
N SER B 6 18.69 -18.65 -20.14
CA SER B 6 17.74 -19.74 -20.02
C SER B 6 16.44 -19.41 -20.76
N LEU B 7 15.65 -20.46 -21.00
CA LEU B 7 14.36 -20.32 -21.67
C LEU B 7 13.33 -19.62 -20.78
N LEU B 8 13.59 -19.55 -19.47
CA LEU B 8 12.58 -19.16 -18.50
C LEU B 8 12.52 -17.65 -18.30
N ILE B 9 13.68 -16.99 -18.29
CA ILE B 9 13.77 -15.57 -17.95
C ILE B 9 13.87 -14.72 -19.21
N GLY B 10 14.94 -14.93 -19.98
CA GLY B 10 15.23 -14.05 -21.10
C GLY B 10 14.38 -14.32 -22.33
N LEU B 11 13.99 -15.59 -22.54
CA LEU B 11 13.18 -15.91 -23.70
C LEU B 11 11.73 -15.47 -23.52
N ARG B 12 11.26 -15.32 -22.29
CA ARG B 12 9.92 -14.82 -22.00
C ARG B 12 9.92 -13.34 -21.67
N PHE B 13 11.03 -12.63 -21.95
CA PHE B 13 11.09 -11.20 -21.68
C PHE B 13 10.26 -10.41 -22.69
N SER B 14 10.11 -10.93 -23.91
CA SER B 14 9.35 -10.25 -24.95
C SER B 14 7.85 -10.33 -24.73
N ARG B 15 7.38 -11.18 -23.82
CA ARG B 15 5.95 -11.24 -23.52
C ARG B 15 5.48 -10.02 -22.75
N GLY B 16 6.38 -9.38 -22.00
CA GLY B 16 6.04 -8.19 -21.23
C GLY B 16 5.91 -6.92 -22.04
N ARG B 17 6.24 -6.95 -23.33
CA ARG B 17 6.11 -5.78 -24.20
C ARG B 17 4.74 -5.83 -24.88
N ARG B 18 3.72 -5.47 -24.10
CA ARG B 18 2.34 -5.52 -24.52
C ARG B 18 1.84 -4.13 -24.92
N ARG B 19 0.64 -4.10 -25.50
CA ARG B 19 0.03 -2.86 -25.94
C ARG B 19 -1.49 -2.96 -25.78
N GLY B 20 -2.08 -1.94 -25.16
CA GLY B 20 -3.51 -1.94 -24.92
C GLY B 20 -4.10 -0.55 -24.89
N GLY B 21 -4.94 -0.29 -23.89
CA GLY B 21 -5.58 1.00 -23.72
C GLY B 21 -4.89 1.84 -22.67
N MET B 22 -5.42 1.82 -21.45
CA MET B 22 -4.82 2.53 -20.31
C MET B 22 -3.78 1.68 -19.58
N VAL B 23 -3.15 0.73 -20.28
CA VAL B 23 -2.16 -0.15 -19.66
C VAL B 23 -0.84 0.57 -19.41
N SER B 24 -0.64 1.75 -20.02
CA SER B 24 0.61 2.48 -19.81
C SER B 24 0.68 3.09 -18.41
N LEU B 25 -0.47 3.37 -17.80
CA LEU B 25 -0.48 3.86 -16.42
C LEU B 25 -0.44 2.73 -15.40
N ILE B 26 -0.67 1.49 -15.83
CA ILE B 26 -0.66 0.36 -14.91
C ILE B 26 0.79 0.01 -14.52
N SER B 27 1.71 0.09 -15.48
CA SER B 27 3.12 -0.13 -15.18
C SER B 27 3.71 0.99 -14.33
N VAL B 28 3.14 2.20 -14.40
CA VAL B 28 3.59 3.28 -13.54
C VAL B 28 3.06 3.10 -12.12
N ILE B 29 1.77 2.75 -11.99
CA ILE B 29 1.16 2.62 -10.68
C ILE B 29 1.59 1.34 -9.96
N SER B 30 2.17 0.38 -10.66
CA SER B 30 2.72 -0.83 -10.03
C SER B 30 4.19 -0.68 -9.68
N THR B 31 4.80 0.46 -10.00
CA THR B 31 6.19 0.74 -9.69
C THR B 31 6.36 1.63 -8.47
N ILE B 32 5.53 2.67 -8.34
CA ILE B 32 5.64 3.58 -7.21
C ILE B 32 5.12 2.93 -5.93
N GLY B 33 4.13 2.04 -6.05
CA GLY B 33 3.58 1.41 -4.86
C GLY B 33 4.51 0.40 -4.22
N ILE B 34 5.32 -0.28 -5.01
CA ILE B 34 6.27 -1.25 -4.47
C ILE B 34 7.59 -0.57 -4.07
N ALA B 35 7.95 0.55 -4.70
CA ALA B 35 9.12 1.30 -4.31
C ALA B 35 8.91 2.14 -3.05
N LEU B 36 7.66 2.30 -2.62
CA LEU B 36 7.39 3.03 -1.39
C LEU B 36 7.79 2.22 -0.16
N GLY B 37 7.76 0.89 -0.26
CA GLY B 37 8.22 0.05 0.82
C GLY B 37 9.72 -0.17 0.88
N VAL B 38 10.44 0.26 -0.15
CA VAL B 38 11.89 0.10 -0.22
C VAL B 38 12.62 1.41 0.04
N ALA B 39 12.06 2.53 -0.43
CA ALA B 39 12.74 3.82 -0.30
C ALA B 39 12.70 4.33 1.13
N VAL B 40 11.58 4.14 1.83
CA VAL B 40 11.50 4.56 3.22
C VAL B 40 12.27 3.60 4.13
N LEU B 41 12.35 2.32 3.76
CA LEU B 41 13.10 1.36 4.55
C LEU B 41 14.60 1.56 4.41
N ILE B 42 15.07 2.07 3.27
CA ILE B 42 16.48 2.36 3.10
C ILE B 42 16.87 3.58 3.91
N VAL B 43 16.08 4.66 3.82
CA VAL B 43 16.36 5.87 4.58
C VAL B 43 15.93 5.77 6.04
N GLY B 44 15.20 4.72 6.40
CA GLY B 44 14.81 4.51 7.79
C GLY B 44 15.84 3.71 8.55
N LEU B 45 16.41 2.69 7.90
CA LEU B 45 17.45 1.89 8.53
C LEU B 45 18.79 2.63 8.55
N SER B 46 19.04 3.51 7.58
CA SER B 46 20.26 4.30 7.59
C SER B 46 20.21 5.42 8.62
N ALA B 47 19.01 5.90 8.95
CA ALA B 47 18.86 6.90 10.00
C ALA B 47 19.04 6.30 11.39
N MET B 48 18.67 5.03 11.56
CA MET B 48 18.89 4.37 12.84
C MET B 48 20.36 4.01 13.04
N ASN B 49 21.09 3.80 11.95
CA ASN B 49 22.53 3.58 12.06
C ASN B 49 23.27 4.87 12.40
N GLY B 50 22.71 6.02 12.00
CA GLY B 50 23.29 7.29 12.39
C GLY B 50 23.08 7.65 13.84
N PHE B 51 22.03 7.12 14.47
CA PHE B 51 21.82 7.35 15.90
C PHE B 51 22.85 6.59 16.72
N GLU B 52 23.19 5.38 16.31
CA GLU B 52 24.19 4.60 17.03
C GLU B 52 25.60 5.14 16.82
N ARG B 53 25.83 5.82 15.68
CA ARG B 53 27.14 6.41 15.43
C ARG B 53 27.36 7.65 16.30
N GLU B 54 26.31 8.47 16.46
CA GLU B 54 26.41 9.65 17.31
C GLU B 54 26.24 9.33 18.79
N LEU B 55 25.80 8.12 19.13
CA LEU B 55 25.71 7.73 20.53
C LEU B 55 27.09 7.47 21.13
N ASN B 56 27.95 6.79 20.37
CA ASN B 56 29.30 6.47 20.85
C ASN B 56 30.25 7.65 20.78
N ASN B 57 29.87 8.74 20.11
CA ASN B 57 30.74 9.89 19.93
C ASN B 57 30.35 11.08 20.78
N ARG B 58 29.06 11.31 21.00
CA ARG B 58 28.60 12.48 21.73
C ARG B 58 27.89 12.18 23.03
N ILE B 59 27.59 10.91 23.32
CA ILE B 59 26.89 10.51 24.54
C ILE B 59 27.72 9.52 25.36
N LEU B 60 28.19 8.45 24.72
CA LEU B 60 28.92 7.40 25.44
C LEU B 60 30.35 7.81 25.77
N ALA B 61 30.99 8.61 24.92
CA ALA B 61 32.39 8.96 25.10
C ALA B 61 32.58 10.17 26.01
N VAL B 62 31.52 10.72 26.59
CA VAL B 62 31.63 11.88 27.46
C VAL B 62 31.16 11.62 28.88
N VAL B 63 30.41 10.55 29.13
CA VAL B 63 29.90 10.27 30.48
C VAL B 63 30.83 9.28 31.17
N PRO B 64 30.93 9.31 32.50
CA PRO B 64 31.71 8.27 33.19
C PRO B 64 30.99 6.94 33.18
N HIS B 65 31.75 5.86 32.95
CA HIS B 65 31.16 4.53 32.86
C HIS B 65 30.83 3.98 34.23
N GLY B 66 31.81 3.93 35.13
CA GLY B 66 31.60 3.45 36.48
C GLY B 66 31.78 4.57 37.49
N GLU B 67 31.03 4.50 38.59
CA GLU B 67 31.08 5.50 39.63
C GLU B 67 31.03 4.80 40.99
N ILE B 68 32.02 5.09 41.84
CA ILE B 68 32.17 4.45 43.14
C ILE B 68 32.28 5.53 44.19
N GLU B 69 31.32 5.59 45.11
CA GLU B 69 31.29 6.62 46.14
C GLU B 69 31.08 5.98 47.51
N ALA B 70 31.46 6.73 48.55
CA ALA B 70 31.33 6.27 49.92
C ALA B 70 29.92 6.53 50.44
N VAL B 71 29.65 6.05 51.67
CA VAL B 71 28.35 6.22 52.29
C VAL B 71 28.43 7.23 53.45
N ASP B 72 28.27 8.51 53.12
CA ASP B 72 28.51 9.66 54.00
C ASP B 72 29.89 9.57 54.67
N GLN B 73 30.94 9.57 53.83
CA GLN B 73 32.32 9.73 54.28
C GLN B 73 33.04 10.60 53.25
N PRO B 74 33.81 11.59 53.69
CA PRO B 74 34.79 12.21 52.79
C PRO B 74 35.97 11.27 52.56
N TRP B 75 36.08 10.71 51.37
CA TRP B 75 37.07 9.68 51.06
C TRP B 75 38.46 10.30 50.98
N THR B 76 39.32 9.97 51.94
CA THR B 76 40.67 10.52 52.01
C THR B 76 41.74 9.54 51.56
N ASN B 77 41.50 8.24 51.71
CA ASN B 77 42.48 7.22 51.29
C ASN B 77 42.22 6.76 49.86
N TRP B 78 42.18 7.73 48.95
CA TRP B 78 42.00 7.46 47.53
C TRP B 78 43.31 7.20 46.80
N GLN B 79 44.44 7.37 47.47
CA GLN B 79 45.73 7.06 46.84
C GLN B 79 45.96 5.56 46.76
N GLU B 80 45.55 4.82 47.80
CA GLU B 80 45.68 3.37 47.78
C GLU B 80 44.62 2.69 46.93
N ALA B 81 43.49 3.36 46.69
CA ALA B 81 42.41 2.81 45.90
C ALA B 81 42.51 3.17 44.42
N LEU B 82 43.67 3.62 43.97
CA LEU B 82 43.90 3.97 42.57
C LEU B 82 44.71 2.92 41.82
N ASP B 83 45.76 2.39 42.45
CA ASP B 83 46.57 1.34 41.82
C ASP B 83 45.91 -0.03 41.91
N HIS B 84 44.96 -0.21 42.82
CA HIS B 84 44.28 -1.50 42.94
C HIS B 84 43.26 -1.70 41.84
N VAL B 85 42.56 -0.62 41.45
CA VAL B 85 41.56 -0.71 40.37
C VAL B 85 42.19 -0.53 38.99
N GLN B 86 43.46 -0.17 38.92
CA GLN B 86 44.13 0.02 37.64
C GLN B 86 44.68 -1.27 37.05
N LYS B 87 45.15 -2.18 37.90
CA LYS B 87 45.75 -3.43 37.46
C LYS B 87 44.75 -4.55 37.23
N VAL B 88 43.45 -4.23 37.20
CA VAL B 88 42.43 -5.25 36.96
C VAL B 88 42.35 -5.52 35.46
N PRO B 89 42.36 -6.78 35.02
CA PRO B 89 42.30 -7.08 33.59
C PRO B 89 40.93 -6.83 32.98
N GLY B 90 40.68 -5.60 32.55
CA GLY B 90 39.40 -5.25 31.97
C GLY B 90 38.96 -3.82 32.25
N ILE B 91 39.70 -3.10 33.09
CA ILE B 91 39.45 -1.70 33.36
C ILE B 91 40.70 -0.93 32.93
N ALA B 92 40.52 0.04 32.03
CA ALA B 92 41.66 0.71 31.39
C ALA B 92 42.27 1.78 32.29
N ALA B 93 41.50 2.81 32.62
CA ALA B 93 42.02 3.96 33.37
C ALA B 93 41.03 4.33 34.46
N ALA B 94 41.43 5.31 35.28
CA ALA B 94 40.61 5.79 36.38
C ALA B 94 40.97 7.24 36.67
N ALA B 95 39.98 8.01 37.13
CA ALA B 95 40.16 9.41 37.45
C ALA B 95 39.12 9.83 38.49
N PRO B 96 39.50 10.60 39.49
CA PRO B 96 38.54 11.01 40.52
C PRO B 96 37.65 12.15 40.06
N TYR B 97 36.55 12.33 40.80
CA TYR B 97 35.63 13.42 40.53
C TYR B 97 34.95 13.80 41.84
N ILE B 98 34.72 15.10 42.03
CA ILE B 98 34.02 15.64 43.19
C ILE B 98 32.81 16.40 42.66
N ASN B 99 31.65 15.75 42.66
CA ASN B 99 30.44 16.33 42.10
C ASN B 99 29.71 17.20 43.12
N PHE B 100 29.02 18.23 42.63
CA PHE B 100 28.23 19.13 43.45
C PHE B 100 26.87 19.34 42.79
N THR B 101 26.05 20.17 43.43
CA THR B 101 24.74 20.58 42.91
C THR B 101 24.59 22.09 43.07
N GLY B 102 25.59 22.83 42.62
CA GLY B 102 25.54 24.27 42.65
C GLY B 102 24.64 24.83 41.56
N LEU B 103 24.53 26.15 41.55
CA LEU B 103 23.70 26.83 40.56
C LEU B 103 24.22 28.25 40.36
N VAL B 104 23.83 28.85 39.24
CA VAL B 104 24.35 30.14 38.80
C VAL B 104 23.33 31.22 39.13
N GLU B 105 23.79 32.31 39.75
CA GLU B 105 22.98 33.48 40.01
C GLU B 105 23.64 34.67 39.30
N SER B 106 23.28 34.86 38.03
CA SER B 106 23.85 35.94 37.23
C SER B 106 22.80 36.37 36.21
N GLY B 107 22.31 37.60 36.36
CA GLY B 107 21.33 38.13 35.44
C GLY B 107 19.90 37.76 35.77
N ALA B 108 19.62 37.41 37.03
CA ALA B 108 18.29 37.02 37.53
C ALA B 108 17.71 35.84 36.74
N ASN B 109 18.50 34.78 36.61
CA ASN B 109 18.10 33.58 35.90
C ASN B 109 18.39 32.36 36.77
N LEU B 110 17.40 31.49 36.90
CA LEU B 110 17.53 30.27 37.68
C LEU B 110 17.80 29.10 36.75
N ARG B 111 18.89 28.37 37.02
CA ARG B 111 19.26 27.22 36.20
C ARG B 111 20.06 26.25 37.07
N ALA B 112 19.59 25.01 37.13
CA ALA B 112 20.29 23.97 37.89
C ALA B 112 21.44 23.41 37.06
N ILE B 113 22.61 23.27 37.69
CA ILE B 113 23.81 22.79 37.03
C ILE B 113 24.48 21.76 37.93
N GLN B 114 25.30 20.90 37.33
CA GLN B 114 26.04 19.87 38.04
C GLN B 114 27.53 20.20 37.92
N VAL B 115 28.12 20.66 39.02
CA VAL B 115 29.53 21.05 39.05
C VAL B 115 30.34 19.86 39.54
N LYS B 116 31.28 19.40 38.72
CA LYS B 116 32.18 18.32 39.07
C LYS B 116 33.62 18.79 38.95
N GLY B 117 34.50 18.16 39.74
CA GLY B 117 35.90 18.55 39.74
C GLY B 117 36.83 17.43 39.34
N VAL B 118 37.48 17.58 38.19
CA VAL B 118 38.41 16.57 37.68
C VAL B 118 39.78 17.21 37.46
N ASN B 119 40.76 16.39 37.09
CA ASN B 119 42.11 16.87 36.83
C ASN B 119 42.25 17.26 35.35
N PRO B 120 42.90 18.40 35.07
CA PRO B 120 43.06 18.81 33.67
C PRO B 120 44.03 17.96 32.88
N GLN B 121 45.10 17.47 33.51
CA GLN B 121 46.08 16.63 32.84
C GLN B 121 45.76 15.15 32.92
N GLN B 122 44.56 14.79 33.37
CA GLN B 122 44.14 13.40 33.46
C GLN B 122 42.80 13.12 32.80
N GLU B 123 42.01 14.14 32.45
CA GLU B 123 40.69 13.92 31.89
C GLU B 123 40.73 13.47 30.44
N GLN B 124 41.85 13.67 29.74
CA GLN B 124 41.96 13.29 28.34
C GLN B 124 42.23 11.80 28.15
N ARG B 125 42.71 11.12 29.19
CA ARG B 125 43.14 9.74 29.08
C ARG B 125 42.00 8.73 29.23
N LEU B 126 40.79 9.19 29.56
CA LEU B 126 39.68 8.26 29.78
C LEU B 126 38.38 8.67 29.12
N SER B 127 38.30 9.85 28.50
CA SER B 127 37.05 10.28 27.88
C SER B 127 37.36 11.25 26.74
N ALA B 128 36.36 11.43 25.88
CA ALA B 128 36.43 12.37 24.76
C ALA B 128 35.69 13.67 25.07
N LEU B 129 35.77 14.12 26.32
CA LEU B 129 35.06 15.34 26.72
C LEU B 129 35.65 16.62 26.11
N PRO B 130 37.00 16.93 26.23
CA PRO B 130 37.43 18.23 25.70
C PRO B 130 37.70 18.26 24.21
N SER B 131 37.22 17.25 23.47
CA SER B 131 37.34 17.21 22.02
C SER B 131 36.19 17.93 21.31
N PHE B 132 35.29 18.56 22.07
CA PHE B 132 34.14 19.26 21.50
C PHE B 132 34.03 20.66 22.08
N VAL B 133 35.14 21.38 22.15
CA VAL B 133 35.16 22.75 22.66
C VAL B 133 35.06 23.70 21.47
N GLN B 134 34.19 24.70 21.59
CA GLN B 134 33.95 25.66 20.51
C GLN B 134 35.07 26.67 20.34
N GLY B 135 36.00 26.75 21.28
CA GLY B 135 37.14 27.63 21.17
C GLY B 135 38.23 27.05 20.29
N ASP B 136 39.41 27.68 20.36
CA ASP B 136 40.55 27.20 19.58
C ASP B 136 41.14 25.93 20.20
N ALA B 137 41.34 25.92 21.51
CA ALA B 137 41.89 24.77 22.22
C ALA B 137 41.42 24.84 23.67
N TRP B 138 41.84 23.86 24.45
CA TRP B 138 41.53 23.77 25.87
C TRP B 138 42.79 23.72 26.73
N ARG B 139 43.94 24.08 26.17
CA ARG B 139 45.21 24.01 26.88
C ARG B 139 45.37 25.09 27.95
N ASN B 140 44.54 26.13 27.92
CA ASN B 140 44.59 27.18 28.93
C ASN B 140 43.83 26.82 30.20
N PHE B 141 43.16 25.67 30.23
CA PHE B 141 42.41 25.23 31.41
C PHE B 141 43.40 24.74 32.46
N LYS B 142 43.77 25.64 33.36
CA LYS B 142 44.71 25.34 34.43
C LYS B 142 44.01 25.48 35.78
N ALA B 143 44.74 25.17 36.84
CA ALA B 143 44.22 25.23 38.21
C ALA B 143 44.81 26.42 38.95
N GLY B 144 44.04 26.93 39.90
CA GLY B 144 44.48 28.04 40.73
C GLY B 144 44.32 29.41 40.10
N GLU B 145 43.60 29.53 39.00
CA GLU B 145 43.39 30.81 38.33
C GLU B 145 41.93 31.24 38.33
N GLN B 146 41.10 30.63 39.18
CA GLN B 146 39.68 30.94 39.35
C GLN B 146 38.89 30.79 38.04
N GLN B 147 39.15 29.71 37.32
CA GLN B 147 38.51 29.45 36.04
C GLN B 147 37.46 28.34 36.17
N ILE B 148 36.42 28.44 35.37
CA ILE B 148 35.35 27.44 35.32
C ILE B 148 34.81 27.39 33.91
N ILE B 149 34.68 26.18 33.36
CA ILE B 149 34.21 25.97 32.00
C ILE B 149 32.79 25.44 32.07
N ILE B 150 31.85 26.21 31.52
CA ILE B 150 30.44 25.83 31.51
C ILE B 150 30.04 25.52 30.06
N GLY B 151 28.84 24.97 29.91
CA GLY B 151 28.37 24.56 28.60
C GLY B 151 27.79 25.71 27.79
N LYS B 152 27.48 25.38 26.53
CA LYS B 152 26.91 26.38 25.62
C LYS B 152 25.45 26.65 25.93
N GLY B 153 24.69 25.62 26.30
CA GLY B 153 23.28 25.77 26.60
C GLY B 153 23.01 26.54 27.88
N VAL B 154 24.01 26.66 28.76
CA VAL B 154 23.86 27.50 29.94
C VAL B 154 23.85 28.97 29.52
N ALA B 155 24.70 29.34 28.56
CA ALA B 155 24.83 30.74 28.15
C ALA B 155 23.64 31.24 27.35
N ASP B 156 22.80 30.33 26.85
CA ASP B 156 21.55 30.75 26.22
C ASP B 156 20.58 31.34 27.23
N ALA B 157 20.67 30.93 28.50
CA ALA B 157 19.84 31.47 29.56
C ALA B 157 20.54 32.51 30.41
N LEU B 158 21.87 32.47 30.53
CA LEU B 158 22.60 33.51 31.25
C LEU B 158 22.82 34.75 30.41
N LYS B 159 22.60 34.66 29.10
CA LYS B 159 22.76 35.75 28.12
C LYS B 159 24.19 36.31 28.14
N VAL B 160 25.17 35.42 28.27
CA VAL B 160 26.58 35.82 28.30
C VAL B 160 27.33 35.13 27.17
N LYS B 161 28.62 35.39 27.07
CA LYS B 161 29.47 34.80 26.06
C LYS B 161 30.85 34.52 26.68
N GLN B 162 31.83 34.23 25.82
CA GLN B 162 33.18 33.97 26.29
C GLN B 162 33.86 35.27 26.70
N GLY B 163 34.42 35.28 27.90
CA GLY B 163 35.10 36.46 28.42
C GLY B 163 34.32 37.29 29.41
N ASP B 164 33.21 36.78 29.93
CA ASP B 164 32.39 37.50 30.88
C ASP B 164 32.48 36.85 32.25
N TRP B 165 32.27 37.66 33.29
CA TRP B 165 32.34 37.16 34.65
C TRP B 165 31.04 36.44 35.03
N VAL B 166 31.17 35.40 35.84
CA VAL B 166 30.04 34.57 36.24
C VAL B 166 29.98 34.55 37.77
N SER B 167 28.78 34.33 38.29
CA SER B 167 28.54 34.27 39.74
C SER B 167 27.72 33.02 40.02
N ILE B 168 28.35 32.03 40.64
CA ILE B 168 27.71 30.75 40.94
C ILE B 168 27.56 30.62 42.45
N MET B 169 26.85 29.56 42.85
CA MET B 169 26.64 29.24 44.26
C MET B 169 27.34 27.94 44.61
N ILE B 170 27.91 27.89 45.81
CA ILE B 170 28.69 26.74 46.28
C ILE B 170 28.00 26.20 47.52
N PRO B 171 27.77 24.88 47.62
CA PRO B 171 27.21 24.33 48.86
C PRO B 171 28.18 24.46 50.03
N ASN B 172 27.64 24.79 51.19
CA ASN B 172 28.46 25.10 52.35
C ASN B 172 28.98 23.82 53.01
N SER B 173 30.21 23.89 53.52
CA SER B 173 30.83 22.80 54.24
C SER B 173 30.86 23.13 55.73
N ASN B 174 30.58 22.14 56.56
CA ASN B 174 30.54 22.32 58.00
C ASN B 174 30.82 20.99 58.69
N PRO B 175 31.65 20.98 59.73
CA PRO B 175 31.89 19.71 60.44
C PRO B 175 30.70 19.27 61.28
N GLU B 176 29.85 20.20 61.71
CA GLU B 176 28.65 19.88 62.46
C GLU B 176 27.41 20.22 61.64
N HIS B 177 26.30 19.58 61.98
CA HIS B 177 25.04 19.77 61.27
C HIS B 177 24.42 21.09 61.71
N LYS B 178 24.86 22.17 61.07
CA LYS B 178 24.37 23.50 61.38
C LYS B 178 24.32 24.32 60.09
N LEU B 179 23.36 25.25 60.04
CA LEU B 179 23.16 26.08 58.86
C LEU B 179 24.00 27.34 58.96
N MET B 180 24.70 27.67 57.88
CA MET B 180 25.53 28.86 57.80
C MET B 180 25.12 29.66 56.56
N GLN B 181 25.65 30.87 56.46
CA GLN B 181 25.41 31.70 55.28
C GLN B 181 26.12 31.11 54.07
N PRO B 182 25.44 30.94 52.94
CA PRO B 182 26.09 30.34 51.77
C PRO B 182 27.08 31.29 51.12
N LYS B 183 28.13 30.70 50.55
CA LYS B 183 29.19 31.48 49.91
C LYS B 183 28.76 31.96 48.54
N ARG B 184 29.38 33.06 48.10
CA ARG B 184 29.07 33.65 46.80
C ARG B 184 30.35 34.25 46.24
N VAL B 185 30.95 33.60 45.24
CA VAL B 185 32.17 34.08 44.62
C VAL B 185 31.84 34.56 43.21
N ARG B 186 32.82 35.20 42.57
CA ARG B 186 32.70 35.71 41.21
C ARG B 186 33.85 35.16 40.38
N LEU B 187 33.54 34.24 39.48
CA LEU B 187 34.53 33.61 38.60
C LEU B 187 34.32 34.09 37.17
N HIS B 188 35.16 33.59 36.27
CA HIS B 188 35.07 33.92 34.86
C HIS B 188 35.16 32.65 34.02
N VAL B 189 34.47 32.66 32.89
CA VAL B 189 34.42 31.51 32.00
C VAL B 189 35.58 31.59 31.02
N ALA B 190 36.12 30.43 30.65
CA ALA B 190 37.20 30.31 29.68
C ALA B 190 36.81 29.26 28.66
N GLY B 191 36.07 29.67 27.64
CA GLY B 191 35.66 28.77 26.58
C GLY B 191 34.34 28.05 26.86
N ILE B 192 33.38 28.20 25.97
CA ILE B 192 32.11 27.50 26.05
C ILE B 192 32.16 26.30 25.10
N LEU B 193 31.29 25.34 25.36
CA LEU B 193 31.29 24.11 24.57
C LEU B 193 29.90 23.49 24.56
N GLN B 194 29.60 22.78 23.48
CA GLN B 194 28.39 21.98 23.35
C GLN B 194 28.78 20.55 23.05
N LEU B 195 27.93 19.59 23.44
CA LEU B 195 28.26 18.19 23.30
C LEU B 195 27.46 17.52 22.20
N SER B 196 26.13 17.41 22.34
CA SER B 196 25.31 17.27 21.14
C SER B 196 24.19 18.31 21.11
N GLY B 197 23.21 18.14 21.98
CA GLY B 197 22.20 19.16 22.25
C GLY B 197 21.59 19.04 23.63
N GLN B 198 22.11 18.11 24.44
CA GLN B 198 21.42 17.69 25.65
C GLN B 198 22.22 17.98 26.92
N LEU B 199 23.49 17.59 26.95
CA LEU B 199 24.34 17.78 28.12
C LEU B 199 25.02 19.15 28.14
N ASP B 200 24.50 20.12 27.40
CA ASP B 200 25.11 21.44 27.36
C ASP B 200 24.65 22.31 28.52
N HIS B 201 23.36 22.26 28.84
CA HIS B 201 22.81 23.03 29.95
C HIS B 201 22.80 22.24 31.26
N SER B 202 23.49 21.09 31.31
CA SER B 202 23.53 20.27 32.51
C SER B 202 24.94 19.76 32.76
N PHE B 203 25.94 20.60 32.52
CA PHE B 203 27.32 20.22 32.75
C PHE B 203 28.18 21.46 33.03
N ALA B 204 29.03 21.35 34.04
CA ALA B 204 30.02 22.38 34.36
C ALA B 204 31.16 21.71 35.11
N MET B 205 32.39 22.05 34.76
CA MET B 205 33.56 21.43 35.36
C MET B 205 34.49 22.48 35.96
N ILE B 206 35.13 22.11 37.05
CA ILE B 206 36.10 22.96 37.74
C ILE B 206 37.40 22.17 37.88
N PRO B 207 38.54 22.85 38.03
CA PRO B 207 39.78 22.14 38.32
C PRO B 207 39.75 21.47 39.68
N LEU B 208 40.58 20.42 39.82
CA LEU B 208 40.59 19.64 41.05
C LEU B 208 41.25 20.39 42.20
N ALA B 209 42.26 21.21 41.91
CA ALA B 209 42.91 21.99 42.96
C ALA B 209 42.04 23.14 43.45
N ASP B 210 41.13 23.63 42.61
CA ASP B 210 40.21 24.69 43.03
C ASP B 210 39.09 24.16 43.90
N ALA B 211 38.71 22.89 43.72
CA ALA B 211 37.65 22.31 44.54
C ALA B 211 38.11 22.00 45.96
N GLN B 212 39.42 21.86 46.16
CA GLN B 212 39.93 21.60 47.51
C GLN B 212 39.91 22.85 48.37
N GLN B 213 40.16 24.01 47.77
CA GLN B 213 40.17 25.26 48.52
C GLN B 213 38.79 25.87 48.69
N TYR B 214 37.83 25.48 47.86
CA TYR B 214 36.47 26.00 47.98
C TYR B 214 35.65 25.27 49.04
N LEU B 215 36.01 24.03 49.37
CA LEU B 215 35.22 23.20 50.27
C LEU B 215 35.97 22.86 51.55
N ASP B 216 37.14 23.47 51.77
CA ASP B 216 37.98 23.29 52.98
C ASP B 216 38.37 21.83 53.19
N MET B 217 38.83 21.19 52.11
CA MET B 217 39.30 19.81 52.13
C MET B 217 40.74 19.77 51.67
N GLY B 218 41.57 19.01 52.38
CA GLY B 218 42.97 18.90 52.02
C GLY B 218 43.23 18.09 50.77
N SER B 219 43.00 16.78 50.85
CA SER B 219 43.16 15.89 49.71
C SER B 219 42.04 14.86 49.67
N SER B 220 40.80 15.30 49.91
CA SER B 220 39.65 14.43 50.01
C SER B 220 38.81 14.55 48.74
N VAL B 221 38.49 13.41 48.13
CA VAL B 221 37.60 13.37 46.98
C VAL B 221 36.34 12.61 47.36
N SER B 222 35.38 12.53 46.44
CA SER B 222 34.11 11.87 46.70
C SER B 222 33.87 10.64 45.85
N GLY B 223 34.39 10.58 44.63
CA GLY B 223 34.12 9.47 43.75
C GLY B 223 35.29 9.15 42.84
N ILE B 224 35.23 7.98 42.23
CA ILE B 224 36.25 7.50 41.29
C ILE B 224 35.54 7.07 40.03
N ALA B 225 35.91 7.67 38.90
CA ALA B 225 35.32 7.37 37.60
C ALA B 225 36.32 6.59 36.76
N LEU B 226 35.86 5.51 36.14
CA LEU B 226 36.70 4.64 35.32
C LEU B 226 36.04 4.41 33.96
N LYS B 227 36.65 3.56 33.16
CA LYS B 227 36.12 3.17 31.85
C LYS B 227 36.67 1.79 31.51
N MET B 228 35.77 0.84 31.26
CA MET B 228 36.15 -0.53 30.97
C MET B 228 36.22 -0.73 29.45
N THR B 229 36.40 -1.98 29.03
CA THR B 229 36.59 -2.26 27.60
C THR B 229 35.26 -2.19 26.84
N ASP B 230 34.31 -3.06 27.19
CA ASP B 230 33.02 -3.10 26.52
C ASP B 230 31.95 -2.41 27.35
N VAL B 231 31.06 -1.70 26.66
CA VAL B 231 29.95 -1.02 27.31
C VAL B 231 28.69 -1.87 27.35
N PHE B 232 28.73 -3.09 26.80
CA PHE B 232 27.56 -3.95 26.76
C PHE B 232 27.35 -4.69 28.07
N ASN B 233 28.38 -4.80 28.90
CA ASN B 233 28.30 -5.50 30.17
C ASN B 233 28.79 -4.61 31.31
N ALA B 234 28.31 -3.36 31.35
CA ALA B 234 28.77 -2.39 32.32
C ALA B 234 28.15 -2.56 33.71
N ASN B 235 27.24 -3.52 33.87
CA ASN B 235 26.61 -3.75 35.17
C ASN B 235 27.34 -4.80 35.99
N LYS B 236 27.96 -5.79 35.33
CA LYS B 236 28.71 -6.83 36.04
C LYS B 236 30.15 -6.44 36.33
N LEU B 237 30.78 -5.68 35.43
CA LEU B 237 32.15 -5.24 35.60
C LEU B 237 32.30 -4.11 36.61
N VAL B 238 31.21 -3.47 37.01
CA VAL B 238 31.28 -2.42 38.02
C VAL B 238 31.08 -2.99 39.43
N ARG B 239 30.55 -4.20 39.56
CA ARG B 239 30.29 -4.78 40.87
C ARG B 239 31.57 -5.29 41.52
N ASP B 240 32.41 -6.00 40.76
CA ASP B 240 33.65 -6.53 41.30
C ASP B 240 34.78 -5.50 41.35
N ALA B 241 34.59 -4.33 40.75
CA ALA B 241 35.63 -3.30 40.76
C ALA B 241 35.72 -2.56 42.10
N GLY B 242 34.64 -2.55 42.88
CA GLY B 242 34.61 -1.87 44.16
C GLY B 242 34.77 -2.77 45.37
N GLU B 243 35.07 -4.05 45.19
CA GLU B 243 35.23 -4.99 46.29
C GLU B 243 36.66 -5.08 46.80
N VAL B 244 37.57 -4.24 46.28
CA VAL B 244 38.97 -4.27 46.69
C VAL B 244 39.32 -3.15 47.64
N THR B 245 38.37 -2.25 47.94
CA THR B 245 38.62 -1.11 48.83
C THR B 245 38.07 -1.36 50.23
N ASN B 246 36.77 -1.65 50.33
CA ASN B 246 36.12 -1.86 51.62
C ASN B 246 35.00 -2.88 51.43
N SER B 247 34.07 -2.93 52.38
CA SER B 247 33.01 -3.93 52.36
C SER B 247 31.99 -3.65 51.25
N TYR B 248 31.33 -2.49 51.32
CA TYR B 248 30.29 -2.16 50.35
C TYR B 248 30.26 -0.66 50.14
N VAL B 249 30.05 -0.25 48.89
CA VAL B 249 30.00 1.14 48.49
C VAL B 249 28.76 1.39 47.64
N TYR B 250 28.61 2.62 47.17
CA TYR B 250 27.55 2.97 46.23
C TYR B 250 28.05 2.69 44.82
N ILE B 251 27.44 1.70 44.15
CA ILE B 251 27.83 1.31 42.80
C ILE B 251 26.72 1.69 41.84
N LYS B 252 27.11 2.19 40.67
CA LYS B 252 26.17 2.57 39.62
C LYS B 252 26.92 2.57 38.30
N SER B 253 26.16 2.73 37.21
CA SER B 253 26.74 2.75 35.87
C SER B 253 25.85 3.62 34.99
N TRP B 254 26.11 3.58 33.69
CA TRP B 254 25.34 4.35 32.71
C TRP B 254 24.12 3.60 32.20
N ILE B 255 23.88 2.38 32.68
CA ILE B 255 22.71 1.63 32.24
C ILE B 255 21.44 2.20 32.89
N GLY B 256 21.52 2.57 34.17
CA GLY B 256 20.38 3.15 34.85
C GLY B 256 20.11 4.59 34.50
N THR B 257 21.08 5.29 33.93
CA THR B 257 20.94 6.70 33.58
C THR B 257 20.77 6.93 32.09
N TYR B 258 21.70 6.44 31.26
CA TYR B 258 21.65 6.64 29.83
C TYR B 258 21.51 5.34 29.05
N GLY B 259 21.15 4.24 29.72
CA GLY B 259 21.00 2.97 29.05
C GLY B 259 19.70 2.79 28.29
N TYR B 260 18.74 3.70 28.46
CA TYR B 260 17.46 3.62 27.77
C TYR B 260 17.55 4.06 26.32
N MET B 261 18.64 4.71 25.91
CA MET B 261 18.78 5.11 24.52
C MET B 261 19.11 3.93 23.63
N TYR B 262 19.83 2.94 24.16
CA TYR B 262 20.11 1.72 23.41
C TYR B 262 18.97 0.71 23.46
N ARG B 263 17.99 0.92 24.35
CA ARG B 263 16.83 0.04 24.40
C ARG B 263 15.80 0.42 23.35
N ASP B 264 15.54 1.73 23.19
CA ASP B 264 14.58 2.20 22.20
C ASP B 264 15.11 2.18 20.78
N ILE B 265 16.43 2.03 20.59
CA ILE B 265 16.97 1.97 19.24
C ILE B 265 16.73 0.61 18.60
N GLN B 266 16.41 -0.41 19.39
CA GLN B 266 16.10 -1.73 18.87
C GLN B 266 14.60 -1.99 18.76
N MET B 267 13.77 -1.15 19.40
CA MET B 267 12.33 -1.34 19.33
C MET B 267 11.76 -0.82 18.02
N ILE B 268 12.30 0.29 17.51
CA ILE B 268 11.83 0.83 16.23
C ILE B 268 12.30 -0.05 15.07
N ARG B 269 13.43 -0.75 15.24
CA ARG B 269 13.88 -1.69 14.22
C ARG B 269 12.99 -2.93 14.13
N ALA B 270 12.22 -3.22 15.18
CA ALA B 270 11.25 -4.31 15.15
C ALA B 270 9.85 -3.84 14.78
N ILE B 271 9.65 -2.54 14.60
CA ILE B 271 8.36 -1.97 14.22
C ILE B 271 8.39 -1.43 12.80
N MET B 272 9.43 -0.67 12.45
CA MET B 272 9.54 -0.12 11.10
C MET B 272 9.82 -1.21 10.08
N TYR B 273 10.59 -2.23 10.46
CA TYR B 273 10.78 -3.37 9.56
C TYR B 273 9.54 -4.23 9.47
N LEU B 274 8.75 -4.30 10.55
CA LEU B 274 7.50 -5.05 10.51
C LEU B 274 6.43 -4.30 9.73
N ALA B 275 6.46 -2.97 9.75
CA ALA B 275 5.49 -2.19 9.00
C ALA B 275 5.80 -2.18 7.51
N MET B 276 7.07 -2.27 7.14
CA MET B 276 7.44 -2.24 5.73
C MET B 276 7.12 -3.54 5.01
N VAL B 277 6.98 -4.65 5.74
CA VAL B 277 6.50 -5.89 5.13
C VAL B 277 5.04 -5.74 4.73
N LEU B 278 4.25 -5.05 5.55
CA LEU B 278 2.85 -4.79 5.24
C LEU B 278 2.67 -3.79 4.10
N VAL B 279 3.69 -2.97 3.81
CA VAL B 279 3.59 -2.05 2.68
C VAL B 279 3.77 -2.79 1.37
N ILE B 280 4.85 -3.57 1.26
CA ILE B 280 5.09 -4.35 0.04
C ILE B 280 4.15 -5.54 -0.04
N GLY B 281 3.59 -5.99 1.09
CA GLY B 281 2.62 -7.07 1.05
C GLY B 281 1.32 -6.68 0.37
N VAL B 282 0.90 -5.43 0.56
CA VAL B 282 -0.24 -4.92 -0.20
C VAL B 282 0.21 -4.53 -1.61
N ALA B 283 1.45 -4.06 -1.76
CA ALA B 283 1.98 -3.70 -3.07
C ALA B 283 2.23 -4.92 -3.95
N CYS B 284 2.38 -6.11 -3.36
CA CYS B 284 2.50 -7.33 -4.13
C CYS B 284 1.15 -7.81 -4.68
N PHE B 285 0.04 -7.25 -4.22
CA PHE B 285 -1.27 -7.60 -4.76
C PHE B 285 -1.50 -6.99 -6.13
N ASN B 286 -0.79 -5.91 -6.47
CA ASN B 286 -0.83 -5.39 -7.83
C ASN B 286 -0.17 -6.34 -8.82
N ILE B 287 0.81 -7.13 -8.36
CA ILE B 287 1.40 -8.16 -9.20
C ILE B 287 0.42 -9.31 -9.38
N VAL B 288 -0.41 -9.60 -8.37
CA VAL B 288 -1.42 -10.64 -8.51
C VAL B 288 -2.52 -10.20 -9.45
N SER B 289 -2.90 -8.91 -9.39
CA SER B 289 -3.99 -8.41 -10.23
C SER B 289 -3.60 -8.34 -11.69
N THR B 290 -2.32 -8.14 -11.99
CA THR B 290 -1.83 -8.10 -13.36
C THR B 290 -1.39 -9.46 -13.88
N LEU B 291 -1.39 -10.50 -13.03
CA LEU B 291 -1.02 -11.83 -13.46
C LEU B 291 -2.23 -12.68 -13.83
N VAL B 292 -3.36 -12.49 -13.15
CA VAL B 292 -4.59 -13.18 -13.53
C VAL B 292 -5.11 -12.63 -14.86
N MET B 293 -4.96 -11.32 -15.08
CA MET B 293 -5.33 -10.73 -16.37
C MET B 293 -4.36 -11.15 -17.47
N ALA B 294 -3.11 -11.46 -17.11
CA ALA B 294 -2.15 -11.94 -18.10
C ALA B 294 -2.41 -13.39 -18.50
N VAL B 295 -3.16 -14.14 -17.69
CA VAL B 295 -3.53 -15.51 -18.05
C VAL B 295 -4.57 -15.50 -19.16
N LYS B 296 -5.62 -14.70 -19.00
CA LYS B 296 -6.66 -14.61 -20.03
C LYS B 296 -6.21 -13.81 -21.24
N ASP B 297 -5.17 -12.98 -21.11
CA ASP B 297 -4.59 -12.31 -22.26
C ASP B 297 -3.82 -13.30 -23.12
N LYS B 298 -2.95 -14.10 -22.49
CA LYS B 298 -2.15 -15.10 -23.18
C LYS B 298 -2.79 -16.48 -23.15
N SER B 299 -4.13 -16.53 -23.05
CA SER B 299 -4.83 -17.81 -23.08
C SER B 299 -4.80 -18.45 -24.47
N GLY B 300 -4.62 -17.65 -25.51
CA GLY B 300 -4.42 -18.14 -26.85
C GLY B 300 -2.99 -18.51 -27.19
N ASP B 301 -2.11 -18.53 -26.20
CA ASP B 301 -0.72 -18.94 -26.39
C ASP B 301 -0.26 -20.06 -25.47
N ILE B 302 -0.93 -20.29 -24.34
CA ILE B 302 -0.60 -21.42 -23.49
C ILE B 302 -1.02 -22.73 -24.15
N ALA B 303 -2.21 -22.75 -24.76
CA ALA B 303 -2.70 -23.93 -25.45
C ALA B 303 -1.94 -24.22 -26.73
N VAL B 304 -1.22 -23.23 -27.28
CA VAL B 304 -0.35 -23.47 -28.42
C VAL B 304 0.87 -24.27 -27.99
N LEU B 305 1.51 -23.85 -26.89
CA LEU B 305 2.73 -24.51 -26.42
C LEU B 305 2.47 -25.92 -25.89
N ARG B 306 1.24 -26.18 -25.43
CA ARG B 306 0.88 -27.54 -25.04
C ARG B 306 0.78 -28.47 -26.25
N THR B 307 0.39 -27.94 -27.40
CA THR B 307 0.41 -28.73 -28.63
C THR B 307 1.82 -28.89 -29.17
N LEU B 308 2.70 -27.91 -28.94
CA LEU B 308 4.09 -28.01 -29.36
C LEU B 308 4.92 -28.94 -28.49
N GLY B 309 4.45 -29.28 -27.29
CA GLY B 309 5.13 -30.28 -26.49
C GLY B 309 5.74 -29.78 -25.20
N ALA B 310 5.13 -28.75 -24.60
CA ALA B 310 5.62 -28.23 -23.33
C ALA B 310 5.19 -29.14 -22.17
N LYS B 311 6.05 -29.22 -21.16
CA LYS B 311 5.80 -30.05 -20.00
C LYS B 311 4.99 -29.26 -18.96
N ASP B 312 4.82 -29.83 -17.77
CA ASP B 312 4.08 -29.15 -16.72
C ASP B 312 4.92 -28.07 -16.06
N GLY B 313 6.20 -28.32 -15.84
CA GLY B 313 7.06 -27.35 -15.19
C GLY B 313 7.44 -26.17 -16.06
N LEU B 314 7.27 -26.30 -17.38
CA LEU B 314 7.57 -25.18 -18.28
C LEU B 314 6.47 -24.13 -18.23
N ILE B 315 5.22 -24.55 -18.06
CA ILE B 315 4.11 -23.59 -18.02
C ILE B 315 4.05 -22.88 -16.68
N ARG B 316 4.44 -23.56 -15.59
CA ARG B 316 4.42 -22.94 -14.27
C ARG B 316 5.47 -21.85 -14.14
N ALA B 317 6.65 -22.07 -14.71
CA ALA B 317 7.78 -21.17 -14.50
C ALA B 317 7.79 -19.98 -15.46
N ILE B 318 6.84 -19.89 -16.39
CA ILE B 318 6.74 -18.70 -17.22
C ILE B 318 6.19 -17.53 -16.42
N PHE B 319 5.06 -17.74 -15.74
CA PHE B 319 4.40 -16.67 -14.99
C PHE B 319 5.06 -16.40 -13.64
N VAL B 320 5.97 -17.27 -13.18
CA VAL B 320 6.71 -17.00 -11.96
C VAL B 320 7.72 -15.88 -12.19
N TRP B 321 8.54 -16.02 -13.24
CA TRP B 321 9.51 -15.00 -13.59
C TRP B 321 8.90 -13.84 -14.37
N TYR B 322 7.64 -13.97 -14.82
CA TYR B 322 6.98 -12.83 -15.44
C TYR B 322 6.59 -11.79 -14.39
N GLY B 323 6.11 -12.25 -13.23
CA GLY B 323 5.84 -11.34 -12.14
C GLY B 323 7.09 -10.82 -11.45
N LEU B 324 8.20 -11.53 -11.57
CA LEU B 324 9.46 -11.04 -11.02
C LEU B 324 10.04 -9.91 -11.86
N LEU B 325 9.70 -9.83 -13.15
CA LEU B 325 10.15 -8.71 -13.97
C LEU B 325 9.45 -7.42 -13.59
N ALA B 326 8.17 -7.51 -13.20
CA ALA B 326 7.47 -6.33 -12.70
C ALA B 326 7.98 -5.93 -11.31
N GLY B 327 8.45 -6.91 -10.53
CA GLY B 327 9.06 -6.61 -9.24
C GLY B 327 10.50 -6.18 -9.33
N LEU B 328 11.19 -6.49 -10.43
CA LEU B 328 12.57 -6.07 -10.61
C LEU B 328 12.66 -4.59 -10.96
N PHE B 329 11.70 -4.08 -11.73
CA PHE B 329 11.71 -2.67 -12.11
C PHE B 329 11.28 -1.75 -10.98
N GLY B 330 10.60 -2.28 -9.97
CA GLY B 330 10.13 -1.45 -8.88
C GLY B 330 11.01 -1.49 -7.64
N SER B 331 11.56 -2.67 -7.34
CA SER B 331 12.43 -2.79 -6.18
C SER B 331 13.80 -2.17 -6.44
N LEU B 332 14.34 -2.33 -7.65
CA LEU B 332 15.63 -1.75 -7.97
C LEU B 332 15.54 -0.24 -8.16
N CYS B 333 14.36 0.29 -8.49
CA CYS B 333 14.18 1.73 -8.58
C CYS B 333 14.06 2.39 -7.21
N GLY B 334 13.81 1.62 -6.17
CA GLY B 334 13.79 2.15 -4.81
C GLY B 334 15.16 2.22 -4.21
N VAL B 335 16.11 1.44 -4.76
CA VAL B 335 17.49 1.48 -4.30
C VAL B 335 18.19 2.73 -4.82
N ILE B 336 17.94 3.10 -6.08
CA ILE B 336 18.58 4.26 -6.66
C ILE B 336 18.03 5.54 -6.05
N ILE B 337 16.73 5.58 -5.75
CA ILE B 337 16.15 6.73 -5.07
C ILE B 337 16.40 6.70 -3.57
N GLY B 338 16.89 5.58 -3.04
CA GLY B 338 17.15 5.48 -1.61
C GLY B 338 18.56 5.91 -1.21
N VAL B 339 19.50 5.83 -2.17
CA VAL B 339 20.88 6.21 -1.88
C VAL B 339 21.02 7.72 -1.80
N VAL B 340 20.32 8.45 -2.68
CA VAL B 340 20.46 9.90 -2.77
C VAL B 340 19.86 10.57 -1.54
N VAL B 341 18.75 10.06 -1.03
CA VAL B 341 18.14 10.63 0.17
C VAL B 341 18.95 10.26 1.42
N SER B 342 19.55 9.07 1.43
CA SER B 342 20.32 8.66 2.61
C SER B 342 21.66 9.38 2.67
N LEU B 343 22.35 9.52 1.54
CA LEU B 343 23.65 10.18 1.54
C LEU B 343 23.54 11.70 1.62
N GLN B 344 22.41 12.28 1.22
CA GLN B 344 22.23 13.72 1.27
C GLN B 344 21.04 14.08 2.14
N LEU B 345 20.94 13.46 3.32
CA LEU B 345 19.82 13.72 4.22
C LEU B 345 19.97 15.08 4.91
N THR B 346 21.20 15.58 5.04
CA THR B 346 21.45 16.84 5.74
C THR B 346 20.93 18.10 5.05
N PRO B 347 20.94 18.24 3.70
CA PRO B 347 20.19 19.38 3.12
C PRO B 347 18.70 19.11 2.94
N ILE B 348 18.27 17.85 2.98
CA ILE B 348 16.86 17.54 2.76
C ILE B 348 16.02 17.90 3.99
N ILE B 349 16.47 17.47 5.18
CA ILE B 349 15.75 17.74 6.41
C ILE B 349 15.82 19.23 6.76
N GLU B 350 16.96 19.87 6.46
CA GLU B 350 17.10 21.30 6.70
C GLU B 350 16.23 22.13 5.75
N TRP B 351 15.85 21.60 4.60
CA TRP B 351 15.00 22.34 3.68
C TRP B 351 13.55 22.38 4.15
N ILE B 352 13.08 21.31 4.78
CA ILE B 352 11.71 21.29 5.28
C ILE B 352 11.59 22.06 6.59
N GLU B 353 12.68 22.15 7.36
CA GLU B 353 12.62 22.85 8.64
C GLU B 353 12.56 24.36 8.46
N LYS B 354 13.08 24.88 7.35
CA LYS B 354 12.98 26.29 7.04
C LYS B 354 11.76 26.62 6.21
N LEU B 355 10.90 25.64 5.94
CA LEU B 355 9.64 25.85 5.22
C LEU B 355 8.48 26.11 6.17
N ILE B 356 8.23 25.17 7.09
CA ILE B 356 7.14 25.33 8.04
C ILE B 356 7.51 26.29 9.18
N GLY B 357 8.80 26.54 9.39
CA GLY B 357 9.23 27.42 10.46
C GLY B 357 9.49 26.69 11.76
N HIS B 358 8.47 26.00 12.29
CA HIS B 358 8.59 25.23 13.52
C HIS B 358 9.38 23.96 13.22
N GLN B 359 10.68 23.98 13.49
CA GLN B 359 11.52 22.83 13.24
C GLN B 359 11.36 21.78 14.32
N PHE B 360 11.37 20.52 13.92
CA PHE B 360 11.27 19.41 14.86
C PHE B 360 12.67 19.03 15.35
N LEU B 361 12.69 18.08 16.29
CA LEU B 361 13.90 17.54 16.92
C LEU B 361 14.73 18.64 17.58
N SER B 362 14.11 19.30 18.56
CA SER B 362 14.77 20.38 19.27
C SER B 362 15.77 19.83 20.28
N SER B 363 16.69 20.69 20.69
CA SER B 363 17.74 20.32 21.65
C SER B 363 17.32 20.62 23.09
N ASP B 364 16.14 20.15 23.47
CA ASP B 364 15.62 20.33 24.82
C ASP B 364 15.36 19.00 25.52
N ILE B 365 14.71 18.06 24.85
CA ILE B 365 14.39 16.76 25.43
C ILE B 365 15.17 15.63 24.75
N TYR B 366 15.39 15.74 23.44
CA TYR B 366 16.13 14.71 22.72
C TYR B 366 17.62 14.85 22.99
N PHE B 367 18.35 13.75 22.74
CA PHE B 367 19.79 13.72 22.98
C PHE B 367 20.59 14.40 21.89
N ILE B 368 19.98 14.71 20.75
CA ILE B 368 20.62 15.44 19.67
C ILE B 368 19.66 16.51 19.16
N ASP B 369 20.11 17.25 18.15
CA ASP B 369 19.27 18.28 17.51
C ASP B 369 19.14 18.12 16.00
N PHE B 370 20.05 17.40 15.35
CA PHE B 370 19.99 17.16 13.92
C PHE B 370 19.66 15.69 13.64
N LEU B 371 19.40 15.40 12.38
CA LEU B 371 19.07 14.04 11.95
C LEU B 371 20.28 13.44 11.22
N PRO B 372 21.04 12.56 11.85
CA PRO B 372 22.21 11.97 11.18
C PRO B 372 21.80 10.87 10.21
N SER B 373 22.77 10.43 9.42
CA SER B 373 22.54 9.39 8.42
C SER B 373 23.82 8.64 8.17
N GLU B 374 23.73 7.31 8.14
CA GLU B 374 24.88 6.45 7.86
C GLU B 374 24.39 5.28 7.01
N LEU B 375 24.65 5.34 5.71
CA LEU B 375 24.20 4.31 4.79
C LEU B 375 25.11 3.09 4.87
N HIS B 376 24.52 1.92 5.06
CA HIS B 376 25.24 0.66 5.10
C HIS B 376 24.84 -0.21 3.93
N TRP B 377 25.82 -0.87 3.32
CA TRP B 377 25.56 -1.74 2.17
C TRP B 377 25.04 -3.11 2.58
N LEU B 378 25.07 -3.45 3.86
CA LEU B 378 24.53 -4.74 4.30
C LEU B 378 23.00 -4.72 4.30
N ASP B 379 22.39 -3.56 4.57
CA ASP B 379 20.94 -3.44 4.53
C ASP B 379 20.39 -3.36 3.12
N VAL B 380 21.24 -3.07 2.13
CA VAL B 380 20.80 -3.07 0.74
C VAL B 380 20.54 -4.49 0.26
N PHE B 381 21.42 -5.43 0.64
CA PHE B 381 21.22 -6.83 0.27
C PHE B 381 20.10 -7.46 1.07
N TYR B 382 19.79 -6.93 2.26
CA TYR B 382 18.70 -7.48 3.06
C TYR B 382 17.34 -7.05 2.53
N VAL B 383 17.23 -5.82 2.01
CA VAL B 383 15.96 -5.37 1.47
C VAL B 383 15.75 -5.88 0.05
N LEU B 384 16.82 -6.30 -0.64
CA LEU B 384 16.66 -6.84 -1.99
C LEU B 384 16.15 -8.28 -1.96
N VAL B 385 16.57 -9.07 -0.97
CA VAL B 385 16.08 -10.44 -0.85
C VAL B 385 14.74 -10.51 -0.14
N THR B 386 14.27 -9.42 0.45
CA THR B 386 12.97 -9.38 1.10
C THR B 386 11.85 -9.03 0.12
N ALA B 387 12.11 -8.10 -0.80
CA ALA B 387 11.10 -7.74 -1.79
C ALA B 387 10.96 -8.80 -2.86
N LEU B 388 12.01 -9.59 -3.10
CA LEU B 388 11.93 -10.67 -4.09
C LEU B 388 11.28 -11.92 -3.49
N LEU B 389 11.40 -12.11 -2.17
CA LEU B 389 10.74 -13.25 -1.54
C LEU B 389 9.24 -13.02 -1.42
N LEU B 390 8.80 -11.77 -1.25
CA LEU B 390 7.38 -11.47 -1.24
C LEU B 390 6.80 -11.53 -2.65
N SER B 391 7.60 -11.26 -3.68
CA SER B 391 7.17 -11.42 -5.05
C SER B 391 7.09 -12.88 -5.47
N LEU B 392 7.83 -13.76 -4.79
CA LEU B 392 7.73 -15.19 -5.08
C LEU B 392 6.41 -15.75 -4.55
N LEU B 393 5.95 -15.25 -3.39
CA LEU B 393 4.68 -15.71 -2.84
C LEU B 393 3.50 -15.17 -3.63
N ALA B 394 3.61 -13.94 -4.13
CA ALA B 394 2.51 -13.33 -4.86
C ALA B 394 2.35 -13.91 -6.26
N SER B 395 3.44 -14.40 -6.85
CA SER B 395 3.42 -14.93 -8.21
C SER B 395 3.49 -16.45 -8.25
N TRP B 396 3.09 -17.13 -7.18
CA TRP B 396 3.07 -18.59 -7.13
C TRP B 396 1.67 -19.16 -7.31
N TYR B 397 0.67 -18.57 -6.66
CA TYR B 397 -0.71 -19.05 -6.75
C TYR B 397 -1.40 -18.71 -8.08
N PRO B 398 -1.20 -17.54 -8.71
CA PRO B 398 -1.69 -17.43 -10.11
C PRO B 398 -0.90 -18.27 -11.09
N ALA B 399 0.36 -18.59 -10.79
CA ALA B 399 1.13 -19.45 -11.68
C ALA B 399 0.69 -20.91 -11.58
N ARG B 400 0.11 -21.30 -10.42
CA ARG B 400 -0.41 -22.65 -10.28
C ARG B 400 -1.70 -22.83 -11.06
N ARG B 401 -2.51 -21.76 -11.18
CA ARG B 401 -3.75 -21.83 -11.93
C ARG B 401 -3.54 -21.82 -13.43
N ALA B 402 -2.36 -21.41 -13.90
CA ALA B 402 -2.09 -21.32 -15.33
C ALA B 402 -1.72 -22.67 -15.96
N SER B 403 -1.66 -23.74 -15.18
CA SER B 403 -1.32 -25.05 -15.71
C SER B 403 -2.47 -26.05 -15.66
N ASN B 404 -3.50 -25.78 -14.87
CA ASN B 404 -4.67 -26.64 -14.79
C ASN B 404 -5.73 -26.27 -15.83
N ILE B 405 -5.44 -25.33 -16.71
CA ILE B 405 -6.38 -24.96 -17.77
C ILE B 405 -6.31 -26.01 -18.87
N ASP B 406 -7.42 -26.22 -19.55
CA ASP B 406 -7.48 -27.25 -20.59
C ASP B 406 -7.12 -26.63 -21.93
N PRO B 407 -6.19 -27.23 -22.68
CA PRO B 407 -5.88 -26.70 -24.02
C PRO B 407 -6.95 -26.99 -25.05
N ALA B 408 -7.82 -27.97 -24.80
CA ALA B 408 -8.90 -28.28 -25.72
C ALA B 408 -10.18 -27.53 -25.39
N ARG B 409 -10.26 -26.88 -24.24
CA ARG B 409 -11.45 -26.10 -23.89
C ARG B 409 -11.52 -24.80 -24.67
N VAL B 410 -10.39 -24.12 -24.83
CA VAL B 410 -10.32 -22.89 -25.60
C VAL B 410 -10.35 -23.24 -27.09
N LEU B 411 -10.59 -22.25 -27.94
CA LEU B 411 -10.69 -22.46 -29.38
C LEU B 411 -9.29 -22.64 -29.95
N SER B 412 -8.78 -23.87 -29.82
CA SER B 412 -7.44 -24.20 -30.27
C SER B 412 -7.41 -25.57 -30.93
N ILE C 4 1.75 -51.56 -39.03
CA ILE C 4 0.63 -50.72 -38.65
C ILE C 4 1.07 -49.73 -37.56
N LEU C 5 0.77 -48.45 -37.77
CA LEU C 5 1.24 -47.41 -36.86
C LEU C 5 0.23 -47.13 -35.75
N LEU C 6 -0.99 -46.72 -36.13
CA LEU C 6 -2.01 -46.35 -35.15
C LEU C 6 -3.32 -47.02 -35.56
N GLN C 7 -3.78 -47.96 -34.73
CA GLN C 7 -5.08 -48.61 -34.90
C GLN C 7 -5.94 -48.15 -33.73
N CYS C 8 -6.60 -47.01 -33.91
CA CYS C 8 -7.36 -46.37 -32.83
C CYS C 8 -8.77 -46.92 -32.80
N ASP C 9 -9.20 -47.38 -31.62
CA ASP C 9 -10.52 -47.92 -31.40
C ASP C 9 -11.11 -47.35 -30.13
N ASN C 10 -12.45 -47.39 -30.04
CA ASN C 10 -13.25 -46.92 -28.91
C ASN C 10 -12.99 -45.43 -28.62
N LEU C 11 -13.39 -44.62 -29.59
CA LEU C 11 -13.19 -43.16 -29.54
C LEU C 11 -14.46 -42.41 -29.17
N CYS C 12 -15.28 -42.94 -28.27
CA CYS C 12 -16.52 -42.27 -27.86
C CYS C 12 -16.19 -41.12 -26.91
N LYS C 13 -16.57 -39.90 -27.30
CA LYS C 13 -16.29 -38.69 -26.52
C LYS C 13 -17.61 -38.20 -25.94
N ARG C 14 -17.84 -38.50 -24.66
CA ARG C 14 -19.04 -38.07 -23.96
C ARG C 14 -18.66 -36.90 -23.04
N TYR C 15 -18.63 -35.70 -23.63
CA TYR C 15 -18.29 -34.49 -22.90
C TYR C 15 -19.56 -33.84 -22.36
N GLN C 16 -19.53 -33.45 -21.09
CA GLN C 16 -20.68 -32.85 -20.43
C GLN C 16 -20.76 -31.37 -20.81
N GLU C 17 -21.29 -31.12 -22.00
CA GLU C 17 -21.49 -29.76 -22.50
C GLU C 17 -22.81 -29.25 -21.97
N GLY C 18 -22.77 -28.68 -20.77
CA GLY C 18 -23.97 -28.21 -20.11
C GLY C 18 -24.80 -29.32 -19.51
N SER C 19 -24.11 -30.21 -18.77
CA SER C 19 -24.70 -31.38 -18.11
C SER C 19 -25.42 -32.30 -19.10
N VAL C 20 -24.83 -32.46 -20.28
CA VAL C 20 -25.39 -33.31 -21.32
C VAL C 20 -24.23 -33.93 -22.09
N GLN C 21 -24.14 -35.26 -22.08
CA GLN C 21 -23.06 -35.96 -22.75
C GLN C 21 -23.30 -35.93 -24.26
N THR C 22 -22.39 -35.30 -25.00
CA THR C 22 -22.52 -35.22 -26.44
C THR C 22 -22.15 -36.54 -27.10
N ASP C 23 -22.69 -36.75 -28.30
CA ASP C 23 -22.38 -37.94 -29.07
C ASP C 23 -21.81 -37.55 -30.43
N VAL C 24 -20.87 -36.61 -30.45
CA VAL C 24 -20.31 -36.15 -31.72
C VAL C 24 -19.37 -37.20 -32.32
N LEU C 25 -18.73 -38.02 -31.48
CA LEU C 25 -17.90 -39.14 -31.92
C LEU C 25 -18.33 -40.38 -31.15
N HIS C 26 -18.54 -41.48 -31.87
CA HIS C 26 -19.11 -42.70 -31.28
C HIS C 26 -18.47 -43.91 -31.95
N ASN C 27 -17.54 -44.57 -31.24
CA ASN C 27 -16.92 -45.85 -31.61
C ASN C 27 -16.23 -45.78 -32.97
N VAL C 28 -15.19 -44.95 -33.03
CA VAL C 28 -14.39 -44.80 -34.25
C VAL C 28 -13.34 -45.89 -34.28
N SER C 29 -13.41 -46.76 -35.30
CA SER C 29 -12.44 -47.83 -35.52
C SER C 29 -11.49 -47.49 -36.65
N PHE C 30 -11.08 -46.22 -36.75
CA PHE C 30 -10.23 -45.77 -37.84
C PHE C 30 -8.81 -46.31 -37.69
N SER C 31 -8.19 -46.64 -38.82
CA SER C 31 -6.85 -47.19 -38.87
C SER C 31 -5.93 -46.22 -39.61
N VAL C 32 -4.79 -45.92 -39.00
CA VAL C 32 -3.80 -44.99 -39.55
C VAL C 32 -2.56 -45.77 -39.95
N GLY C 33 -2.11 -45.58 -41.19
CA GLY C 33 -0.94 -46.26 -41.71
C GLY C 33 0.25 -45.32 -41.87
N GLU C 34 1.39 -45.93 -42.16
CA GLU C 34 2.64 -45.18 -42.34
C GLU C 34 2.73 -44.68 -43.78
N GLY C 35 2.80 -43.36 -43.95
CA GLY C 35 2.92 -42.77 -45.26
C GLY C 35 1.66 -42.79 -46.10
N GLU C 36 0.52 -43.03 -45.47
CA GLU C 36 -0.75 -43.08 -46.18
C GLU C 36 -1.54 -41.80 -45.94
N MET C 37 -2.28 -41.38 -46.97
CA MET C 37 -2.99 -40.11 -46.98
C MET C 37 -4.49 -40.37 -46.92
N MET C 38 -5.08 -40.18 -45.74
CA MET C 38 -6.51 -40.33 -45.54
C MET C 38 -7.15 -38.96 -45.35
N ALA C 39 -8.14 -38.65 -46.19
CA ALA C 39 -8.88 -37.39 -46.15
C ALA C 39 -10.24 -37.67 -45.55
N ILE C 40 -10.41 -37.34 -44.27
CA ILE C 40 -11.68 -37.52 -43.58
C ILE C 40 -12.54 -36.30 -43.85
N VAL C 41 -13.61 -36.48 -44.61
CA VAL C 41 -14.51 -35.41 -45.01
C VAL C 41 -15.73 -35.44 -44.09
N GLY C 42 -15.89 -34.41 -43.27
CA GLY C 42 -17.00 -34.32 -42.34
C GLY C 42 -17.84 -33.07 -42.58
N SER C 43 -18.85 -32.92 -41.72
CA SER C 43 -19.76 -31.80 -41.80
C SER C 43 -19.11 -30.55 -41.19
N SER C 44 -19.80 -29.42 -41.33
CA SER C 44 -19.25 -28.14 -40.90
C SER C 44 -19.29 -27.95 -39.39
N GLY C 45 -20.11 -28.74 -38.67
CA GLY C 45 -20.20 -28.58 -37.23
C GLY C 45 -20.38 -29.87 -36.46
N SER C 46 -20.14 -31.02 -37.09
CA SER C 46 -20.50 -32.29 -36.46
C SER C 46 -19.42 -32.78 -35.50
N GLY C 47 -18.25 -33.15 -36.01
CA GLY C 47 -17.26 -33.82 -35.19
C GLY C 47 -15.80 -33.57 -35.54
N LYS C 48 -15.51 -32.50 -36.27
CA LYS C 48 -14.18 -32.34 -36.85
C LYS C 48 -13.13 -31.95 -35.82
N SER C 49 -13.32 -30.81 -35.14
CA SER C 49 -12.30 -30.29 -34.23
C SER C 49 -12.22 -31.09 -32.93
N THR C 50 -13.24 -31.86 -32.60
CA THR C 50 -13.15 -32.76 -31.45
C THR C 50 -12.24 -33.94 -31.77
N LEU C 51 -12.32 -34.45 -33.00
CA LEU C 51 -11.47 -35.58 -33.41
C LEU C 51 -10.02 -35.16 -33.56
N LEU C 52 -9.78 -33.92 -34.01
CA LEU C 52 -8.41 -33.44 -34.22
C LEU C 52 -7.69 -33.15 -32.91
N HIS C 53 -8.42 -33.04 -31.80
CA HIS C 53 -7.79 -32.81 -30.50
C HIS C 53 -7.63 -34.08 -29.66
N LEU C 54 -8.34 -35.16 -29.99
CA LEU C 54 -8.21 -36.40 -29.25
C LEU C 54 -7.03 -37.25 -29.70
N LEU C 55 -6.66 -37.21 -30.98
CA LEU C 55 -5.52 -37.99 -31.45
C LEU C 55 -4.19 -37.37 -31.02
N GLY C 56 -4.19 -36.11 -30.60
CA GLY C 56 -2.98 -35.45 -30.15
C GLY C 56 -2.64 -35.76 -28.71
N GLY C 57 -3.63 -35.68 -27.82
CA GLY C 57 -3.40 -35.95 -26.41
C GLY C 57 -3.84 -34.82 -25.51
N LEU C 58 -4.53 -33.82 -26.09
CA LEU C 58 -5.01 -32.70 -25.29
C LEU C 58 -6.19 -33.11 -24.42
N ASP C 59 -7.18 -33.75 -25.03
CA ASP C 59 -8.37 -34.20 -24.31
C ASP C 59 -8.27 -35.69 -23.99
N THR C 60 -8.98 -36.12 -22.95
CA THR C 60 -8.98 -37.51 -22.50
C THR C 60 -9.84 -38.36 -23.45
N PRO C 61 -9.42 -39.60 -23.73
CA PRO C 61 -10.21 -40.44 -24.64
C PRO C 61 -11.54 -40.91 -24.05
N THR C 62 -11.60 -41.12 -22.73
CA THR C 62 -12.75 -41.30 -21.83
C THR C 62 -13.69 -42.45 -22.18
N SER C 63 -13.41 -43.21 -23.23
CA SER C 63 -14.08 -44.49 -23.48
C SER C 63 -13.08 -45.63 -23.64
N GLY C 64 -12.05 -45.44 -24.47
CA GLY C 64 -11.03 -46.44 -24.68
C GLY C 64 -9.64 -45.85 -24.63
N ASP C 65 -8.86 -46.03 -25.69
CA ASP C 65 -7.51 -45.51 -25.74
C ASP C 65 -7.10 -45.29 -27.19
N VAL C 66 -6.13 -44.40 -27.38
CA VAL C 66 -5.55 -44.12 -28.68
C VAL C 66 -4.13 -44.69 -28.64
N ILE C 67 -3.97 -45.93 -29.11
CA ILE C 67 -2.70 -46.64 -28.98
C ILE C 67 -1.86 -46.27 -30.20
N PHE C 68 -1.09 -45.20 -30.07
CA PHE C 68 -0.22 -44.72 -31.14
C PHE C 68 1.17 -45.31 -30.94
N ASN C 69 1.65 -46.03 -31.96
CA ASN C 69 2.95 -46.72 -31.97
C ASN C 69 3.08 -47.69 -30.79
N GLY C 70 2.00 -48.39 -30.49
CA GLY C 70 2.02 -49.37 -29.41
C GLY C 70 1.96 -48.80 -28.01
N GLN C 71 1.56 -47.53 -27.86
CA GLN C 71 1.46 -46.88 -26.56
C GLN C 71 0.15 -46.12 -26.48
N PRO C 72 -0.72 -46.43 -25.52
CA PRO C 72 -1.98 -45.70 -25.39
C PRO C 72 -1.79 -44.36 -24.70
N MET C 73 -2.77 -43.48 -24.92
CA MET C 73 -2.76 -42.17 -24.26
C MET C 73 -3.28 -42.25 -22.84
N SER C 74 -4.21 -43.16 -22.57
CA SER C 74 -4.77 -43.32 -21.23
C SER C 74 -3.80 -43.95 -20.24
N LYS C 75 -2.81 -44.70 -20.74
CA LYS C 75 -1.82 -45.33 -19.88
C LYS C 75 -0.56 -44.49 -19.71
N LEU C 76 -0.32 -43.52 -20.60
CA LEU C 76 0.83 -42.64 -20.49
C LEU C 76 0.49 -41.45 -19.59
N SER C 77 1.53 -40.89 -18.96
CA SER C 77 1.36 -39.75 -18.08
C SER C 77 1.26 -38.45 -18.88
N SER C 78 1.08 -37.34 -18.17
CA SER C 78 1.01 -36.05 -18.84
C SER C 78 2.37 -35.59 -19.33
N ALA C 79 3.44 -36.00 -18.66
CA ALA C 79 4.79 -35.67 -19.12
C ALA C 79 5.20 -36.51 -20.32
N ALA C 80 4.76 -37.78 -20.37
CA ALA C 80 5.09 -38.63 -21.50
C ALA C 80 4.30 -38.25 -22.75
N LYS C 81 3.08 -37.75 -22.57
CA LYS C 81 2.29 -37.28 -23.71
C LYS C 81 2.79 -35.92 -24.21
N ALA C 82 3.52 -35.17 -23.38
CA ALA C 82 4.14 -33.94 -23.84
C ALA C 82 5.33 -34.24 -24.76
N GLU C 83 6.06 -35.31 -24.47
CA GLU C 83 7.13 -35.74 -25.36
C GLU C 83 6.58 -36.39 -26.63
N LEU C 84 5.35 -36.90 -26.59
CA LEU C 84 4.76 -37.48 -27.79
C LEU C 84 4.31 -36.40 -28.76
N ARG C 85 3.87 -35.25 -28.26
CA ARG C 85 3.42 -34.15 -29.11
C ARG C 85 4.56 -33.28 -29.62
N ASN C 86 5.80 -33.54 -29.20
CA ASN C 86 6.95 -32.74 -29.60
C ASN C 86 7.74 -33.37 -30.73
N GLN C 87 8.16 -34.63 -30.57
CA GLN C 87 9.02 -35.28 -31.55
C GLN C 87 8.30 -36.29 -32.43
N LYS C 88 7.02 -36.56 -32.19
CA LYS C 88 6.30 -37.55 -32.96
C LYS C 88 5.05 -37.03 -33.65
N LEU C 89 4.59 -35.83 -33.33
CA LEU C 89 3.36 -35.28 -33.90
C LEU C 89 3.60 -33.88 -34.43
N GLY C 90 2.66 -33.41 -35.22
CA GLY C 90 2.65 -32.03 -35.68
C GLY C 90 1.23 -31.51 -35.69
N PHE C 91 1.09 -30.21 -35.46
CA PHE C 91 -0.22 -29.57 -35.32
C PHE C 91 -0.32 -28.41 -36.29
N ILE C 92 -1.28 -28.48 -37.21
CA ILE C 92 -1.56 -27.41 -38.17
C ILE C 92 -3.03 -27.02 -37.99
N TYR C 93 -3.27 -25.74 -37.72
CA TYR C 93 -4.61 -25.23 -37.48
C TYR C 93 -4.93 -24.15 -38.51
N GLN C 94 -6.09 -23.50 -38.34
CA GLN C 94 -6.57 -22.47 -39.24
C GLN C 94 -6.99 -21.22 -38.49
N PHE C 95 -6.39 -20.98 -37.32
CA PHE C 95 -6.74 -19.82 -36.50
C PHE C 95 -5.51 -18.99 -36.15
N HIS C 96 -4.40 -19.18 -36.87
CA HIS C 96 -3.12 -18.47 -36.68
C HIS C 96 -2.60 -18.66 -35.25
N HIS C 97 -2.29 -19.91 -34.94
CA HIS C 97 -1.79 -20.29 -33.62
C HIS C 97 -0.27 -20.16 -33.57
N LEU C 98 0.18 -18.92 -33.66
CA LEU C 98 1.59 -18.58 -33.57
C LEU C 98 1.77 -17.50 -32.51
N LEU C 99 2.93 -17.53 -31.86
CA LEU C 99 3.21 -16.59 -30.78
C LEU C 99 3.57 -15.23 -31.35
N PRO C 100 2.78 -14.18 -31.07
CA PRO C 100 3.09 -12.86 -31.63
C PRO C 100 4.23 -12.14 -30.92
N ASP C 101 4.62 -12.58 -29.73
CA ASP C 101 5.71 -11.95 -28.99
C ASP C 101 7.09 -12.34 -29.51
N PHE C 102 7.17 -13.36 -30.36
CA PHE C 102 8.42 -13.81 -30.95
C PHE C 102 8.46 -13.43 -32.43
N THR C 103 9.65 -13.59 -33.02
CA THR C 103 9.82 -13.33 -34.43
C THR C 103 9.45 -14.56 -35.25
N ALA C 104 9.61 -14.47 -36.57
CA ALA C 104 9.29 -15.60 -37.44
C ALA C 104 10.32 -16.71 -37.37
N LEU C 105 11.53 -16.43 -36.89
CA LEU C 105 12.54 -17.47 -36.73
C LEU C 105 12.33 -18.26 -35.45
N GLU C 106 11.94 -17.61 -34.36
CA GLU C 106 11.74 -18.29 -33.09
C GLU C 106 10.44 -19.07 -33.04
N ASN C 107 9.48 -18.77 -33.92
CA ASN C 107 8.23 -19.52 -33.94
C ASN C 107 8.44 -20.91 -34.53
N VAL C 108 9.29 -21.02 -35.55
CA VAL C 108 9.62 -22.33 -36.10
C VAL C 108 10.56 -23.08 -35.17
N ALA C 109 11.49 -22.37 -34.51
CA ALA C 109 12.45 -22.98 -33.61
C ALA C 109 11.90 -23.22 -32.21
N MET C 110 10.61 -22.94 -31.97
CA MET C 110 9.98 -23.13 -30.67
C MET C 110 9.80 -24.60 -30.23
N PRO C 111 9.45 -25.57 -31.10
CA PRO C 111 9.49 -26.97 -30.62
C PRO C 111 10.88 -27.49 -30.33
N LEU C 112 11.92 -26.92 -30.95
CA LEU C 112 13.28 -27.36 -30.65
C LEU C 112 13.81 -26.77 -29.35
N LEU C 113 13.36 -25.56 -28.99
CA LEU C 113 13.82 -24.96 -27.73
C LEU C 113 13.13 -25.58 -26.53
N ILE C 114 11.94 -26.14 -26.72
CA ILE C 114 11.22 -26.79 -25.62
C ILE C 114 11.84 -28.15 -25.32
N GLY C 115 12.18 -28.92 -26.35
CA GLY C 115 12.68 -30.27 -26.19
C GLY C 115 14.12 -30.41 -25.74
N LYS C 116 14.77 -29.29 -25.43
CA LYS C 116 16.14 -29.21 -24.89
C LYS C 116 17.17 -29.86 -25.80
N LYS C 117 17.31 -29.28 -27.00
CA LYS C 117 18.29 -29.73 -27.97
C LYS C 117 19.54 -28.88 -27.88
N LYS C 118 20.56 -29.27 -28.66
CA LYS C 118 21.81 -28.53 -28.68
C LYS C 118 21.63 -27.22 -29.45
N PRO C 119 22.29 -26.13 -29.01
CA PRO C 119 22.09 -24.83 -29.66
C PRO C 119 22.67 -24.73 -31.06
N ALA C 120 23.52 -25.67 -31.49
CA ALA C 120 24.04 -25.66 -32.84
C ALA C 120 23.02 -26.17 -33.86
N GLU C 121 21.94 -26.81 -33.41
CA GLU C 121 20.93 -27.35 -34.30
C GLU C 121 19.63 -26.56 -34.29
N ILE C 122 19.50 -25.54 -33.44
CA ILE C 122 18.27 -24.76 -33.39
C ILE C 122 18.21 -23.78 -34.56
N ASN C 123 19.28 -23.01 -34.75
CA ASN C 123 19.27 -21.97 -35.79
C ASN C 123 19.45 -22.55 -37.18
N SER C 124 20.14 -23.69 -37.30
CA SER C 124 20.37 -24.28 -38.61
C SER C 124 19.12 -24.95 -39.16
N ARG C 125 18.38 -25.67 -38.31
CA ARG C 125 17.16 -26.34 -38.75
C ARG C 125 15.99 -25.40 -38.92
N ALA C 126 16.01 -24.24 -38.26
CA ALA C 126 14.92 -23.28 -38.42
C ALA C 126 15.00 -22.58 -39.77
N LEU C 127 16.20 -22.42 -40.33
CA LEU C 127 16.35 -21.81 -41.64
C LEU C 127 16.09 -22.79 -42.77
N GLU C 128 16.19 -24.09 -42.52
CA GLU C 128 15.93 -25.09 -43.55
C GLU C 128 14.44 -25.24 -43.84
N MET C 129 13.59 -25.10 -42.83
CA MET C 129 12.15 -25.21 -43.05
C MET C 129 11.60 -23.96 -43.73
N LEU C 130 12.18 -22.80 -43.45
CA LEU C 130 11.75 -21.57 -44.12
C LEU C 130 12.26 -21.50 -45.56
N LYS C 131 13.38 -22.16 -45.85
CA LYS C 131 13.89 -22.18 -47.21
C LYS C 131 13.13 -23.16 -48.09
N ALA C 132 12.59 -24.23 -47.51
CA ALA C 132 11.80 -25.19 -48.29
C ALA C 132 10.44 -24.61 -48.65
N VAL C 133 9.83 -23.85 -47.73
CA VAL C 133 8.58 -23.17 -48.05
C VAL C 133 8.84 -21.96 -48.92
N GLY C 134 9.91 -21.21 -48.64
CA GLY C 134 10.22 -20.02 -49.39
C GLY C 134 10.05 -18.75 -48.59
N LEU C 135 10.34 -18.82 -47.29
CA LEU C 135 10.21 -17.70 -46.38
C LEU C 135 11.53 -17.38 -45.69
N ASP C 136 12.64 -17.49 -46.44
CA ASP C 136 13.94 -17.18 -45.90
C ASP C 136 14.27 -15.68 -45.96
N HIS C 137 13.62 -14.94 -46.85
CA HIS C 137 13.86 -13.51 -46.95
C HIS C 137 13.15 -12.72 -45.86
N ARG C 138 12.15 -13.29 -45.21
CA ARG C 138 11.44 -12.66 -44.10
C ARG C 138 11.55 -13.53 -42.85
N ALA C 139 12.75 -14.06 -42.59
CA ALA C 139 12.96 -14.91 -41.42
C ALA C 139 13.00 -14.09 -40.13
N ASN C 140 13.67 -12.94 -40.16
CA ASN C 140 13.74 -12.06 -38.99
C ASN C 140 12.65 -11.00 -39.02
N HIS C 141 11.41 -11.45 -39.16
CA HIS C 141 10.25 -10.58 -39.19
C HIS C 141 9.26 -10.99 -38.10
N ARG C 142 8.29 -10.13 -37.86
CA ARG C 142 7.27 -10.40 -36.85
C ARG C 142 5.97 -10.83 -37.51
N PRO C 143 5.21 -11.77 -36.90
CA PRO C 143 3.93 -12.23 -37.48
C PRO C 143 2.74 -11.30 -37.19
N SER C 144 2.92 -10.01 -37.44
CA SER C 144 1.86 -9.04 -37.26
C SER C 144 1.73 -8.14 -38.48
N GLU C 145 2.84 -7.96 -39.21
CA GLU C 145 2.84 -7.13 -40.41
C GLU C 145 2.75 -7.95 -41.69
N LEU C 146 2.95 -9.26 -41.62
CA LEU C 146 2.81 -10.10 -42.80
C LEU C 146 1.34 -10.33 -43.13
N SER C 147 1.10 -10.82 -44.34
CA SER C 147 -0.26 -11.06 -44.79
C SER C 147 -0.83 -12.32 -44.15
N GLY C 148 -2.14 -12.50 -44.30
CA GLY C 148 -2.79 -13.67 -43.73
C GLY C 148 -2.45 -14.95 -44.46
N GLY C 149 -2.18 -14.86 -45.76
CA GLY C 149 -1.77 -16.03 -46.51
C GLY C 149 -0.32 -16.44 -46.32
N GLU C 150 0.52 -15.51 -45.83
CA GLU C 150 1.92 -15.79 -45.62
C GLU C 150 2.22 -16.31 -44.22
N ARG C 151 1.42 -15.91 -43.23
CA ARG C 151 1.65 -16.33 -41.85
C ARG C 151 1.19 -17.77 -41.59
N GLN C 152 0.29 -18.30 -42.43
CA GLN C 152 -0.14 -19.68 -42.24
C GLN C 152 0.93 -20.67 -42.64
N ARG C 153 1.81 -20.29 -43.57
CA ARG C 153 2.91 -21.17 -43.97
C ARG C 153 4.00 -21.28 -42.91
N VAL C 154 4.07 -20.32 -41.98
CA VAL C 154 5.03 -20.41 -40.89
C VAL C 154 4.60 -21.48 -39.90
N ALA C 155 3.30 -21.56 -39.60
CA ALA C 155 2.79 -22.57 -38.67
C ALA C 155 2.83 -23.97 -39.26
N ILE C 156 2.82 -24.09 -40.59
CA ILE C 156 2.98 -25.40 -41.22
C ILE C 156 4.42 -25.88 -41.08
N ALA C 157 5.39 -24.98 -41.34
CA ALA C 157 6.79 -25.31 -41.15
C ALA C 157 7.17 -25.42 -39.68
N ARG C 158 6.33 -24.90 -38.78
CA ARG C 158 6.54 -25.07 -37.35
C ARG C 158 6.37 -26.53 -36.93
N ALA C 159 5.51 -27.27 -37.62
CA ALA C 159 5.25 -28.66 -37.24
C ALA C 159 6.38 -29.59 -37.70
N LEU C 160 6.74 -29.54 -38.98
CA LEU C 160 7.77 -30.44 -39.52
C LEU C 160 9.15 -29.85 -39.28
N VAL C 161 9.64 -30.04 -38.05
CA VAL C 161 10.98 -29.62 -37.65
C VAL C 161 11.82 -30.82 -37.21
N ASN C 162 11.34 -31.58 -36.24
CA ASN C 162 12.07 -32.71 -35.66
C ASN C 162 11.55 -34.05 -36.19
N ASN C 163 11.16 -34.09 -37.47
CA ASN C 163 10.69 -35.25 -38.23
C ASN C 163 9.52 -35.96 -37.55
N PRO C 164 8.32 -35.39 -37.56
CA PRO C 164 7.19 -36.04 -36.88
C PRO C 164 6.69 -37.24 -37.63
N ARG C 165 5.92 -38.08 -36.93
CA ARG C 165 5.38 -39.29 -37.51
C ARG C 165 3.96 -39.12 -38.03
N LEU C 166 3.17 -38.22 -37.43
CA LEU C 166 1.80 -37.96 -37.87
C LEU C 166 1.53 -36.47 -37.70
N VAL C 167 1.43 -35.76 -38.82
CA VAL C 167 1.18 -34.32 -38.81
C VAL C 167 -0.33 -34.12 -38.82
N LEU C 168 -0.90 -33.85 -37.64
CA LEU C 168 -2.33 -33.61 -37.52
C LEU C 168 -2.65 -32.22 -38.05
N ALA C 169 -3.46 -32.16 -39.11
CA ALA C 169 -3.79 -30.90 -39.78
C ALA C 169 -5.28 -30.63 -39.66
N ASP C 170 -5.62 -29.54 -38.98
CA ASP C 170 -7.02 -29.10 -38.86
C ASP C 170 -7.20 -27.94 -39.82
N GLU C 171 -7.77 -28.23 -41.01
CA GLU C 171 -8.05 -27.30 -42.10
C GLU C 171 -6.82 -26.51 -42.53
N PRO C 172 -5.89 -27.12 -43.28
CA PRO C 172 -4.68 -26.38 -43.70
C PRO C 172 -4.97 -25.17 -44.58
N THR C 173 -5.98 -25.27 -45.45
CA THR C 173 -6.44 -24.11 -46.20
C THR C 173 -7.43 -23.30 -45.35
N GLY C 174 -7.78 -22.12 -45.85
CA GLY C 174 -8.70 -21.25 -45.15
C GLY C 174 -8.11 -19.90 -44.82
N ASN C 175 -6.83 -19.89 -44.41
CA ASN C 175 -6.11 -18.65 -44.16
C ASN C 175 -5.24 -18.23 -45.33
N LEU C 176 -4.86 -19.17 -46.20
CA LEU C 176 -4.09 -18.88 -47.40
C LEU C 176 -4.86 -19.36 -48.61
N ASP C 177 -4.46 -18.85 -49.78
CA ASP C 177 -5.16 -19.15 -51.02
C ASP C 177 -4.85 -20.57 -51.50
N ALA C 178 -5.63 -21.03 -52.47
CA ALA C 178 -5.44 -22.36 -53.03
C ALA C 178 -4.22 -22.43 -53.94
N ARG C 179 -3.76 -21.29 -54.47
CA ARG C 179 -2.55 -21.30 -55.28
C ARG C 179 -1.32 -21.53 -54.42
N ASN C 180 -1.26 -20.92 -53.24
CA ASN C 180 -0.17 -21.18 -52.31
C ASN C 180 -0.34 -22.51 -51.58
N ALA C 181 -1.57 -23.02 -51.49
CA ALA C 181 -1.80 -24.34 -50.92
C ALA C 181 -1.40 -25.46 -51.87
N ASP C 182 -1.28 -25.17 -53.17
CA ASP C 182 -0.79 -26.15 -54.12
C ASP C 182 0.73 -26.23 -54.14
N SER C 183 1.42 -25.17 -53.71
CA SER C 183 2.87 -25.18 -53.68
C SER C 183 3.41 -25.96 -52.49
N ILE C 184 2.65 -26.04 -51.40
CA ILE C 184 3.08 -26.79 -50.23
C ILE C 184 2.72 -28.27 -50.32
N PHE C 185 1.95 -28.67 -51.32
CA PHE C 185 1.56 -30.07 -51.45
C PHE C 185 2.68 -30.92 -52.03
N GLN C 186 3.54 -30.34 -52.88
CA GLN C 186 4.72 -31.06 -53.32
C GLN C 186 5.77 -31.16 -52.22
N LEU C 187 5.75 -30.22 -51.28
CA LEU C 187 6.61 -30.31 -50.10
C LEU C 187 6.10 -31.37 -49.14
N LEU C 188 4.78 -31.51 -49.01
CA LEU C 188 4.22 -32.55 -48.15
C LEU C 188 4.38 -33.93 -48.77
N GLY C 189 4.42 -34.02 -50.09
CA GLY C 189 4.64 -35.30 -50.74
C GLY C 189 6.09 -35.72 -50.77
N GLU C 190 7.02 -34.77 -50.81
CA GLU C 190 8.43 -35.09 -50.82
C GLU C 190 8.93 -35.53 -49.45
N LEU C 191 8.36 -34.99 -48.37
CA LEU C 191 8.79 -35.36 -47.03
C LEU C 191 8.29 -36.75 -46.62
N ASN C 192 7.31 -37.31 -47.35
CA ASN C 192 6.91 -38.69 -47.09
C ASN C 192 7.96 -39.67 -47.60
N ARG C 193 8.74 -39.29 -48.60
CA ARG C 193 9.80 -40.12 -49.13
C ARG C 193 11.16 -39.85 -48.49
N LEU C 194 11.27 -38.82 -47.65
CA LEU C 194 12.52 -38.47 -47.00
C LEU C 194 12.63 -39.05 -45.60
N GLN C 195 11.59 -38.90 -44.78
CA GLN C 195 11.58 -39.40 -43.42
C GLN C 195 10.47 -40.39 -43.13
N GLY C 196 9.55 -40.62 -44.07
CA GLY C 196 8.46 -41.55 -43.85
C GLY C 196 7.38 -40.98 -42.95
N THR C 197 6.90 -39.78 -43.28
CA THR C 197 5.89 -39.12 -42.49
C THR C 197 4.50 -39.39 -43.05
N ALA C 198 3.48 -39.02 -42.26
CA ALA C 198 2.09 -39.17 -42.66
C ALA C 198 1.29 -37.99 -42.14
N PHE C 199 0.17 -37.72 -42.79
CA PHE C 199 -0.68 -36.60 -42.42
C PHE C 199 -2.09 -36.87 -42.92
N LEU C 200 -3.06 -36.21 -42.27
CA LEU C 200 -4.45 -36.26 -42.68
C LEU C 200 -4.93 -34.84 -42.98
N VAL C 201 -5.73 -34.70 -44.03
CA VAL C 201 -6.29 -33.42 -44.43
C VAL C 201 -7.80 -33.50 -44.21
N VAL C 202 -8.29 -32.77 -43.23
CA VAL C 202 -9.72 -32.73 -42.91
C VAL C 202 -10.29 -31.44 -43.50
N THR C 203 -11.29 -31.59 -44.36
CA THR C 203 -11.90 -30.47 -45.06
C THR C 203 -13.40 -30.67 -45.14
N HIS C 204 -14.16 -29.62 -44.82
CA HIS C 204 -15.61 -29.67 -44.92
C HIS C 204 -16.11 -29.57 -46.35
N ASP C 205 -15.30 -29.07 -47.27
CA ASP C 205 -15.69 -28.95 -48.66
C ASP C 205 -15.37 -30.24 -49.42
N LEU C 206 -15.73 -30.26 -50.70
CA LEU C 206 -15.62 -31.44 -51.53
C LEU C 206 -14.52 -31.32 -52.58
N GLN C 207 -14.03 -30.11 -52.82
CA GLN C 207 -13.08 -29.85 -53.91
C GLN C 207 -11.66 -29.62 -53.45
N LEU C 208 -11.37 -29.78 -52.16
CA LEU C 208 -10.04 -29.49 -51.62
C LEU C 208 -9.34 -30.74 -51.08
N ALA C 209 -9.85 -31.93 -51.41
CA ALA C 209 -9.23 -33.16 -50.93
C ALA C 209 -9.22 -34.24 -52.02
N LYS C 210 -9.12 -33.83 -53.29
CA LYS C 210 -9.14 -34.80 -54.38
C LYS C 210 -7.79 -35.46 -54.61
N ARG C 211 -6.70 -34.84 -54.14
CA ARG C 211 -5.37 -35.38 -54.37
C ARG C 211 -4.96 -36.43 -53.35
N MET C 212 -5.73 -36.60 -52.28
CA MET C 212 -5.41 -37.59 -51.27
C MET C 212 -5.82 -38.98 -51.75
N SER C 213 -5.35 -40.00 -51.02
CA SER C 213 -5.54 -41.38 -51.45
C SER C 213 -6.91 -41.92 -51.04
N ARG C 214 -7.20 -41.94 -49.73
CA ARG C 214 -8.48 -42.42 -49.24
C ARG C 214 -9.44 -41.24 -49.08
N GLN C 215 -10.65 -41.39 -49.62
CA GLN C 215 -11.68 -40.36 -49.58
C GLN C 215 -12.88 -40.80 -48.75
N LEU C 216 -12.64 -41.47 -47.63
CA LEU C 216 -13.72 -41.92 -46.76
C LEU C 216 -14.27 -40.75 -45.95
N GLU C 217 -15.59 -40.74 -45.77
CA GLU C 217 -16.29 -39.61 -45.20
C GLU C 217 -16.54 -39.83 -43.70
N MET C 218 -17.28 -38.91 -43.10
CA MET C 218 -17.59 -38.95 -41.67
C MET C 218 -18.99 -38.39 -41.45
N ARG C 219 -19.84 -39.15 -40.76
CA ARG C 219 -21.22 -38.75 -40.48
C ARG C 219 -21.50 -38.93 -38.99
N ASP C 220 -21.19 -37.89 -38.21
CA ASP C 220 -21.49 -37.79 -36.77
C ASP C 220 -20.85 -38.93 -35.98
N GLY C 221 -19.53 -39.03 -36.11
CA GLY C 221 -18.75 -40.02 -35.41
C GLY C 221 -18.48 -41.29 -36.19
N ARG C 222 -19.27 -41.55 -37.23
CA ARG C 222 -19.07 -42.73 -38.08
C ARG C 222 -18.04 -42.38 -39.14
N LEU C 223 -16.77 -42.34 -38.73
CA LEU C 223 -15.69 -41.99 -39.63
C LEU C 223 -15.26 -43.13 -40.53
N THR C 224 -15.73 -44.35 -40.29
CA THR C 224 -15.41 -45.50 -41.12
C THR C 224 -16.32 -45.62 -42.33
N ALA C 225 -17.24 -44.68 -42.53
CA ALA C 225 -18.14 -44.72 -43.69
C ALA C 225 -17.37 -44.26 -44.93
N GLU C 226 -17.11 -45.20 -45.85
CA GLU C 226 -16.38 -44.89 -47.06
C GLU C 226 -17.24 -44.17 -48.09
N LEU C 227 -18.56 -44.23 -47.97
CA LEU C 227 -19.46 -43.58 -48.90
C LEU C 227 -19.47 -42.07 -48.64
N SER C 228 -19.02 -41.30 -49.62
CA SER C 228 -18.96 -39.84 -49.50
C SER C 228 -19.95 -39.18 -50.45
N LYS D 3 -47.20 10.64 -41.68
CA LYS D 3 -46.02 11.28 -42.26
C LYS D 3 -44.85 10.31 -42.33
N ILE D 4 -43.72 10.79 -42.83
CA ILE D 4 -42.51 9.99 -42.93
C ILE D 4 -41.89 9.85 -41.54
N LEU D 5 -41.46 8.62 -41.19
CA LEU D 5 -40.95 8.36 -39.86
C LEU D 5 -39.55 8.93 -39.67
N LEU D 6 -38.64 8.67 -40.61
CA LEU D 6 -37.24 9.05 -40.44
C LEU D 6 -36.62 9.21 -41.82
N GLN D 7 -36.09 10.40 -42.10
CA GLN D 7 -35.49 10.72 -43.39
C GLN D 7 -34.08 11.25 -43.14
N CYS D 8 -33.07 10.44 -43.47
CA CYS D 8 -31.68 10.84 -43.31
C CYS D 8 -31.24 11.66 -44.52
N ASP D 9 -30.87 12.92 -44.30
CA ASP D 9 -30.43 13.82 -45.35
C ASP D 9 -29.02 14.30 -45.03
N ASN D 10 -28.08 13.96 -45.91
CA ASN D 10 -26.66 14.34 -45.81
C ASN D 10 -26.03 13.85 -44.50
N LEU D 11 -26.00 12.53 -44.35
CA LEU D 11 -25.36 11.90 -43.19
C LEU D 11 -23.95 11.47 -43.55
N CYS D 12 -23.12 12.48 -43.83
CA CYS D 12 -21.74 12.24 -44.24
C CYS D 12 -20.88 11.99 -43.00
N LYS D 13 -20.30 10.79 -42.91
CA LYS D 13 -19.45 10.40 -41.80
C LYS D 13 -18.03 10.24 -42.33
N ARG D 14 -17.18 11.22 -42.01
CA ARG D 14 -15.78 11.24 -42.45
C ARG D 14 -14.86 11.21 -41.24
N TYR D 15 -13.99 10.21 -41.18
CA TYR D 15 -13.01 10.09 -40.12
C TYR D 15 -11.73 10.83 -40.50
N GLN D 16 -10.93 11.17 -39.48
CA GLN D 16 -9.73 11.97 -39.70
C GLN D 16 -8.65 11.54 -38.72
N GLU D 17 -7.52 11.10 -39.26
CA GLU D 17 -6.29 10.91 -38.49
C GLU D 17 -5.11 11.34 -39.35
N GLY D 18 -4.25 12.18 -38.78
CA GLY D 18 -3.13 12.73 -39.52
C GLY D 18 -3.51 13.64 -40.66
N SER D 19 -4.66 14.33 -40.53
CA SER D 19 -5.26 15.18 -41.58
C SER D 19 -5.47 14.41 -42.88
N VAL D 20 -6.04 13.22 -42.77
CA VAL D 20 -6.34 12.36 -43.92
C VAL D 20 -7.85 12.13 -43.94
N GLN D 21 -8.49 12.50 -45.04
CA GLN D 21 -9.93 12.38 -45.18
C GLN D 21 -10.29 10.93 -45.47
N THR D 22 -10.80 10.23 -44.46
CA THR D 22 -11.27 8.85 -44.60
C THR D 22 -12.78 8.90 -44.83
N ASP D 23 -13.18 8.78 -46.11
CA ASP D 23 -14.57 8.92 -46.50
C ASP D 23 -15.19 7.53 -46.70
N VAL D 24 -16.20 7.22 -45.90
CA VAL D 24 -16.95 5.98 -46.06
C VAL D 24 -18.43 6.22 -46.35
N LEU D 25 -19.00 7.35 -45.95
CA LEU D 25 -20.39 7.68 -46.23
C LEU D 25 -20.44 9.12 -46.73
N HIS D 26 -21.08 9.33 -47.88
CA HIS D 26 -21.14 10.65 -48.47
C HIS D 26 -22.39 10.78 -49.34
N ASN D 27 -23.18 11.83 -49.08
CA ASN D 27 -24.34 12.23 -49.88
C ASN D 27 -25.40 11.12 -49.95
N VAL D 28 -25.94 10.79 -48.78
CA VAL D 28 -26.96 9.75 -48.67
C VAL D 28 -28.32 10.40 -48.47
N SER D 29 -29.35 9.73 -48.97
CA SER D 29 -30.73 10.22 -48.88
C SER D 29 -31.65 9.08 -48.46
N PHE D 30 -31.23 8.33 -47.44
CA PHE D 30 -32.01 7.19 -46.98
C PHE D 30 -33.22 7.66 -46.17
N SER D 31 -34.34 6.97 -46.36
CA SER D 31 -35.60 7.30 -45.69
C SER D 31 -36.22 6.04 -45.12
N VAL D 32 -36.57 6.09 -43.84
CA VAL D 32 -37.21 4.96 -43.14
C VAL D 32 -38.64 5.36 -42.79
N GLY D 33 -39.59 4.49 -43.13
CA GLY D 33 -40.98 4.72 -42.86
C GLY D 33 -41.58 3.68 -41.94
N GLU D 34 -42.80 3.95 -41.48
CA GLU D 34 -43.51 3.04 -40.58
C GLU D 34 -44.07 1.89 -41.40
N GLY D 35 -43.67 0.67 -41.04
CA GLY D 35 -44.13 -0.53 -41.72
C GLY D 35 -43.32 -0.94 -42.93
N GLU D 36 -42.43 -0.09 -43.41
CA GLU D 36 -41.60 -0.41 -44.58
C GLU D 36 -40.32 -1.08 -44.12
N MET D 37 -40.01 -2.23 -44.71
CA MET D 37 -38.83 -3.01 -44.34
C MET D 37 -37.70 -2.80 -45.35
N MET D 38 -36.49 -2.67 -44.84
CA MET D 38 -35.31 -2.45 -45.65
C MET D 38 -34.38 -3.65 -45.58
N ALA D 39 -33.48 -3.73 -46.56
CA ALA D 39 -32.48 -4.80 -46.62
C ALA D 39 -31.23 -4.20 -47.27
N ILE D 40 -30.31 -3.73 -46.42
CA ILE D 40 -29.09 -3.08 -46.87
C ILE D 40 -28.03 -4.18 -47.06
N VAL D 41 -27.82 -4.58 -48.31
CA VAL D 41 -26.85 -5.61 -48.67
C VAL D 41 -25.69 -4.92 -49.38
N GLY D 42 -24.51 -5.02 -48.79
CA GLY D 42 -23.31 -4.42 -49.36
C GLY D 42 -22.10 -5.28 -49.08
N SER D 43 -20.93 -4.65 -49.10
CA SER D 43 -19.68 -5.36 -48.84
C SER D 43 -19.49 -5.54 -47.34
N SER D 44 -18.44 -6.27 -46.97
CA SER D 44 -18.13 -6.56 -45.59
C SER D 44 -17.29 -5.47 -44.92
N GLY D 45 -16.89 -4.44 -45.65
CA GLY D 45 -16.07 -3.40 -45.08
C GLY D 45 -16.34 -1.99 -45.57
N SER D 46 -17.43 -1.79 -46.31
CA SER D 46 -17.65 -0.49 -46.94
C SER D 46 -18.30 0.52 -46.00
N GLY D 47 -19.56 0.29 -45.63
CA GLY D 47 -20.29 1.32 -44.89
C GLY D 47 -21.36 0.87 -43.90
N LYS D 48 -21.36 -0.41 -43.50
CA LYS D 48 -22.54 -0.95 -42.83
C LYS D 48 -22.63 -0.50 -41.38
N SER D 49 -21.63 -0.84 -40.55
CA SER D 49 -21.70 -0.51 -39.13
C SER D 49 -21.47 0.96 -38.84
N THR D 50 -20.76 1.68 -39.71
CA THR D 50 -20.63 3.12 -39.54
C THR D 50 -21.96 3.83 -39.80
N LEU D 51 -22.81 3.25 -40.64
CA LEU D 51 -24.14 3.80 -40.86
C LEU D 51 -25.02 3.59 -39.63
N LEU D 52 -25.06 2.36 -39.11
CA LEU D 52 -26.00 2.01 -38.05
C LEU D 52 -25.67 2.65 -36.71
N HIS D 53 -24.43 3.09 -36.51
CA HIS D 53 -24.09 3.81 -35.28
C HIS D 53 -24.58 5.26 -35.31
N LEU D 54 -24.77 5.83 -36.50
CA LEU D 54 -25.31 7.17 -36.64
C LEU D 54 -26.83 7.21 -36.62
N LEU D 55 -27.49 6.06 -36.87
CA LEU D 55 -28.95 6.02 -36.85
C LEU D 55 -29.51 6.05 -35.43
N GLY D 56 -28.71 5.74 -34.43
CA GLY D 56 -29.17 5.75 -33.05
C GLY D 56 -28.53 6.84 -32.21
N GLY D 57 -27.59 7.56 -32.80
CA GLY D 57 -26.92 8.63 -32.11
C GLY D 57 -25.73 8.22 -31.27
N LEU D 58 -25.02 7.17 -31.67
CA LEU D 58 -23.85 6.70 -30.95
C LEU D 58 -22.56 7.38 -31.38
N ASP D 59 -22.61 8.23 -32.41
CA ASP D 59 -21.42 8.90 -32.91
C ASP D 59 -21.82 10.27 -33.43
N THR D 60 -20.84 11.17 -33.49
CA THR D 60 -21.07 12.52 -33.99
C THR D 60 -20.67 12.60 -35.45
N PRO D 61 -21.56 13.02 -36.36
CA PRO D 61 -21.19 13.08 -37.78
C PRO D 61 -20.31 14.28 -38.11
N THR D 62 -20.54 15.39 -37.39
CA THR D 62 -19.82 16.66 -37.51
C THR D 62 -19.87 17.27 -38.92
N SER D 63 -20.87 16.91 -39.71
CA SER D 63 -21.04 17.49 -41.04
C SER D 63 -22.48 17.86 -41.38
N GLY D 64 -23.46 17.37 -40.63
CA GLY D 64 -24.85 17.67 -40.91
C GLY D 64 -25.72 17.35 -39.71
N ASP D 65 -26.96 16.98 -39.97
CA ASP D 65 -27.90 16.65 -38.91
C ASP D 65 -28.91 15.63 -39.41
N VAL D 66 -29.36 14.78 -38.49
CA VAL D 66 -30.36 13.75 -38.79
C VAL D 66 -31.63 14.09 -38.02
N ILE D 67 -32.74 14.19 -38.75
CA ILE D 67 -34.04 14.48 -38.16
C ILE D 67 -34.74 13.16 -37.87
N PHE D 68 -35.39 13.07 -36.71
CA PHE D 68 -36.07 11.84 -36.29
C PHE D 68 -37.27 12.23 -35.44
N ASN D 69 -38.47 12.13 -36.04
CA ASN D 69 -39.76 12.41 -35.39
C ASN D 69 -39.82 13.84 -34.85
N GLY D 70 -39.24 14.77 -35.58
CA GLY D 70 -39.22 16.16 -35.14
C GLY D 70 -38.27 16.45 -34.00
N GLN D 71 -37.28 15.60 -33.78
CA GLN D 71 -36.34 15.76 -32.67
C GLN D 71 -34.93 15.38 -33.14
N PRO D 72 -34.08 16.36 -33.46
CA PRO D 72 -32.70 16.05 -33.82
C PRO D 72 -31.81 15.81 -32.60
N MET D 73 -30.52 15.63 -32.83
CA MET D 73 -29.56 15.41 -31.74
C MET D 73 -28.39 16.38 -31.81
N SER D 74 -28.52 17.46 -32.58
CA SER D 74 -27.41 18.41 -32.73
C SER D 74 -27.27 19.34 -31.53
N LYS D 75 -28.38 19.69 -30.88
CA LYS D 75 -28.37 20.59 -29.74
C LYS D 75 -28.74 19.88 -28.44
N LEU D 76 -28.57 18.57 -28.38
CA LEU D 76 -28.95 17.78 -27.21
C LEU D 76 -27.73 17.47 -26.35
N SER D 77 -28.00 17.18 -25.08
CA SER D 77 -26.95 16.84 -24.12
C SER D 77 -26.68 15.34 -24.13
N SER D 78 -25.82 14.90 -23.23
CA SER D 78 -25.51 13.47 -23.13
C SER D 78 -26.63 12.69 -22.46
N ALA D 79 -27.42 13.33 -21.60
CA ALA D 79 -28.52 12.67 -20.91
C ALA D 79 -29.85 12.83 -21.64
N ALA D 80 -29.93 13.70 -22.65
CA ALA D 80 -31.16 13.88 -23.39
C ALA D 80 -31.38 12.82 -24.46
N LYS D 81 -30.30 12.18 -24.93
CA LYS D 81 -30.41 11.11 -25.90
C LYS D 81 -30.63 9.74 -25.28
N ALA D 82 -30.57 9.65 -23.95
CA ALA D 82 -30.77 8.36 -23.29
C ALA D 82 -32.23 7.93 -23.27
N GLU D 83 -33.15 8.89 -23.33
CA GLU D 83 -34.57 8.57 -23.33
C GLU D 83 -35.04 8.07 -24.70
N LEU D 84 -34.40 8.53 -25.77
CA LEU D 84 -34.78 8.10 -27.12
C LEU D 84 -34.20 6.74 -27.47
N ARG D 85 -33.00 6.43 -26.99
CA ARG D 85 -32.34 5.16 -27.30
C ARG D 85 -32.92 3.98 -26.53
N ASN D 86 -33.79 4.22 -25.55
CA ASN D 86 -34.38 3.17 -24.74
C ASN D 86 -35.79 2.81 -25.16
N GLN D 87 -36.61 3.79 -25.52
CA GLN D 87 -38.03 3.55 -25.78
C GLN D 87 -38.28 3.16 -27.23
N LYS D 88 -37.91 4.02 -28.18
CA LYS D 88 -38.24 3.83 -29.59
C LYS D 88 -37.10 3.27 -30.41
N LEU D 89 -35.92 3.07 -29.82
CA LEU D 89 -34.76 2.57 -30.55
C LEU D 89 -34.33 1.23 -30.01
N GLY D 90 -33.78 0.40 -30.89
CA GLY D 90 -33.29 -0.91 -30.51
C GLY D 90 -32.04 -1.26 -31.28
N PHE D 91 -31.23 -2.14 -30.67
CA PHE D 91 -29.95 -2.54 -31.24
C PHE D 91 -29.77 -4.04 -31.10
N ILE D 92 -29.44 -4.71 -32.20
CA ILE D 92 -29.18 -6.14 -32.23
C ILE D 92 -27.85 -6.36 -32.93
N TYR D 93 -26.91 -7.02 -32.25
CA TYR D 93 -25.59 -7.27 -32.78
C TYR D 93 -25.34 -8.76 -32.90
N GLN D 94 -24.21 -9.11 -33.53
CA GLN D 94 -23.85 -10.50 -33.78
C GLN D 94 -22.61 -10.95 -33.01
N PHE D 95 -21.91 -10.05 -32.35
CA PHE D 95 -20.63 -10.37 -31.72
C PHE D 95 -20.78 -10.91 -30.30
N HIS D 96 -21.97 -11.43 -29.95
CA HIS D 96 -22.31 -11.96 -28.63
C HIS D 96 -22.08 -10.92 -27.53
N HIS D 97 -22.84 -9.84 -27.62
CA HIS D 97 -22.75 -8.74 -26.65
C HIS D 97 -23.70 -8.94 -25.48
N LEU D 98 -23.62 -10.09 -24.84
CA LEU D 98 -24.42 -10.43 -23.68
C LEU D 98 -23.54 -10.45 -22.43
N LEU D 99 -24.09 -9.99 -21.32
CA LEU D 99 -23.32 -9.93 -20.08
C LEU D 99 -23.24 -11.31 -19.46
N PRO D 100 -22.05 -11.89 -19.29
CA PRO D 100 -21.96 -13.27 -18.79
C PRO D 100 -22.22 -13.39 -17.30
N ASP D 101 -22.07 -12.32 -16.53
CA ASP D 101 -22.31 -12.35 -15.09
C ASP D 101 -23.78 -12.14 -14.74
N PHE D 102 -24.64 -11.97 -15.72
CA PHE D 102 -26.07 -11.76 -15.51
C PHE D 102 -26.84 -12.83 -16.27
N THR D 103 -27.85 -13.41 -15.62
CA THR D 103 -28.64 -14.46 -16.24
C THR D 103 -29.67 -13.84 -17.20
N ALA D 104 -30.47 -14.71 -17.83
CA ALA D 104 -31.45 -14.27 -18.81
C ALA D 104 -32.69 -13.66 -18.18
N LEU D 105 -32.81 -13.66 -16.85
CA LEU D 105 -33.96 -13.05 -16.19
C LEU D 105 -33.88 -11.53 -16.25
N GLU D 106 -32.71 -10.97 -15.94
CA GLU D 106 -32.53 -9.53 -15.92
C GLU D 106 -31.79 -8.99 -17.14
N ASN D 107 -31.30 -9.87 -18.02
CA ASN D 107 -30.67 -9.40 -19.26
C ASN D 107 -31.71 -8.84 -20.23
N VAL D 108 -32.87 -9.50 -20.31
CA VAL D 108 -33.96 -8.97 -21.12
C VAL D 108 -34.60 -7.78 -20.42
N ALA D 109 -34.70 -7.82 -19.09
CA ALA D 109 -35.28 -6.74 -18.31
C ALA D 109 -34.29 -5.63 -17.97
N MET D 110 -33.10 -5.63 -18.58
CA MET D 110 -32.12 -4.58 -18.37
C MET D 110 -32.54 -3.22 -18.95
N PRO D 111 -33.17 -3.11 -20.15
CA PRO D 111 -33.78 -1.82 -20.50
C PRO D 111 -35.02 -1.49 -19.68
N LEU D 112 -35.65 -2.47 -19.04
CA LEU D 112 -36.83 -2.18 -18.23
C LEU D 112 -36.45 -1.49 -16.92
N LEU D 113 -35.29 -1.82 -16.36
CA LEU D 113 -34.86 -1.20 -15.10
C LEU D 113 -34.33 0.22 -15.29
N ILE D 114 -34.03 0.63 -16.52
CA ILE D 114 -33.50 1.97 -16.76
C ILE D 114 -34.61 3.00 -16.72
N GLY D 115 -35.77 2.70 -17.32
CA GLY D 115 -36.85 3.66 -17.43
C GLY D 115 -37.76 3.77 -16.23
N LYS D 116 -37.24 3.42 -15.04
CA LYS D 116 -37.92 3.56 -13.74
C LYS D 116 -39.23 2.77 -13.70
N LYS D 117 -39.21 1.57 -14.26
CA LYS D 117 -40.38 0.70 -14.24
C LYS D 117 -40.47 -0.01 -12.90
N LYS D 118 -41.69 -0.15 -12.39
CA LYS D 118 -41.93 -0.73 -11.08
C LYS D 118 -41.78 -2.25 -11.14
N PRO D 119 -41.45 -2.89 -10.01
CA PRO D 119 -41.29 -4.36 -10.01
C PRO D 119 -42.58 -5.15 -10.20
N ALA D 120 -43.75 -4.51 -10.25
CA ALA D 120 -44.98 -5.22 -10.53
C ALA D 120 -45.09 -5.66 -11.99
N GLU D 121 -44.35 -5.01 -12.89
CA GLU D 121 -44.36 -5.36 -14.31
C GLU D 121 -43.06 -5.99 -14.79
N ILE D 122 -42.06 -6.13 -13.91
CA ILE D 122 -40.82 -6.78 -14.32
C ILE D 122 -41.02 -8.28 -14.43
N ASN D 123 -41.79 -8.87 -13.52
CA ASN D 123 -42.08 -10.30 -13.53
C ASN D 123 -43.22 -10.69 -14.47
N SER D 124 -43.64 -9.78 -15.35
CA SER D 124 -44.71 -10.09 -16.30
C SER D 124 -44.43 -9.57 -17.71
N ARG D 125 -43.24 -9.04 -17.98
CA ARG D 125 -42.90 -8.50 -19.29
C ARG D 125 -41.63 -9.09 -19.89
N ALA D 126 -40.65 -9.43 -19.07
CA ALA D 126 -39.38 -9.97 -19.57
C ALA D 126 -39.49 -11.42 -20.01
N LEU D 127 -40.60 -12.10 -19.72
CA LEU D 127 -40.80 -13.48 -20.12
C LEU D 127 -41.91 -13.63 -21.17
N GLU D 128 -42.42 -12.53 -21.70
CA GLU D 128 -43.46 -12.62 -22.72
C GLU D 128 -42.88 -12.99 -24.08
N MET D 129 -41.60 -12.69 -24.31
CA MET D 129 -40.93 -13.04 -25.55
C MET D 129 -40.16 -14.35 -25.44
N LEU D 130 -40.39 -15.13 -24.39
CA LEU D 130 -39.68 -16.38 -24.18
C LEU D 130 -40.54 -17.61 -24.41
N LYS D 131 -41.87 -17.45 -24.53
CA LYS D 131 -42.73 -18.60 -24.74
C LYS D 131 -42.76 -19.03 -26.21
N ALA D 132 -42.82 -18.07 -27.12
CA ALA D 132 -42.88 -18.41 -28.54
C ALA D 132 -41.53 -18.85 -29.09
N VAL D 133 -40.44 -18.35 -28.52
CA VAL D 133 -39.11 -18.76 -28.98
C VAL D 133 -38.70 -20.10 -28.37
N GLY D 134 -39.35 -20.53 -27.29
CA GLY D 134 -39.01 -21.79 -26.68
C GLY D 134 -37.86 -21.74 -25.70
N LEU D 135 -37.51 -20.55 -25.19
CA LEU D 135 -36.41 -20.38 -24.26
C LEU D 135 -36.88 -19.95 -22.88
N ASP D 136 -38.14 -20.23 -22.53
CA ASP D 136 -38.64 -19.87 -21.22
C ASP D 136 -38.22 -20.86 -20.14
N HIS D 137 -38.13 -22.15 -20.49
CA HIS D 137 -37.69 -23.14 -19.52
C HIS D 137 -36.20 -23.06 -19.23
N ARG D 138 -35.42 -22.50 -20.16
CA ARG D 138 -33.98 -22.29 -19.94
C ARG D 138 -33.73 -20.88 -19.41
N ALA D 139 -34.34 -20.60 -18.26
CA ALA D 139 -34.24 -19.29 -17.62
C ALA D 139 -33.24 -19.27 -16.49
N ASN D 140 -33.36 -20.19 -15.52
CA ASN D 140 -32.49 -20.24 -14.35
C ASN D 140 -31.18 -20.92 -14.73
N HIS D 141 -30.38 -20.23 -15.54
CA HIS D 141 -29.11 -20.74 -16.04
C HIS D 141 -28.12 -19.59 -16.11
N ARG D 142 -27.01 -19.82 -16.80
CA ARG D 142 -25.93 -18.85 -16.94
C ARG D 142 -25.48 -18.82 -18.39
N PRO D 143 -25.29 -17.63 -18.98
CA PRO D 143 -24.85 -17.53 -20.37
C PRO D 143 -23.35 -17.73 -20.57
N SER D 144 -22.61 -18.23 -19.58
CA SER D 144 -21.17 -18.43 -19.72
C SER D 144 -20.83 -19.81 -20.27
N GLU D 145 -21.38 -20.86 -19.68
CA GLU D 145 -21.05 -22.23 -20.06
C GLU D 145 -21.95 -22.78 -21.16
N LEU D 146 -22.84 -21.98 -21.72
CA LEU D 146 -23.69 -22.44 -22.81
C LEU D 146 -22.89 -22.54 -24.11
N SER D 147 -23.47 -23.25 -25.08
CA SER D 147 -22.83 -23.44 -26.37
C SER D 147 -23.13 -22.25 -27.28
N GLY D 148 -22.68 -22.35 -28.54
CA GLY D 148 -22.86 -21.25 -29.47
C GLY D 148 -24.27 -21.16 -30.03
N GLY D 149 -24.98 -22.28 -30.10
CA GLY D 149 -26.32 -22.29 -30.65
C GLY D 149 -27.41 -22.24 -29.61
N GLU D 150 -27.08 -21.76 -28.42
CA GLU D 150 -28.03 -21.67 -27.31
C GLU D 150 -28.28 -20.26 -26.85
N ARG D 151 -27.23 -19.46 -26.68
CA ARG D 151 -27.34 -18.09 -26.18
C ARG D 151 -27.48 -17.05 -27.28
N GLN D 152 -27.65 -17.48 -28.53
CA GLN D 152 -27.78 -16.53 -29.63
C GLN D 152 -29.19 -15.97 -29.74
N ARG D 153 -30.20 -16.75 -29.36
CA ARG D 153 -31.59 -16.31 -29.46
C ARG D 153 -32.02 -15.39 -28.32
N VAL D 154 -31.16 -15.20 -27.31
CA VAL D 154 -31.52 -14.32 -26.20
C VAL D 154 -31.36 -12.86 -26.60
N ALA D 155 -30.33 -12.54 -27.36
CA ALA D 155 -30.06 -11.16 -27.77
C ALA D 155 -31.00 -10.67 -28.86
N ILE D 156 -31.77 -11.56 -29.50
CA ILE D 156 -32.70 -11.13 -30.54
C ILE D 156 -33.90 -10.43 -29.92
N ALA D 157 -34.51 -11.05 -28.91
CA ALA D 157 -35.68 -10.49 -28.23
C ALA D 157 -35.30 -9.78 -26.94
N ARG D 158 -34.13 -9.14 -26.90
CA ARG D 158 -33.66 -8.46 -25.70
C ARG D 158 -34.17 -7.03 -25.61
N ALA D 159 -34.17 -6.30 -26.71
CA ALA D 159 -34.55 -4.89 -26.72
C ALA D 159 -36.03 -4.67 -27.01
N LEU D 160 -36.81 -5.73 -27.16
CA LEU D 160 -38.23 -5.60 -27.48
C LEU D 160 -39.07 -5.64 -26.20
N VAL D 161 -38.82 -4.68 -25.31
CA VAL D 161 -39.46 -4.65 -24.01
C VAL D 161 -40.35 -3.44 -23.79
N ASN D 162 -40.22 -2.37 -24.58
CA ASN D 162 -41.01 -1.16 -24.35
C ASN D 162 -41.54 -0.60 -25.67
N ASN D 163 -42.02 -1.49 -26.55
CA ASN D 163 -42.59 -1.22 -27.87
C ASN D 163 -41.65 -0.38 -28.74
N PRO D 164 -40.57 -0.97 -29.26
CA PRO D 164 -39.59 -0.17 -30.01
C PRO D 164 -40.12 0.20 -31.39
N ARG D 165 -40.04 1.50 -31.72
CA ARG D 165 -40.49 1.98 -33.01
C ARG D 165 -39.49 1.72 -34.12
N LEU D 166 -38.23 1.46 -33.78
CA LEU D 166 -37.19 1.18 -34.77
C LEU D 166 -36.18 0.22 -34.17
N VAL D 167 -36.05 -0.95 -34.78
CA VAL D 167 -35.11 -1.98 -34.32
C VAL D 167 -34.00 -2.09 -35.36
N LEU D 168 -32.79 -1.73 -34.95
CA LEU D 168 -31.63 -1.77 -35.85
C LEU D 168 -30.95 -3.13 -35.72
N ALA D 169 -31.57 -4.13 -36.35
CA ALA D 169 -30.98 -5.46 -36.38
C ALA D 169 -29.82 -5.49 -37.38
N ASP D 170 -28.84 -6.34 -37.09
CA ASP D 170 -27.62 -6.39 -37.88
C ASP D 170 -27.07 -7.81 -37.83
N GLU D 171 -26.98 -8.45 -39.02
CA GLU D 171 -26.44 -9.80 -39.25
C GLU D 171 -27.06 -10.85 -38.35
N PRO D 172 -28.30 -11.28 -38.63
CA PRO D 172 -28.95 -12.26 -37.75
C PRO D 172 -28.32 -13.65 -37.78
N THR D 173 -27.51 -13.97 -38.78
CA THR D 173 -26.84 -15.27 -38.87
C THR D 173 -25.35 -15.02 -39.06
N GLY D 174 -24.59 -15.09 -37.97
CA GLY D 174 -23.14 -14.97 -38.04
C GLY D 174 -22.43 -16.14 -37.39
N ASN D 175 -23.08 -16.77 -36.42
CA ASN D 175 -22.50 -17.90 -35.70
C ASN D 175 -23.37 -19.15 -35.79
N LEU D 176 -24.68 -19.01 -35.69
CA LEU D 176 -25.57 -20.15 -35.70
C LEU D 176 -25.81 -20.64 -37.12
N ASP D 177 -26.20 -21.91 -37.22
CA ASP D 177 -26.44 -22.55 -38.51
C ASP D 177 -27.82 -22.14 -39.03
N ALA D 178 -28.06 -22.39 -40.32
CA ALA D 178 -29.36 -22.13 -40.93
C ALA D 178 -30.38 -23.21 -40.62
N ARG D 179 -30.04 -24.21 -39.81
CA ARG D 179 -31.01 -25.22 -39.41
C ARG D 179 -32.00 -24.66 -38.40
N ASN D 180 -31.51 -24.07 -37.31
CA ASN D 180 -32.36 -23.44 -36.32
C ASN D 180 -32.66 -21.97 -36.62
N ALA D 181 -32.06 -21.42 -37.68
CA ALA D 181 -32.33 -20.03 -38.05
C ALA D 181 -33.71 -19.86 -38.67
N ASP D 182 -34.32 -20.95 -39.17
CA ASP D 182 -35.66 -20.89 -39.73
C ASP D 182 -36.75 -21.09 -38.68
N SER D 183 -36.38 -21.06 -37.40
CA SER D 183 -37.34 -21.03 -36.30
C SER D 183 -37.57 -19.63 -35.76
N ILE D 184 -36.86 -18.63 -36.31
CA ILE D 184 -37.04 -17.24 -35.92
C ILE D 184 -37.34 -16.33 -37.11
N PHE D 185 -36.95 -16.70 -38.33
CA PHE D 185 -37.01 -15.84 -39.50
C PHE D 185 -38.44 -15.66 -40.06
N GLN D 186 -39.48 -16.06 -39.34
CA GLN D 186 -40.85 -15.80 -39.76
C GLN D 186 -41.73 -15.28 -38.62
N LEU D 187 -41.27 -15.30 -37.38
CA LEU D 187 -42.02 -14.74 -36.26
C LEU D 187 -41.60 -13.32 -35.92
N LEU D 188 -40.51 -12.82 -36.51
CA LEU D 188 -40.00 -11.49 -36.16
C LEU D 188 -40.64 -10.39 -36.99
N GLY D 189 -41.31 -10.73 -38.10
CA GLY D 189 -41.92 -9.75 -38.96
C GLY D 189 -43.42 -9.62 -38.85
N GLU D 190 -44.06 -10.31 -37.90
CA GLU D 190 -45.50 -10.23 -37.73
C GLU D 190 -45.94 -9.03 -36.90
N LEU D 191 -44.99 -8.30 -36.31
CA LEU D 191 -45.30 -7.20 -35.39
C LEU D 191 -45.74 -5.93 -36.10
N ASN D 192 -45.80 -5.93 -37.43
CA ASN D 192 -46.11 -4.74 -38.19
C ASN D 192 -47.58 -4.63 -38.56
N ARG D 193 -48.37 -5.68 -38.38
CA ARG D 193 -49.73 -5.71 -38.89
C ARG D 193 -50.79 -5.77 -37.80
N LEU D 194 -50.43 -5.71 -36.52
CA LEU D 194 -51.41 -5.64 -35.46
C LEU D 194 -51.12 -4.58 -34.39
N GLN D 195 -49.91 -4.05 -34.32
CA GLN D 195 -49.66 -2.85 -33.51
C GLN D 195 -48.82 -1.79 -34.20
N GLY D 196 -47.99 -2.12 -35.20
CA GLY D 196 -47.25 -1.11 -35.93
C GLY D 196 -45.87 -0.80 -35.37
N THR D 197 -44.84 -1.15 -36.14
CA THR D 197 -43.45 -0.83 -35.80
C THR D 197 -42.64 -0.90 -37.09
N ALA D 198 -41.32 -0.83 -36.95
CA ALA D 198 -40.42 -0.90 -38.10
C ALA D 198 -39.08 -1.47 -37.67
N PHE D 199 -38.40 -2.12 -38.61
CA PHE D 199 -37.06 -2.64 -38.39
C PHE D 199 -36.35 -2.76 -39.74
N LEU D 200 -35.12 -3.25 -39.70
CA LEU D 200 -34.32 -3.43 -40.91
C LEU D 200 -33.31 -4.56 -40.67
N VAL D 201 -32.94 -5.23 -41.75
CA VAL D 201 -31.98 -6.33 -41.71
C VAL D 201 -30.77 -5.92 -42.55
N VAL D 202 -29.58 -5.99 -41.94
CA VAL D 202 -28.33 -5.64 -42.61
C VAL D 202 -27.46 -6.90 -42.63
N THR D 203 -27.07 -7.32 -43.83
CA THR D 203 -26.22 -8.50 -43.98
C THR D 203 -25.39 -8.36 -45.25
N HIS D 204 -24.30 -9.11 -45.30
CA HIS D 204 -23.41 -9.12 -46.45
C HIS D 204 -23.59 -10.34 -47.34
N ASP D 205 -24.30 -11.37 -46.87
CA ASP D 205 -24.58 -12.54 -47.70
C ASP D 205 -25.73 -12.23 -48.65
N LEU D 206 -25.98 -13.18 -49.55
CA LEU D 206 -26.88 -12.95 -50.68
C LEU D 206 -28.09 -13.87 -50.64
N GLN D 207 -28.56 -14.23 -49.44
CA GLN D 207 -29.76 -15.06 -49.35
C GLN D 207 -30.73 -14.66 -48.25
N LEU D 208 -30.47 -13.60 -47.50
CA LEU D 208 -31.37 -13.16 -46.44
C LEU D 208 -32.20 -11.95 -46.84
N ALA D 209 -32.33 -11.68 -48.13
CA ALA D 209 -33.10 -10.55 -48.64
C ALA D 209 -33.97 -10.99 -49.81
N LYS D 210 -34.68 -12.11 -49.65
CA LYS D 210 -35.50 -12.67 -50.70
C LYS D 210 -37.00 -12.52 -50.47
N ARG D 211 -37.43 -12.33 -49.22
CA ARG D 211 -38.85 -12.16 -48.91
C ARG D 211 -39.17 -10.73 -48.49
N MET D 212 -38.33 -9.77 -48.85
CA MET D 212 -38.56 -8.37 -48.51
C MET D 212 -39.54 -7.74 -49.48
N SER D 213 -39.75 -6.43 -49.32
CA SER D 213 -40.62 -5.66 -50.20
C SER D 213 -39.89 -4.55 -50.95
N ARG D 214 -38.63 -4.28 -50.63
CA ARG D 214 -37.86 -3.26 -51.31
C ARG D 214 -36.39 -3.66 -51.26
N GLN D 215 -35.77 -3.83 -52.42
CA GLN D 215 -34.38 -4.26 -52.53
C GLN D 215 -33.52 -3.07 -52.95
N LEU D 216 -32.45 -2.84 -52.20
CA LEU D 216 -31.52 -1.76 -52.49
C LEU D 216 -30.16 -2.12 -51.90
N GLU D 217 -29.10 -1.75 -52.60
CA GLU D 217 -27.74 -2.13 -52.24
C GLU D 217 -26.97 -0.91 -51.73
N MET D 218 -25.74 -1.16 -51.30
CA MET D 218 -24.87 -0.11 -50.76
C MET D 218 -23.48 -0.29 -51.35
N ARG D 219 -22.98 0.74 -52.03
CA ARG D 219 -21.65 0.74 -52.64
C ARG D 219 -20.93 2.00 -52.17
N ASP D 220 -20.29 1.90 -51.00
CA ASP D 220 -19.56 2.93 -50.26
C ASP D 220 -20.20 4.32 -50.29
N GLY D 221 -21.53 4.36 -50.13
CA GLY D 221 -22.25 5.62 -50.13
C GLY D 221 -22.78 6.07 -51.47
N ARG D 222 -23.18 5.14 -52.34
CA ARG D 222 -23.72 5.46 -53.66
C ARG D 222 -25.01 4.67 -53.86
N LEU D 223 -26.13 5.38 -53.92
CA LEU D 223 -27.45 4.78 -54.11
C LEU D 223 -28.18 5.58 -55.19
N THR D 224 -28.02 5.16 -56.44
CA THR D 224 -28.63 5.84 -57.57
C THR D 224 -29.58 4.95 -58.35
N ALA D 225 -29.17 3.72 -58.67
CA ALA D 225 -29.98 2.81 -59.46
C ALA D 225 -29.84 1.40 -58.89
N GLU D 226 -30.43 0.44 -59.58
CA GLU D 226 -30.41 -0.97 -59.18
C GLU D 226 -29.75 -1.77 -60.30
N LEU D 227 -28.44 -1.97 -60.19
CA LEU D 227 -27.67 -2.71 -61.17
C LEU D 227 -27.08 -3.97 -60.52
N SER D 228 -26.36 -4.74 -61.32
CA SER D 228 -25.75 -5.98 -60.83
C SER D 228 -24.41 -5.69 -60.17
N CYS E 1 12.17 9.27 22.35
CA CYS E 1 10.83 8.65 22.42
C CYS E 1 10.01 9.27 23.53
N SER E 2 9.00 8.53 24.00
CA SER E 2 8.12 9.01 25.05
C SER E 2 7.98 8.05 26.22
N SER E 3 8.57 6.86 26.14
CA SER E 3 8.49 5.87 27.22
C SER E 3 9.70 6.07 28.12
N ASN E 4 9.52 6.87 29.17
CA ASN E 4 10.58 7.18 30.13
C ASN E 4 10.24 6.53 31.46
N ALA E 5 11.11 5.63 31.92
CA ALA E 5 10.89 4.89 33.16
C ALA E 5 11.68 5.50 34.32
N LYS E 6 13.00 5.56 34.20
CA LYS E 6 13.93 6.29 35.07
C LYS E 6 13.85 5.79 36.52
N ILE E 7 14.25 4.54 36.71
CA ILE E 7 14.40 3.94 38.04
C ILE E 7 15.86 3.56 38.22
N ASP E 8 16.46 3.97 39.33
CA ASP E 8 17.84 3.66 39.62
C ASP E 8 17.97 2.34 40.37
N GLN E 9 19.22 1.96 40.67
CA GLN E 9 19.51 0.77 41.45
C GLN E 9 20.85 0.96 42.15
N LEU E 10 20.84 0.91 43.47
CA LEU E 10 22.07 1.07 44.25
C LEU E 10 22.84 -0.24 44.35
PG ANP F . -14.67 -27.06 -37.57
O1G ANP F . -13.44 -27.21 -38.41
O2G ANP F . -14.62 -25.69 -36.79
O3G ANP F . -15.95 -27.08 -38.49
PB ANP F . -16.36 -28.73 -36.18
O1B ANP F . -17.00 -29.10 -37.48
O2B ANP F . -17.08 -27.50 -35.56
N3B ANP F . -14.76 -28.34 -36.45
PA ANP F . -17.03 -29.76 -33.73
O1A ANP F . -16.01 -29.13 -32.85
O2A ANP F . -17.50 -31.13 -33.25
O3A ANP F . -16.46 -29.95 -35.20
O5' ANP F . -18.24 -28.75 -33.85
C5' ANP F . -18.69 -27.98 -32.72
C4' ANP F . -19.66 -28.80 -31.91
O4' ANP F . -18.94 -29.71 -31.06
C3' ANP F . -20.54 -27.99 -30.96
O3' ANP F . -21.69 -27.50 -31.62
C2' ANP F . -20.89 -29.02 -29.88
O2' ANP F . -22.06 -29.75 -30.20
C1' ANP F . -19.66 -29.93 -29.85
N9 ANP F . -18.76 -29.73 -28.72
C8 ANP F . -18.72 -30.49 -27.58
N7 ANP F . -17.83 -30.09 -26.71
C5 ANP F . -17.24 -28.99 -27.32
C6 ANP F . -16.21 -28.12 -26.91
N6 ANP F . -15.57 -28.21 -25.75
N1 ANP F . -15.86 -27.12 -27.76
C2 ANP F . -16.49 -27.01 -28.93
N3 ANP F . -17.48 -27.78 -29.41
C4 ANP F . -17.81 -28.76 -28.56
MG MG G . -11.26 -26.98 -36.05
PG ANP H . -19.53 -4.80 -41.02
O1G ANP H . -20.83 -5.35 -40.51
O2G ANP H . -18.34 -5.41 -40.19
O3G ANP H . -19.36 -5.19 -42.55
PB ANP H . -18.67 -2.44 -42.13
O1B ANP H . -19.28 -2.86 -43.42
O2B ANP H . -17.19 -2.94 -42.06
N3B ANP H . -19.53 -3.12 -40.87
PA ANP H . -17.39 -0.06 -41.67
O1A ANP H . -17.10 -0.13 -40.22
O2A ANP H . -17.60 1.36 -42.18
O3A ANP H . -18.71 -0.88 -42.04
O5' ANP H . -16.21 -0.77 -42.43
C5' ANP H . -14.83 -0.62 -41.99
C4' ANP H . -14.24 0.63 -42.59
O4' ANP H . -14.67 1.77 -41.81
C3' ANP H . -12.72 0.70 -42.57
O3' ANP H . -12.18 0.05 -43.72
C2' ANP H . -12.44 2.20 -42.58
O2' ANP H . -12.38 2.72 -43.90
C1' ANP H . -13.66 2.76 -41.83
N9 ANP H . -13.37 3.19 -40.46
C8 ANP H . -13.14 4.47 -40.03
N7 ANP H . -12.92 4.58 -38.75
C5 ANP H . -13.01 3.27 -38.29
C6 ANP H . -12.87 2.71 -37.00
N6 ANP H . -12.60 3.41 -35.91
N1 ANP H . -13.02 1.37 -36.89
C2 ANP H . -13.30 0.65 -37.98
N3 ANP H . -13.44 1.07 -39.25
C4 ANP H . -13.29 2.40 -39.33
MG MG I . -22.45 -3.79 -39.07
C1 Z41 J . 2.36 -3.14 13.32
C2 Z41 J . 3.50 -3.08 14.30
C3 Z41 J . 3.29 -4.05 15.46
C4 Z41 J . 2.09 -3.64 16.31
C5 Z41 J . 1.94 -4.53 17.53
C6 Z41 J . 1.04 -3.88 18.57
C7 Z41 J . 1.63 -2.57 19.08
C8 Z41 J . 2.89 -2.81 19.89
C9 Z41 J . 4.08 -2.06 19.30
C10 Z41 J . 4.05 -0.58 19.65
C11 Z41 J . 5.19 0.16 18.97
C12 Z41 J . 5.67 1.33 19.82
C13 Z41 J . 4.56 2.33 20.06
C14 Z41 J . 4.74 3.01 21.42
C15 Z41 J . 6.04 3.81 21.48
C16 Z41 J . 5.74 5.26 21.18
O1 Z41 J . 4.82 5.84 21.75
O2 Z41 J . 6.55 6.00 20.22
C17 Z41 J . 7.85 6.45 20.57
C18 Z41 J . 8.91 5.60 19.86
O3 Z41 J . 9.58 6.39 18.89
C19 Z41 J . 8.87 6.44 17.62
O4 Z41 J . 8.72 5.42 16.97
C20 Z41 J . 8.31 7.77 17.12
C21 Z41 J . 9.33 8.45 16.21
C22 Z41 J . 9.06 8.10 14.74
C23 Z41 J . 9.97 6.97 14.25
C24 Z41 J . 9.30 6.20 13.11
C25 Z41 J . 8.90 7.13 11.97
C26 Z41 J . 10.10 7.56 11.15
C27 Z41 J . 9.98 9.02 10.72
C28 Z41 J . 8.68 9.29 9.97
C29 Z41 J . 8.72 8.75 8.54
C30 Z41 J . 7.37 8.96 7.86
C31 Z41 J . 7.48 8.81 6.35
C32 Z41 J . 6.13 8.97 5.69
C33 Z41 J . 6.23 9.76 4.38
C34 Z41 J . 7.11 9.05 3.37
C35 Z41 J . 9.93 5.06 20.86
C1 PLM K . 13.18 8.93 23.15
O2 PLM K . 13.13 8.99 24.37
C2 PLM K . 14.43 8.43 22.47
C3 PLM K . 14.76 9.36 21.30
C4 PLM K . 15.79 8.73 20.36
C5 PLM K . 15.35 8.87 18.91
C6 PLM K . 15.19 10.34 18.54
C7 PLM K . 14.69 10.48 17.10
C8 PLM K . 13.26 9.99 16.97
C9 PLM K . 12.79 10.04 15.51
CA PLM K . 13.67 9.17 14.64
CB PLM K . 13.29 9.22 13.17
CC PLM K . 14.30 8.44 12.35
CD PLM K . 13.84 8.22 10.91
CE PLM K . 13.82 9.53 10.13
CF PLM K . 13.92 9.27 8.62
CG PLM K . 12.77 8.41 8.14
#